data_7JPC
# 
_entry.id   7JPC 
# 
_audit_conform.dict_name       mmcif_pdbx.dic 
_audit_conform.dict_version    5.380 
_audit_conform.dict_location   http://mmcif.pdb.org/dictionaries/ascii/mmcif_pdbx.dic 
# 
loop_
_database_2.database_id 
_database_2.database_code 
_database_2.pdbx_database_accession 
_database_2.pdbx_DOI 
PDB   7JPC         pdb_00007jpc 10.2210/pdb7jpc/pdb 
WWPDB D_1000250925 ?            ?                   
# 
_pdbx_database_status.status_code                     REL 
_pdbx_database_status.status_code_sf                  REL 
_pdbx_database_status.status_code_mr                  ? 
_pdbx_database_status.entry_id                        7JPC 
_pdbx_database_status.recvd_initial_deposition_date   2020-08-07 
_pdbx_database_status.SG_entry                        N 
_pdbx_database_status.deposit_site                    RCSB 
_pdbx_database_status.process_site                    RCSB 
_pdbx_database_status.status_code_cs                  ? 
_pdbx_database_status.status_code_nmr_data            ? 
_pdbx_database_status.methods_development_category    ? 
_pdbx_database_status.pdb_format_compatible           Y 
# 
loop_
_audit_author.name 
_audit_author.pdbx_ordinal 
_audit_author.identifier_ORCID 
'Simmons, C.R.'      1 0000-0002-2290-6132 
'MacCulloch, T.'     2 0000-0001-5875-3361 
'Stephanopoulos, N.' 3 0000-0001-7859-410X 
'Yan, H.'            4 0000-0001-7397-9852 
# 
_citation.abstract                  ? 
_citation.abstract_id_CAS           ? 
_citation.book_id_ISBN              ? 
_citation.book_publisher            ? 
_citation.book_publisher_city       ? 
_citation.book_title                ? 
_citation.coordinate_linkage        ? 
_citation.country                   UK 
_citation.database_id_Medline       ? 
_citation.details                   ? 
_citation.id                        primary 
_citation.journal_abbrev            'Nat Commun' 
_citation.journal_id_ASTM           ? 
_citation.journal_id_CSD            ? 
_citation.journal_id_ISSN           2041-1723 
_citation.journal_full              ? 
_citation.journal_issue             ? 
_citation.journal_volume            13 
_citation.language                  ? 
_citation.page_first                3112 
_citation.page_last                 3112 
_citation.title                     'The influence of Holliday junction sequence and dynamics on DNA crystal self-assembly.' 
_citation.year                      2022 
_citation.database_id_CSD           ? 
_citation.pdbx_database_id_DOI      10.1038/s41467-022-30779-6 
_citation.pdbx_database_id_PubMed   35662248 
_citation.unpublished_flag          ? 
# 
loop_
_citation_author.citation_id 
_citation_author.name 
_citation_author.ordinal 
_citation_author.identifier_ORCID 
primary 'Simmons, C.R.'      1  ?                   
primary 'MacCulloch, T.'     2  ?                   
primary 'Krepl, M.'          3  0000-0002-9833-4281 
primary 'Matthies, M.'       4  ?                   
primary 'Buchberger, A.'     5  ?                   
primary 'Crawford, I.'       6  ?                   
primary 'Sponer, J.'         7  0000-0001-6558-6186 
primary 'Sulc, P.'           8  0000-0003-1565-6769 
primary 'Stephanopoulos, N.' 9  0000-0001-7859-410X 
primary 'Yan, H.'            10 0000-0001-7397-9852 
# 
_cell.angle_alpha                  90.000 
_cell.angle_alpha_esd              ? 
_cell.angle_beta                   90.000 
_cell.angle_beta_esd               ? 
_cell.angle_gamma                  120.000 
_cell.angle_gamma_esd              ? 
_cell.entry_id                     7JPC 
_cell.details                      ? 
_cell.formula_units_Z              ? 
_cell.length_a                     68.017 
_cell.length_a_esd                 ? 
_cell.length_b                     68.017 
_cell.length_b_esd                 ? 
_cell.length_c                     54.047 
_cell.length_c_esd                 ? 
_cell.volume                       ? 
_cell.volume_esd                   ? 
_cell.Z_PDB                        3 
_cell.reciprocal_angle_alpha       ? 
_cell.reciprocal_angle_beta        ? 
_cell.reciprocal_angle_gamma       ? 
_cell.reciprocal_angle_alpha_esd   ? 
_cell.reciprocal_angle_beta_esd    ? 
_cell.reciprocal_angle_gamma_esd   ? 
_cell.reciprocal_length_a          ? 
_cell.reciprocal_length_b          ? 
_cell.reciprocal_length_c          ? 
_cell.reciprocal_length_a_esd      ? 
_cell.reciprocal_length_b_esd      ? 
_cell.reciprocal_length_c_esd      ? 
_cell.pdbx_unique_axis             ? 
# 
_symmetry.entry_id                         7JPC 
_symmetry.cell_setting                     ? 
_symmetry.Int_Tables_number                145 
_symmetry.space_group_name_Hall            ? 
_symmetry.space_group_name_H-M             'P 32' 
_symmetry.pdbx_full_space_group_name_H-M   ? 
# 
loop_
_entity.id 
_entity.type 
_entity.src_method 
_entity.pdbx_description 
_entity.formula_weight 
_entity.pdbx_number_of_molecules 
_entity.pdbx_ec 
_entity.pdbx_mutation 
_entity.pdbx_fragment 
_entity.details 
1 polymer syn 
;DNA (5'-D(*GP*AP*GP*CP*AP*GP*AP*CP*CP*AP*GP*AP*CP*GP*GP*TP*AP*CP*TP*CP*A)-3')
;
6466.201 1 ? ? ? ? 
2 polymer syn 
;DNA (5'-D(P*CP*CP*GP*TP*CP*T)-3')
;
1760.179 1 ? ? ? ? 
3 polymer syn 
;DNA (5'-D(*TP*CP*TP*GP*AP*GP*TP*A)-3')
;
2441.628 1 ? ? ? ? 
4 polymer syn 
;DNA (5'-D(P*GP*GP*TP*CP*TP*GP*C)-3')
;
2129.409 1 ? ? ? ? 
# 
loop_
_entity_poly.entity_id 
_entity_poly.type 
_entity_poly.nstd_linkage 
_entity_poly.nstd_monomer 
_entity_poly.pdbx_seq_one_letter_code 
_entity_poly.pdbx_seq_one_letter_code_can 
_entity_poly.pdbx_strand_id 
_entity_poly.pdbx_target_identifier 
1 polydeoxyribonucleotide no no 
;(DG)(DA)(DG)(DC)(DA)(DG)(DA)(DC)(DC)(DA)(DG)(DA)(DC)(DG)(DG)(DT)(DA)(DC)(DT)(DC)
(DA)
;
GAGCAGACCAGACGGTACTCA A ? 
2 polydeoxyribonucleotide no no '(DC)(DC)(DG)(DT)(DC)(DT)'                                                              CCGTCT B ? 
3 polydeoxyribonucleotide no no '(DT)(DC)(DT)(DG)(DA)(DG)(DT)(DA)'                                                      TCTGAGTA C 
? 
4 polydeoxyribonucleotide no no '(DG)(DG)(DT)(DC)(DT)(DG)(DC)'                                                          GGTCTGC D 
? 
# 
loop_
_entity_poly_seq.entity_id 
_entity_poly_seq.num 
_entity_poly_seq.mon_id 
_entity_poly_seq.hetero 
1 1  DG n 
1 2  DA n 
1 3  DG n 
1 4  DC n 
1 5  DA n 
1 6  DG n 
1 7  DA n 
1 8  DC n 
1 9  DC n 
1 10 DA n 
1 11 DG n 
1 12 DA n 
1 13 DC n 
1 14 DG n 
1 15 DG n 
1 16 DT n 
1 17 DA n 
1 18 DC n 
1 19 DT n 
1 20 DC n 
1 21 DA n 
2 1  DC n 
2 2  DC n 
2 3  DG n 
2 4  DT n 
2 5  DC n 
2 6  DT n 
3 1  DT n 
3 2  DC n 
3 3  DT n 
3 4  DG n 
3 5  DA n 
3 6  DG n 
3 7  DT n 
3 8  DA n 
4 1  DG n 
4 2  DG n 
4 3  DT n 
4 4  DC n 
4 5  DT n 
4 6  DG n 
4 7  DC n 
# 
loop_
_pdbx_entity_src_syn.entity_id 
_pdbx_entity_src_syn.pdbx_src_id 
_pdbx_entity_src_syn.pdbx_alt_source_flag 
_pdbx_entity_src_syn.pdbx_beg_seq_num 
_pdbx_entity_src_syn.pdbx_end_seq_num 
_pdbx_entity_src_syn.organism_scientific 
_pdbx_entity_src_syn.organism_common_name 
_pdbx_entity_src_syn.ncbi_taxonomy_id 
_pdbx_entity_src_syn.details 
1 1 sample 1 21 'synthetic construct' ? 32630 ? 
2 1 sample 1 6  'synthetic construct' ? 32630 ? 
3 1 sample 1 8  'synthetic construct' ? 32630 ? 
4 1 sample 1 7  'synthetic construct' ? 32630 ? 
# 
loop_
_struct_ref.id 
_struct_ref.db_name 
_struct_ref.db_code 
_struct_ref.pdbx_db_accession 
_struct_ref.pdbx_db_isoform 
_struct_ref.entity_id 
_struct_ref.pdbx_seq_one_letter_code 
_struct_ref.pdbx_align_begin 
1 PDB 7JPC 7JPC ? 1 ? 1 
2 PDB 7JPC 7JPC ? 2 ? 1 
3 PDB 7JPC 7JPC ? 3 ? 1 
4 PDB 7JPC 7JPC ? 4 ? 1 
# 
loop_
_struct_ref_seq.align_id 
_struct_ref_seq.ref_id 
_struct_ref_seq.pdbx_PDB_id_code 
_struct_ref_seq.pdbx_strand_id 
_struct_ref_seq.seq_align_beg 
_struct_ref_seq.pdbx_seq_align_beg_ins_code 
_struct_ref_seq.seq_align_end 
_struct_ref_seq.pdbx_seq_align_end_ins_code 
_struct_ref_seq.pdbx_db_accession 
_struct_ref_seq.db_align_beg 
_struct_ref_seq.pdbx_db_align_beg_ins_code 
_struct_ref_seq.db_align_end 
_struct_ref_seq.pdbx_db_align_end_ins_code 
_struct_ref_seq.pdbx_auth_seq_align_beg 
_struct_ref_seq.pdbx_auth_seq_align_end 
1 1 7JPC A 1 ? 21 ? 7JPC 1  ? 21 ? 1  21 
2 2 7JPC B 1 ? 6  ? 7JPC 0  ? 5  ? 0  5  
3 3 7JPC C 1 ? 8  ? 7JPC 1  ? 8  ? 1  8  
4 4 7JPC D 1 ? 7  ? 7JPC 10 ? 16 ? 10 16 
# 
loop_
_chem_comp.id 
_chem_comp.type 
_chem_comp.mon_nstd_flag 
_chem_comp.name 
_chem_comp.pdbx_synonyms 
_chem_comp.formula 
_chem_comp.formula_weight 
DA 'DNA linking' y "2'-DEOXYADENOSINE-5'-MONOPHOSPHATE" ? 'C10 H14 N5 O6 P' 331.222 
DC 'DNA linking' y "2'-DEOXYCYTIDINE-5'-MONOPHOSPHATE"  ? 'C9 H14 N3 O7 P'  307.197 
DG 'DNA linking' y "2'-DEOXYGUANOSINE-5'-MONOPHOSPHATE" ? 'C10 H14 N5 O7 P' 347.221 
DT 'DNA linking' y "THYMIDINE-5'-MONOPHOSPHATE"         ? 'C10 H15 N2 O8 P' 322.208 
# 
_exptl.absorpt_coefficient_mu     ? 
_exptl.absorpt_correction_T_max   ? 
_exptl.absorpt_correction_T_min   ? 
_exptl.absorpt_correction_type    ? 
_exptl.absorpt_process_details    ? 
_exptl.entry_id                   7JPC 
_exptl.crystals_number            1 
_exptl.details                    ? 
_exptl.method                     'X-RAY DIFFRACTION' 
_exptl.method_details             ? 
# 
_exptl_crystal.colour                      ? 
_exptl_crystal.density_diffrn              ? 
_exptl_crystal.density_Matthews            5.64 
_exptl_crystal.density_method              ? 
_exptl_crystal.density_percent_sol         78.19 
_exptl_crystal.description                 ? 
_exptl_crystal.F_000                       ? 
_exptl_crystal.id                          1 
_exptl_crystal.preparation                 ? 
_exptl_crystal.size_max                    ? 
_exptl_crystal.size_mid                    ? 
_exptl_crystal.size_min                    ? 
_exptl_crystal.size_rad                    ? 
_exptl_crystal.colour_lustre               ? 
_exptl_crystal.colour_modifier             ? 
_exptl_crystal.colour_primary              ? 
_exptl_crystal.density_meas                ? 
_exptl_crystal.density_meas_esd            ? 
_exptl_crystal.density_meas_gt             ? 
_exptl_crystal.density_meas_lt             ? 
_exptl_crystal.density_meas_temp           ? 
_exptl_crystal.density_meas_temp_esd       ? 
_exptl_crystal.density_meas_temp_gt        ? 
_exptl_crystal.density_meas_temp_lt        ? 
_exptl_crystal.pdbx_crystal_image_url      ? 
_exptl_crystal.pdbx_crystal_image_format   ? 
_exptl_crystal.pdbx_mosaicity              ? 
_exptl_crystal.pdbx_mosaicity_esd          ? 
# 
_exptl_crystal_grow.apparatus       ? 
_exptl_crystal_grow.atmosphere      ? 
_exptl_crystal_grow.crystal_id      1 
_exptl_crystal_grow.details         ? 
_exptl_crystal_grow.method          'VAPOR DIFFUSION, SITTING DROP' 
_exptl_crystal_grow.method_ref      ? 
_exptl_crystal_grow.pH              ? 
_exptl_crystal_grow.pressure        ? 
_exptl_crystal_grow.pressure_esd    ? 
_exptl_crystal_grow.seeding         ? 
_exptl_crystal_grow.seeding_ref     ? 
_exptl_crystal_grow.temp            298 
_exptl_crystal_grow.temp_details    'temperature gradient generated from 60 to 25 C at 0.3 degrees per hour' 
_exptl_crystal_grow.temp_esd        ? 
_exptl_crystal_grow.time            ? 
_exptl_crystal_grow.pdbx_details    
;0.5 mL of 0.05 M Cacodylate pH 6.5 with 1.0 mM spermine, 2.0 mM CoH18N6, 30 mM CaCl2, and 2.0 M LiCl was added to the reservoir with 2 uL added to the drop containing 4 uL of DNA stock
;
_exptl_crystal_grow.pdbx_pH_range   ? 
# 
_diffrn.ambient_environment              ? 
_diffrn.ambient_temp                     100 
_diffrn.ambient_temp_details             ? 
_diffrn.ambient_temp_esd                 ? 
_diffrn.crystal_id                       1 
_diffrn.crystal_support                  ? 
_diffrn.crystal_treatment                ? 
_diffrn.details                          ? 
_diffrn.id                               1 
_diffrn.ambient_pressure                 ? 
_diffrn.ambient_pressure_esd             ? 
_diffrn.ambient_pressure_gt              ? 
_diffrn.ambient_pressure_lt              ? 
_diffrn.ambient_temp_gt                  ? 
_diffrn.ambient_temp_lt                  ? 
_diffrn.pdbx_serial_crystal_experiment   N 
# 
_diffrn_detector.details                      ? 
_diffrn_detector.detector                     PIXEL 
_diffrn_detector.diffrn_id                    1 
_diffrn_detector.type                         'DECTRIS PILATUS3 6M' 
_diffrn_detector.area_resol_mean              ? 
_diffrn_detector.dtime                        ? 
_diffrn_detector.pdbx_frames_total            ? 
_diffrn_detector.pdbx_collection_time_total   ? 
_diffrn_detector.pdbx_collection_date         2017-04-15 
_diffrn_detector.pdbx_frequency               ? 
# 
_diffrn_radiation.collimation                      ? 
_diffrn_radiation.diffrn_id                        1 
_diffrn_radiation.filter_edge                      ? 
_diffrn_radiation.inhomogeneity                    ? 
_diffrn_radiation.monochromator                    ? 
_diffrn_radiation.polarisn_norm                    ? 
_diffrn_radiation.polarisn_ratio                   ? 
_diffrn_radiation.probe                            ? 
_diffrn_radiation.type                             ? 
_diffrn_radiation.xray_symbol                      ? 
_diffrn_radiation.wavelength_id                    1 
_diffrn_radiation.pdbx_monochromatic_or_laue_m_l   M 
_diffrn_radiation.pdbx_wavelength_list             ? 
_diffrn_radiation.pdbx_wavelength                  ? 
_diffrn_radiation.pdbx_diffrn_protocol             'SINGLE WAVELENGTH' 
_diffrn_radiation.pdbx_analyzer                    ? 
_diffrn_radiation.pdbx_scattering_type             x-ray 
# 
_diffrn_radiation_wavelength.id           1 
_diffrn_radiation_wavelength.wavelength   0.92 
_diffrn_radiation_wavelength.wt           1.0 
# 
_diffrn_source.current                     ? 
_diffrn_source.details                     ? 
_diffrn_source.diffrn_id                   1 
_diffrn_source.power                       ? 
_diffrn_source.size                        ? 
_diffrn_source.source                      SYNCHROTRON 
_diffrn_source.target                      ? 
_diffrn_source.type                        'ALS BEAMLINE 5.0.2' 
_diffrn_source.voltage                     ? 
_diffrn_source.take-off_angle              ? 
_diffrn_source.pdbx_wavelength_list        0.92 
_diffrn_source.pdbx_wavelength             ? 
_diffrn_source.pdbx_synchrotron_beamline   5.0.2 
_diffrn_source.pdbx_synchrotron_site       ALS 
# 
_reflns.B_iso_Wilson_estimate            ? 
_reflns.entry_id                         7JPC 
_reflns.data_reduction_details           ? 
_reflns.data_reduction_method            ? 
_reflns.d_resolution_high                3.100 
_reflns.d_resolution_low                 58.9 
_reflns.details                          ? 
_reflns.limit_h_max                      ? 
_reflns.limit_h_min                      ? 
_reflns.limit_k_max                      ? 
_reflns.limit_k_min                      ? 
_reflns.limit_l_max                      ? 
_reflns.limit_l_min                      ? 
_reflns.number_all                       ? 
_reflns.number_obs                       3716 
_reflns.observed_criterion               ? 
_reflns.observed_criterion_F_max         ? 
_reflns.observed_criterion_F_min         ? 
_reflns.observed_criterion_I_max         ? 
_reflns.observed_criterion_I_min         ? 
_reflns.observed_criterion_sigma_F       ? 
_reflns.observed_criterion_sigma_I       ? 
_reflns.percent_possible_obs             73.200 
_reflns.R_free_details                   ? 
_reflns.Rmerge_F_all                     ? 
_reflns.Rmerge_F_obs                     ? 
_reflns.Friedel_coverage                 ? 
_reflns.number_gt                        ? 
_reflns.threshold_expression             ? 
_reflns.pdbx_redundancy                  4.700 
_reflns.pdbx_Rmerge_I_obs                0.077 
_reflns.pdbx_Rmerge_I_all                ? 
_reflns.pdbx_Rsym_value                  ? 
_reflns.pdbx_netI_over_av_sigmaI         ? 
_reflns.pdbx_netI_over_sigmaI            7.600 
_reflns.pdbx_res_netI_over_av_sigmaI_2   ? 
_reflns.pdbx_res_netI_over_sigmaI_2      ? 
_reflns.pdbx_chi_squared                 1.425 
_reflns.pdbx_scaling_rejects             ? 
_reflns.pdbx_d_res_high_opt              ? 
_reflns.pdbx_d_res_low_opt               ? 
_reflns.pdbx_d_res_opt_method            ? 
_reflns.phase_calculation_details        ? 
_reflns.pdbx_Rrim_I_all                  0.085 
_reflns.pdbx_Rpim_I_all                  0.037 
_reflns.pdbx_d_opt                       ? 
_reflns.pdbx_number_measured_all         ? 
_reflns.pdbx_diffrn_id                   1 
_reflns.pdbx_ordinal                     1 
_reflns.pdbx_CC_half                     0.978 
_reflns.pdbx_CC_star                     ? 
_reflns.pdbx_R_split                     ? 
# 
loop_
_reflns_shell.d_res_high 
_reflns_shell.d_res_low 
_reflns_shell.meanI_over_sigI_all 
_reflns_shell.meanI_over_sigI_obs 
_reflns_shell.number_measured_all 
_reflns_shell.number_measured_obs 
_reflns_shell.number_possible 
_reflns_shell.number_unique_all 
_reflns_shell.number_unique_obs 
_reflns_shell.percent_possible_all 
_reflns_shell.percent_possible_obs 
_reflns_shell.Rmerge_F_all 
_reflns_shell.Rmerge_F_obs 
_reflns_shell.Rmerge_I_all 
_reflns_shell.Rmerge_I_obs 
_reflns_shell.meanI_over_sigI_gt 
_reflns_shell.meanI_over_uI_all 
_reflns_shell.meanI_over_uI_gt 
_reflns_shell.number_measured_gt 
_reflns_shell.number_unique_gt 
_reflns_shell.percent_possible_gt 
_reflns_shell.Rmerge_F_gt 
_reflns_shell.Rmerge_I_gt 
_reflns_shell.pdbx_redundancy 
_reflns_shell.pdbx_Rsym_value 
_reflns_shell.pdbx_chi_squared 
_reflns_shell.pdbx_netI_over_sigmaI_all 
_reflns_shell.pdbx_netI_over_sigmaI_obs 
_reflns_shell.pdbx_Rrim_I_all 
_reflns_shell.pdbx_Rpim_I_all 
_reflns_shell.pdbx_rejects 
_reflns_shell.pdbx_ordinal 
_reflns_shell.pdbx_diffrn_id 
_reflns_shell.pdbx_CC_half 
_reflns_shell.pdbx_CC_star 
_reflns_shell.pdbx_R_split 
3.100 3.150  ? ? ? ? ? ? 78  34.400  ? ? ? ? 0.505 ? ? ? ? ? ? ? ? 3.700 ? 0.680 ? ? 0.577 0.274 ? 1  1 0.875 ? ? 
3.150 3.210  ? ? ? ? ? ? 109 39.900  ? ? ? ? 0.166 ? ? ? ? ? ? ? ? 3.900 ? 0.939 ? ? 0.189 0.088 ? 2  1 0.982 ? ? 
3.210 3.270  ? ? ? ? ? ? 104 41.300  ? ? ? ? 0.151 ? ? ? ? ? ? ? ? 4.100 ? 1.342 ? ? 0.170 0.078 ? 3  1 0.989 ? ? 
3.270 3.340  ? ? ? ? ? ? 110 42.100  ? ? ? ? 0.192 ? ? ? ? ? ? ? ? 4.200 ? 1.024 ? ? 0.217 0.098 ? 4  1 0.981 ? ? 
3.340 3.410  ? ? ? ? ? ? 131 52.800  ? ? ? ? 0.122 ? ? ? ? ? ? ? ? 4.000 ? 1.166 ? ? 0.136 0.061 ? 5  1 0.992 ? ? 
3.410 3.490  ? ? ? ? ? ? 128 51.800  ? ? ? ? 0.302 ? ? ? ? ? ? ? ? 4.100 ? 0.731 ? ? 0.341 0.156 ? 6  1 0.916 ? ? 
3.490 3.580  ? ? ? ? ? ? 149 57.300  ? ? ? ? 0.220 ? ? ? ? ? ? ? ? 4.300 ? 0.630 ? ? 0.247 0.112 ? 7  1 0.955 ? ? 
3.580 3.680  ? ? ? ? ? ? 156 60.200  ? ? ? ? 0.279 ? ? ? ? ? ? ? ? 4.300 ? 0.715 ? ? 0.315 0.143 ? 8  1 0.952 ? ? 
3.680 3.780  ? ? ? ? ? ? 162 63.300  ? ? ? ? 0.341 ? ? ? ? ? ? ? ? 4.300 ? 0.647 ? ? 0.383 0.172 ? 9  1 0.919 ? ? 
3.780 3.910  ? ? ? ? ? ? 177 68.300  ? ? ? ? 0.339 ? ? ? ? ? ? ? ? 4.700 ? 0.656 ? ? 0.380 0.170 ? 10 1 0.931 ? ? 
3.910 4.040  ? ? ? ? ? ? 192 81.700  ? ? ? ? 0.320 ? ? ? ? ? ? ? ? 4.500 ? 0.650 ? ? 0.357 0.158 ? 11 1 0.957 ? ? 
4.040 4.210  ? ? ? ? ? ? 219 83.300  ? ? ? ? 0.282 ? ? ? ? ? ? ? ? 4.600 ? 0.718 ? ? 0.315 0.139 ? 12 1 0.955 ? ? 
4.210 4.400  ? ? ? ? ? ? 236 91.500  ? ? ? ? 0.272 ? ? ? ? ? ? ? ? 4.500 ? 0.702 ? ? 0.304 0.135 ? 13 1 0.965 ? ? 
4.400 4.630  ? ? ? ? ? ? 236 97.500  ? ? ? ? 0.267 ? ? ? ? ? ? ? ? 4.700 ? 0.684 ? ? 0.297 0.130 ? 14 1 0.969 ? ? 
4.630 4.920  ? ? ? ? ? ? 265 99.300  ? ? ? ? 0.173 ? ? ? ? ? ? ? ? 4.800 ? 0.845 ? ? 0.193 0.085 ? 15 1 0.983 ? ? 
4.920 5.300  ? ? ? ? ? ? 246 100.000 ? ? ? ? 0.145 ? ? ? ? ? ? ? ? 5.200 ? 1.182 ? ? 0.161 0.070 ? 16 1 0.986 ? ? 
5.300 5.830  ? ? ? ? ? ? 257 100.000 ? ? ? ? 0.120 ? ? ? ? ? ? ? ? 5.200 ? 1.943 ? ? 0.133 0.057 ? 17 1 0.987 ? ? 
5.830 6.670  ? ? ? ? ? ? 255 100.000 ? ? ? ? 0.108 ? ? ? ? ? ? ? ? 5.300 ? 2.143 ? ? 0.119 0.051 ? 18 1 0.990 ? ? 
6.670 8.400  ? ? ? ? ? ? 256 100.000 ? ? ? ? 0.069 ? ? ? ? ? ? ? ? 5.200 ? 2.887 ? ? 0.076 0.033 ? 19 1 0.997 ? ? 
8.400 50.000 ? ? ? ? ? ? 250 98.000  ? ? ? ? 0.053 ? ? ? ? ? ? ? ? 5.300 ? 4.017 ? ? 0.059 0.025 ? 20 1 0.997 ? ? 
# 
_refine.aniso_B[1][1]                            -0.8500 
_refine.aniso_B[1][2]                            -0.4300 
_refine.aniso_B[1][3]                            0.0000 
_refine.aniso_B[2][2]                            -0.8500 
_refine.aniso_B[2][3]                            0.0000 
_refine.aniso_B[3][3]                            2.7600 
_refine.B_iso_max                                245.920 
_refine.B_iso_mean                               122.0460 
_refine.B_iso_min                                65.100 
_refine.correlation_coeff_Fo_to_Fc               0.9870 
_refine.correlation_coeff_Fo_to_Fc_free          0.9860 
_refine.details                                  ? 
_refine.diff_density_max                         ? 
_refine.diff_density_max_esd                     ? 
_refine.diff_density_min                         ? 
_refine.diff_density_min_esd                     ? 
_refine.diff_density_rms                         ? 
_refine.diff_density_rms_esd                     ? 
_refine.entry_id                                 7JPC 
_refine.pdbx_refine_id                           'X-RAY DIFFRACTION' 
_refine.ls_abs_structure_details                 ? 
_refine.ls_abs_structure_Flack                   ? 
_refine.ls_abs_structure_Flack_esd               ? 
_refine.ls_abs_structure_Rogers                  ? 
_refine.ls_abs_structure_Rogers_esd              ? 
_refine.ls_d_res_high                            3.1000 
_refine.ls_d_res_low                             58.9000 
_refine.ls_extinction_coef                       ? 
_refine.ls_extinction_coef_esd                   ? 
_refine.ls_extinction_expression                 ? 
_refine.ls_extinction_method                     ? 
_refine.ls_goodness_of_fit_all                   ? 
_refine.ls_goodness_of_fit_all_esd               ? 
_refine.ls_goodness_of_fit_obs                   ? 
_refine.ls_goodness_of_fit_obs_esd               ? 
_refine.ls_hydrogen_treatment                    ? 
_refine.ls_matrix_type                           ? 
_refine.ls_number_constraints                    ? 
_refine.ls_number_parameters                     ? 
_refine.ls_number_reflns_all                     ? 
_refine.ls_number_reflns_obs                     3344 
_refine.ls_number_reflns_R_free                  362 
_refine.ls_number_reflns_R_work                  ? 
_refine.ls_number_restraints                     ? 
_refine.ls_percent_reflns_obs                    73.2300 
_refine.ls_percent_reflns_R_free                 9.8000 
_refine.ls_R_factor_all                          ? 
_refine.ls_R_factor_obs                          0.1834 
_refine.ls_R_factor_R_free                       0.2132 
_refine.ls_R_factor_R_free_error                 ? 
_refine.ls_R_factor_R_free_error_details         ? 
_refine.ls_R_factor_R_work                       0.1800 
_refine.ls_R_Fsqd_factor_obs                     ? 
_refine.ls_R_I_factor_obs                        ? 
_refine.ls_redundancy_reflns_all                 ? 
_refine.ls_redundancy_reflns_obs                 ? 
_refine.ls_restrained_S_all                      ? 
_refine.ls_restrained_S_obs                      ? 
_refine.ls_shift_over_esd_max                    ? 
_refine.ls_shift_over_esd_mean                   ? 
_refine.ls_structure_factor_coef                 ? 
_refine.ls_weighting_details                     ? 
_refine.ls_weighting_scheme                      ? 
_refine.ls_wR_factor_all                         ? 
_refine.ls_wR_factor_obs                         ? 
_refine.ls_wR_factor_R_free                      ? 
_refine.ls_wR_factor_R_work                      ? 
_refine.occupancy_max                            ? 
_refine.occupancy_min                            ? 
_refine.solvent_model_details                    MASK 
_refine.solvent_model_param_bsol                 ? 
_refine.solvent_model_param_ksol                 ? 
_refine.pdbx_R_complete                          ? 
_refine.ls_R_factor_gt                           ? 
_refine.ls_goodness_of_fit_gt                    ? 
_refine.ls_goodness_of_fit_ref                   ? 
_refine.ls_shift_over_su_max                     ? 
_refine.ls_shift_over_su_max_lt                  ? 
_refine.ls_shift_over_su_mean                    ? 
_refine.ls_shift_over_su_mean_lt                 ? 
_refine.pdbx_ls_sigma_I                          ? 
_refine.pdbx_ls_sigma_F                          0.000 
_refine.pdbx_ls_sigma_Fsqd                       ? 
_refine.pdbx_data_cutoff_high_absF               ? 
_refine.pdbx_data_cutoff_high_rms_absF           ? 
_refine.pdbx_data_cutoff_low_absF                ? 
_refine.pdbx_isotropic_thermal_model             ? 
_refine.pdbx_ls_cross_valid_method               THROUGHOUT 
_refine.pdbx_method_to_determine_struct          'MOLECULAR REPLACEMENT' 
_refine.pdbx_starting_model                      5VY6 
_refine.pdbx_stereochemistry_target_values       'MAXIMUM LIKELIHOOD' 
_refine.pdbx_R_Free_selection_details            RANDOM 
_refine.pdbx_stereochem_target_val_spec_case     ? 
_refine.pdbx_overall_ESU_R                       ? 
_refine.pdbx_overall_ESU_R_Free                  0.3840 
_refine.pdbx_solvent_vdw_probe_radii             1.2000 
_refine.pdbx_solvent_ion_probe_radii             0.8000 
_refine.pdbx_solvent_shrinkage_radii             0.8000 
_refine.pdbx_real_space_R                        ? 
_refine.pdbx_density_correlation                 ? 
_refine.pdbx_pd_number_of_powder_patterns        ? 
_refine.pdbx_pd_number_of_points                 ? 
_refine.pdbx_pd_meas_number_of_points            ? 
_refine.pdbx_pd_proc_ls_prof_R_factor            ? 
_refine.pdbx_pd_proc_ls_prof_wR_factor           ? 
_refine.pdbx_pd_Marquardt_correlation_coeff      ? 
_refine.pdbx_pd_Fsqrd_R_factor                   ? 
_refine.pdbx_pd_ls_matrix_band_width             ? 
_refine.pdbx_overall_phase_error                 ? 
_refine.pdbx_overall_SU_R_free_Cruickshank_DPI   ? 
_refine.pdbx_overall_SU_R_free_Blow_DPI          ? 
_refine.pdbx_overall_SU_R_Blow_DPI               ? 
_refine.pdbx_TLS_residual_ADP_flag               ? 
_refine.pdbx_diffrn_id                           1 
_refine.overall_SU_B                             29.2770 
_refine.overall_SU_ML                            0.4830 
_refine.overall_SU_R_Cruickshank_DPI             ? 
_refine.overall_SU_R_free                        ? 
_refine.overall_FOM_free_R_set                   ? 
_refine.overall_FOM_work_R_set                   ? 
_refine.pdbx_average_fsc_overall                 ? 
_refine.pdbx_average_fsc_work                    ? 
_refine.pdbx_average_fsc_free                    ? 
# 
_refine_hist.pdbx_refine_id                   'X-RAY DIFFRACTION' 
_refine_hist.cycle_id                         final 
_refine_hist.details                          ? 
_refine_hist.d_res_high                       3.1000 
_refine_hist.d_res_low                        58.9000 
_refine_hist.number_atoms_solvent             0 
_refine_hist.number_atoms_total               855 
_refine_hist.number_reflns_all                ? 
_refine_hist.number_reflns_obs                ? 
_refine_hist.number_reflns_R_free             ? 
_refine_hist.number_reflns_R_work             ? 
_refine_hist.R_factor_all                     ? 
_refine_hist.R_factor_obs                     ? 
_refine_hist.R_factor_R_free                  ? 
_refine_hist.R_factor_R_work                  ? 
_refine_hist.pdbx_number_residues_total       42 
_refine_hist.pdbx_B_iso_mean_ligand           ? 
_refine_hist.pdbx_B_iso_mean_solvent          ? 
_refine_hist.pdbx_number_atoms_protein        0 
_refine_hist.pdbx_number_atoms_nucleic_acid   855 
_refine_hist.pdbx_number_atoms_ligand         0 
_refine_hist.pdbx_number_atoms_lipid          ? 
_refine_hist.pdbx_number_atoms_carb           ? 
_refine_hist.pdbx_pseudo_atom_details         ? 
# 
loop_
_refine_ls_restr.pdbx_refine_id 
_refine_ls_restr.criterion 
_refine_ls_restr.dev_ideal 
_refine_ls_restr.dev_ideal_target 
_refine_ls_restr.number 
_refine_ls_restr.rejects 
_refine_ls_restr.type 
_refine_ls_restr.weight 
_refine_ls_restr.pdbx_restraint_function 
'X-RAY DIFFRACTION' ? 0.007 0.011 956  ? r_bond_refined_d     ? ? 
'X-RAY DIFFRACTION' ? 0.005 0.020 473  ? r_bond_other_d       ? ? 
'X-RAY DIFFRACTION' ? 1.169 1.171 1467 ? r_angle_refined_deg  ? ? 
'X-RAY DIFFRACTION' ? 1.849 3.000 1121 ? r_angle_other_deg    ? ? 
'X-RAY DIFFRACTION' ? 0.078 0.200 126  ? r_chiral_restr       ? ? 
'X-RAY DIFFRACTION' ? 0.010 0.020 505  ? r_gen_planes_refined ? ? 
'X-RAY DIFFRACTION' ? 0.003 0.020 214  ? r_gen_planes_other   ? ? 
# 
_refine_ls_shell.pdbx_refine_id                   'X-RAY DIFFRACTION' 
_refine_ls_shell.d_res_high                       3.1000 
_refine_ls_shell.d_res_low                        3.1810 
_refine_ls_shell.number_reflns_all                139 
_refine_ls_shell.number_reflns_obs                ? 
_refine_ls_shell.number_reflns_R_free             20 
_refine_ls_shell.number_reflns_R_work             119 
_refine_ls_shell.percent_reflns_obs               36.7700 
_refine_ls_shell.percent_reflns_R_free            ? 
_refine_ls_shell.R_factor_all                     ? 
_refine_ls_shell.R_factor_obs                     ? 
_refine_ls_shell.R_factor_R_free                  0.2340 
_refine_ls_shell.R_factor_R_free_error            0.0000 
_refine_ls_shell.R_factor_R_work                  0.3340 
_refine_ls_shell.redundancy_reflns_all            ? 
_refine_ls_shell.redundancy_reflns_obs            ? 
_refine_ls_shell.wR_factor_all                    ? 
_refine_ls_shell.wR_factor_obs                    ? 
_refine_ls_shell.wR_factor_R_free                 ? 
_refine_ls_shell.wR_factor_R_work                 ? 
_refine_ls_shell.pdbx_R_complete                  ? 
_refine_ls_shell.pdbx_total_number_of_bins_used   20 
_refine_ls_shell.pdbx_phase_error                 ? 
_refine_ls_shell.pdbx_fsc_work                    ? 
_refine_ls_shell.pdbx_fsc_free                    ? 
# 
_struct.entry_id                     7JPC 
_struct.title                        
'Self-assembly of a 3D DNA crystal lattice (4x6 duplex version) containing the J7 immobile Holliday junction' 
_struct.pdbx_model_details           ? 
_struct.pdbx_formula_weight          ? 
_struct.pdbx_formula_weight_method   ? 
_struct.pdbx_model_type_details      ? 
_struct.pdbx_CASP_flag               N 
# 
_struct_keywords.entry_id        7JPC 
_struct_keywords.text            
'Structural DNA nanotechnology, immobile Holliday junctions, 3D DNA self-assembly, designer DNA crystals, DNA' 
_struct_keywords.pdbx_keywords   DNA 
# 
loop_
_struct_asym.id 
_struct_asym.pdbx_blank_PDB_chainid_flag 
_struct_asym.pdbx_modified 
_struct_asym.entity_id 
_struct_asym.details 
A N N 1 ? 
B N N 2 ? 
C N N 3 ? 
D N N 4 ? 
# 
loop_
_struct_conn.id 
_struct_conn.conn_type_id 
_struct_conn.pdbx_leaving_atom_flag 
_struct_conn.pdbx_PDB_id 
_struct_conn.ptnr1_label_asym_id 
_struct_conn.ptnr1_label_comp_id 
_struct_conn.ptnr1_label_seq_id 
_struct_conn.ptnr1_label_atom_id 
_struct_conn.pdbx_ptnr1_label_alt_id 
_struct_conn.pdbx_ptnr1_PDB_ins_code 
_struct_conn.pdbx_ptnr1_standard_comp_id 
_struct_conn.ptnr1_symmetry 
_struct_conn.ptnr2_label_asym_id 
_struct_conn.ptnr2_label_comp_id 
_struct_conn.ptnr2_label_seq_id 
_struct_conn.ptnr2_label_atom_id 
_struct_conn.pdbx_ptnr2_label_alt_id 
_struct_conn.pdbx_ptnr2_PDB_ins_code 
_struct_conn.ptnr1_auth_asym_id 
_struct_conn.ptnr1_auth_comp_id 
_struct_conn.ptnr1_auth_seq_id 
_struct_conn.ptnr2_auth_asym_id 
_struct_conn.ptnr2_auth_comp_id 
_struct_conn.ptnr2_auth_seq_id 
_struct_conn.ptnr2_symmetry 
_struct_conn.pdbx_ptnr3_label_atom_id 
_struct_conn.pdbx_ptnr3_label_seq_id 
_struct_conn.pdbx_ptnr3_label_comp_id 
_struct_conn.pdbx_ptnr3_label_asym_id 
_struct_conn.pdbx_ptnr3_label_alt_id 
_struct_conn.pdbx_ptnr3_PDB_ins_code 
_struct_conn.details 
_struct_conn.pdbx_dist_value 
_struct_conn.pdbx_value_order 
_struct_conn.pdbx_role 
hydrog1  hydrog ? ? A DG 3  N1 ? ? ? 1_555 D DC 7 N3 ? ? A DG 3  D DC 16 1_555 ? ? ? ? ? ? WATSON-CRICK ? ? ? 
hydrog2  hydrog ? ? A DG 3  N2 ? ? ? 1_555 D DC 7 O2 ? ? A DG 3  D DC 16 1_555 ? ? ? ? ? ? WATSON-CRICK ? ? ? 
hydrog3  hydrog ? ? A DG 3  O6 ? ? ? 1_555 D DC 7 N4 ? ? A DG 3  D DC 16 1_555 ? ? ? ? ? ? WATSON-CRICK ? ? ? 
hydrog4  hydrog ? ? A DC 4  N3 ? ? ? 1_555 D DG 6 N1 ? ? A DC 4  D DG 15 1_555 ? ? ? ? ? ? WATSON-CRICK ? ? ? 
hydrog5  hydrog ? ? A DC 4  N4 ? ? ? 1_555 D DG 6 O6 ? ? A DC 4  D DG 15 1_555 ? ? ? ? ? ? WATSON-CRICK ? ? ? 
hydrog6  hydrog ? ? A DC 4  O2 ? ? ? 1_555 D DG 6 N2 ? ? A DC 4  D DG 15 1_555 ? ? ? ? ? ? WATSON-CRICK ? ? ? 
hydrog7  hydrog ? ? A DA 5  N1 ? ? ? 1_555 D DT 5 N3 ? ? A DA 5  D DT 14 1_555 ? ? ? ? ? ? WATSON-CRICK ? ? ? 
hydrog8  hydrog ? ? A DA 5  N6 ? ? ? 1_555 D DT 5 O4 ? ? A DA 5  D DT 14 1_555 ? ? ? ? ? ? WATSON-CRICK ? ? ? 
hydrog9  hydrog ? ? A DG 6  O6 ? ? ? 1_555 D DC 4 N4 ? ? A DG 6  D DC 13 1_555 ? ? ? ? ? ? 'DG-DC PAIR' ? ? ? 
hydrog10 hydrog ? ? A DA 7  N1 ? ? ? 1_555 D DT 3 N3 ? ? A DA 7  D DT 12 1_555 ? ? ? ? ? ? WATSON-CRICK ? ? ? 
hydrog11 hydrog ? ? A DA 7  N6 ? ? ? 1_555 D DT 3 O4 ? ? A DA 7  D DT 12 1_555 ? ? ? ? ? ? WATSON-CRICK ? ? ? 
hydrog12 hydrog ? ? A DC 8  N3 ? ? ? 1_555 D DG 2 N1 ? ? A DC 8  D DG 11 1_555 ? ? ? ? ? ? WATSON-CRICK ? ? ? 
hydrog13 hydrog ? ? A DC 8  N4 ? ? ? 1_555 D DG 2 O6 ? ? A DC 8  D DG 11 1_555 ? ? ? ? ? ? WATSON-CRICK ? ? ? 
hydrog14 hydrog ? ? A DC 8  O2 ? ? ? 1_555 D DG 2 N2 ? ? A DC 8  D DG 11 1_555 ? ? ? ? ? ? WATSON-CRICK ? ? ? 
hydrog15 hydrog ? ? A DC 9  N3 ? ? ? 1_555 D DG 1 N1 ? ? A DC 9  D DG 10 1_555 ? ? ? ? ? ? WATSON-CRICK ? ? ? 
hydrog16 hydrog ? ? A DC 9  N4 ? ? ? 1_555 D DG 1 O6 ? ? A DC 9  D DG 10 1_555 ? ? ? ? ? ? WATSON-CRICK ? ? ? 
hydrog17 hydrog ? ? A DC 9  O2 ? ? ? 1_555 D DG 1 N2 ? ? A DC 9  D DG 10 1_555 ? ? ? ? ? ? WATSON-CRICK ? ? ? 
hydrog18 hydrog ? ? A DA 10 N1 ? ? ? 1_555 B DT 6 N3 ? ? A DA 10 B DT 5  1_555 ? ? ? ? ? ? WATSON-CRICK ? ? ? 
hydrog19 hydrog ? ? A DA 10 N6 ? ? ? 1_555 B DT 6 O4 ? ? A DA 10 B DT 5  1_555 ? ? ? ? ? ? WATSON-CRICK ? ? ? 
hydrog20 hydrog ? ? A DG 11 N1 ? ? ? 1_555 B DC 5 N3 ? ? A DG 11 B DC 4  1_555 ? ? ? ? ? ? WATSON-CRICK ? ? ? 
hydrog21 hydrog ? ? A DG 11 N2 ? ? ? 1_555 B DC 5 O2 ? ? A DG 11 B DC 4  1_555 ? ? ? ? ? ? WATSON-CRICK ? ? ? 
hydrog22 hydrog ? ? A DG 11 O6 ? ? ? 1_555 B DC 5 N4 ? ? A DG 11 B DC 4  1_555 ? ? ? ? ? ? WATSON-CRICK ? ? ? 
hydrog23 hydrog ? ? A DA 12 N1 ? ? ? 1_555 B DT 4 N3 ? ? A DA 12 B DT 3  1_555 ? ? ? ? ? ? WATSON-CRICK ? ? ? 
hydrog24 hydrog ? ? A DA 12 N6 ? ? ? 1_555 B DT 4 O4 ? ? A DA 12 B DT 3  1_555 ? ? ? ? ? ? WATSON-CRICK ? ? ? 
hydrog25 hydrog ? ? A DC 13 N3 ? ? ? 1_555 B DG 3 N1 ? ? A DC 13 B DG 2  1_555 ? ? ? ? ? ? WATSON-CRICK ? ? ? 
hydrog26 hydrog ? ? A DC 13 N4 ? ? ? 1_555 B DG 3 O6 ? ? A DC 13 B DG 2  1_555 ? ? ? ? ? ? WATSON-CRICK ? ? ? 
hydrog27 hydrog ? ? A DC 13 O2 ? ? ? 1_555 B DG 3 N2 ? ? A DC 13 B DG 2  1_555 ? ? ? ? ? ? WATSON-CRICK ? ? ? 
hydrog28 hydrog ? ? A DG 14 N1 ? ? ? 1_555 B DC 2 N3 ? ? A DG 14 B DC 1  1_555 ? ? ? ? ? ? WATSON-CRICK ? ? ? 
hydrog29 hydrog ? ? A DG 14 N2 ? ? ? 1_555 B DC 2 O2 ? ? A DG 14 B DC 1  1_555 ? ? ? ? ? ? WATSON-CRICK ? ? ? 
hydrog30 hydrog ? ? A DG 14 O6 ? ? ? 1_555 B DC 2 N4 ? ? A DG 14 B DC 1  1_555 ? ? ? ? ? ? WATSON-CRICK ? ? ? 
hydrog31 hydrog ? ? A DG 15 N1 ? ? ? 1_555 B DC 1 N3 ? ? A DG 15 B DC 0  1_555 ? ? ? ? ? ? WATSON-CRICK ? ? ? 
hydrog32 hydrog ? ? A DG 15 N2 ? ? ? 1_555 B DC 1 O2 ? ? A DG 15 B DC 0  1_555 ? ? ? ? ? ? WATSON-CRICK ? ? ? 
hydrog33 hydrog ? ? A DG 15 O6 ? ? ? 1_555 B DC 1 N4 ? ? A DG 15 B DC 0  1_555 ? ? ? ? ? ? WATSON-CRICK ? ? ? 
hydrog34 hydrog ? ? A DT 16 N3 ? ? ? 1_555 C DA 8 N1 ? ? A DT 16 C DA 8  1_555 ? ? ? ? ? ? WATSON-CRICK ? ? ? 
hydrog35 hydrog ? ? A DT 16 O4 ? ? ? 1_555 C DA 8 N6 ? ? A DT 16 C DA 8  1_555 ? ? ? ? ? ? WATSON-CRICK ? ? ? 
hydrog36 hydrog ? ? A DA 17 N1 ? ? ? 1_555 C DT 7 N3 ? ? A DA 17 C DT 7  1_555 ? ? ? ? ? ? WATSON-CRICK ? ? ? 
hydrog37 hydrog ? ? A DA 17 N6 ? ? ? 1_555 C DT 7 O4 ? ? A DA 17 C DT 7  1_555 ? ? ? ? ? ? WATSON-CRICK ? ? ? 
hydrog38 hydrog ? ? A DC 18 N3 ? ? ? 1_555 C DG 6 N1 ? ? A DC 18 C DG 6  1_555 ? ? ? ? ? ? WATSON-CRICK ? ? ? 
hydrog39 hydrog ? ? A DC 18 N4 ? ? ? 1_555 C DG 6 O6 ? ? A DC 18 C DG 6  1_555 ? ? ? ? ? ? WATSON-CRICK ? ? ? 
hydrog40 hydrog ? ? A DC 18 O2 ? ? ? 1_555 C DG 6 N2 ? ? A DC 18 C DG 6  1_555 ? ? ? ? ? ? WATSON-CRICK ? ? ? 
hydrog41 hydrog ? ? A DT 19 N3 ? ? ? 1_555 C DA 5 N1 ? ? A DT 19 C DA 5  1_555 ? ? ? ? ? ? WATSON-CRICK ? ? ? 
hydrog42 hydrog ? ? A DT 19 O4 ? ? ? 1_555 C DA 5 N6 ? ? A DT 19 C DA 5  1_555 ? ? ? ? ? ? WATSON-CRICK ? ? ? 
hydrog43 hydrog ? ? A DC 20 N3 ? ? ? 1_555 C DG 4 N1 ? ? A DC 20 C DG 4  1_555 ? ? ? ? ? ? WATSON-CRICK ? ? ? 
hydrog44 hydrog ? ? A DC 20 N4 ? ? ? 1_555 C DG 4 O6 ? ? A DC 20 C DG 4  1_555 ? ? ? ? ? ? WATSON-CRICK ? ? ? 
hydrog45 hydrog ? ? A DC 20 O2 ? ? ? 1_555 C DG 4 N2 ? ? A DC 20 C DG 4  1_555 ? ? ? ? ? ? WATSON-CRICK ? ? ? 
hydrog46 hydrog ? ? A DA 21 N1 ? ? ? 1_555 C DT 3 N3 ? ? A DA 21 C DT 3  1_555 ? ? ? ? ? ? WATSON-CRICK ? ? ? 
hydrog47 hydrog ? ? A DA 21 N6 ? ? ? 1_555 C DT 3 O4 ? ? A DA 21 C DT 3  1_555 ? ? ? ? ? ? WATSON-CRICK ? ? ? 
# 
_struct_conn_type.id          hydrog 
_struct_conn_type.criteria    ? 
_struct_conn_type.reference   ? 
# 
_atom_sites.entry_id                    7JPC 
_atom_sites.Cartn_transf_matrix[1][1]   ? 
_atom_sites.Cartn_transf_matrix[1][2]   ? 
_atom_sites.Cartn_transf_matrix[1][3]   ? 
_atom_sites.Cartn_transf_matrix[2][1]   ? 
_atom_sites.Cartn_transf_matrix[2][2]   ? 
_atom_sites.Cartn_transf_matrix[2][3]   ? 
_atom_sites.Cartn_transf_matrix[3][1]   ? 
_atom_sites.Cartn_transf_matrix[3][2]   ? 
_atom_sites.Cartn_transf_matrix[3][3]   ? 
_atom_sites.Cartn_transf_vector[1]      ? 
_atom_sites.Cartn_transf_vector[2]      ? 
_atom_sites.Cartn_transf_vector[3]      ? 
_atom_sites.fract_transf_matrix[1][1]   0.00044953 
_atom_sites.fract_transf_matrix[1][2]   0.00448337 
_atom_sites.fract_transf_matrix[1][3]   -0.01636741 
_atom_sites.fract_transf_matrix[2][1]   -0.00214487 
_atom_sites.fract_transf_matrix[2][2]   0.01625304 
_atom_sites.fract_transf_matrix[2][3]   -0.00441099 
_atom_sites.fract_transf_matrix[3][1]   0.01825354 
_atom_sites.fract_transf_matrix[3][2]   0.00274931 
_atom_sites.fract_transf_matrix[3][3]   0.00125442 
_atom_sites.fract_transf_vector[1]      1.090808 
_atom_sites.fract_transf_vector[2]      0.946316 
_atom_sites.fract_transf_vector[3]      -0.058544 
_atom_sites.solution_primary            ? 
_atom_sites.solution_secondary          ? 
_atom_sites.solution_hydrogens          ? 
_atom_sites.special_details             ? 
# 
loop_
_atom_type.symbol 
C 
N 
O 
P 
# 
loop_
_atom_site.group_PDB 
_atom_site.id 
_atom_site.type_symbol 
_atom_site.label_atom_id 
_atom_site.label_alt_id 
_atom_site.label_comp_id 
_atom_site.label_asym_id 
_atom_site.label_entity_id 
_atom_site.label_seq_id 
_atom_site.pdbx_PDB_ins_code 
_atom_site.Cartn_x 
_atom_site.Cartn_y 
_atom_site.Cartn_z 
_atom_site.occupancy 
_atom_site.B_iso_or_equiv 
_atom_site.pdbx_formal_charge 
_atom_site.auth_seq_id 
_atom_site.auth_comp_id 
_atom_site.auth_asym_id 
_atom_site.auth_atom_id 
_atom_site.pdbx_PDB_model_num 
ATOM 1   O "O5'" . DG A 1 1  ? 2.934   29.992  -19.780 1.00 141.61 ? 1  DG A "O5'" 1 
ATOM 2   C "C5'" . DG A 1 1  ? 1.648   30.544  -19.423 1.00 128.61 ? 1  DG A "C5'" 1 
ATOM 3   C "C4'" . DG A 1 1  ? 0.561   29.990  -20.316 1.00 126.47 ? 1  DG A "C4'" 1 
ATOM 4   O "O4'" . DG A 1 1  ? 1.133   29.344  -21.469 1.00 123.24 ? 1  DG A "O4'" 1 
ATOM 5   C "C3'" . DG A 1 1  ? -0.316  28.906  -19.700 1.00 133.81 ? 1  DG A "C3'" 1 
ATOM 6   O "O3'" . DG A 1 1  ? -1.398  29.457  -18.949 1.00 143.04 ? 1  DG A "O3'" 1 
ATOM 7   C "C2'" . DG A 1 1  ? -0.815  28.130  -20.911 1.00 123.32 ? 1  DG A "C2'" 1 
ATOM 8   C "C1'" . DG A 1 1  ? 0.101   28.567  -22.046 1.00 108.62 ? 1  DG A "C1'" 1 
ATOM 9   N N9    . DG A 1 1  ? 0.719   27.499  -22.814 1.00 92.81  ? 1  DG A N9    1 
ATOM 10  C C8    . DG A 1 1  ? 2.062   27.261  -22.992 1.00 100.08 ? 1  DG A C8    1 
ATOM 11  N N7    . DG A 1 1  ? 2.302   26.257  -23.792 1.00 96.79  ? 1  DG A N7    1 
ATOM 12  C C5    . DG A 1 1  ? 1.043   25.816  -24.175 1.00 97.78  ? 1  DG A C5    1 
ATOM 13  C C6    . DG A 1 1  ? 0.665   24.759  -25.042 1.00 102.28 ? 1  DG A C6    1 
ATOM 14  O O6    . DG A 1 1  ? 1.392   23.967  -25.656 1.00 89.29  ? 1  DG A O6    1 
ATOM 15  N N1    . DG A 1 1  ? -0.720  24.662  -25.156 1.00 104.48 ? 1  DG A N1    1 
ATOM 16  C C2    . DG A 1 1  ? -1.625  25.475  -24.516 1.00 107.06 ? 1  DG A C2    1 
ATOM 17  N N2    . DG A 1 1  ? -2.921  25.215  -24.744 1.00 106.91 ? 1  DG A N2    1 
ATOM 18  N N3    . DG A 1 1  ? -1.284  26.463  -23.704 1.00 100.34 ? 1  DG A N3    1 
ATOM 19  C C4    . DG A 1 1  ? 0.056   26.578  -23.584 1.00 99.29  ? 1  DG A C4    1 
ATOM 20  P P     . DA A 1 2  ? -1.799  28.804  -17.546 1.00 151.38 ? 2  DA A P     1 
ATOM 21  O OP1   . DA A 1 2  ? -2.591  29.812  -16.782 1.00 131.53 ? 2  DA A OP1   1 
ATOM 22  O OP2   . DA A 1 2  ? -0.583  28.194  -16.945 1.00 152.09 ? 2  DA A OP2   1 
ATOM 23  O "O5'" . DA A 1 2  ? -2.764  27.615  -17.971 1.00 135.13 ? 2  DA A "O5'" 1 
ATOM 24  C "C5'" . DA A 1 2  ? -4.087  27.923  -18.419 1.00 135.52 ? 2  DA A "C5'" 1 
ATOM 25  C "C4'" . DA A 1 2  ? -4.551  26.840  -19.358 1.00 137.67 ? 2  DA A "C4'" 1 
ATOM 26  O "O4'" . DA A 1 2  ? -3.447  26.438  -20.201 1.00 139.82 ? 2  DA A "O4'" 1 
ATOM 27  C "C3'" . DA A 1 2  ? -5.038  25.575  -18.651 1.00 145.36 ? 2  DA A "C3'" 1 
ATOM 28  O "O3'" . DA A 1 2  ? -6.359  25.303  -19.127 1.00 155.76 ? 2  DA A "O3'" 1 
ATOM 29  C "C2'" . DA A 1 2  ? -3.998  24.526  -19.011 1.00 146.31 ? 2  DA A "C2'" 1 
ATOM 30  C "C1'" . DA A 1 2  ? -3.462  25.033  -20.330 1.00 137.89 ? 2  DA A "C1'" 1 
ATOM 31  N N9    . DA A 1 2  ? -2.103  24.596  -20.654 1.00 128.27 ? 2  DA A N9    1 
ATOM 32  C C8    . DA A 1 2  ? -0.920  24.967  -20.059 1.00 122.71 ? 2  DA A C8    1 
ATOM 33  N N7    . DA A 1 2  ? 0.138   24.404  -20.593 1.00 109.18 ? 2  DA A N7    1 
ATOM 34  C C5    . DA A 1 2  ? -0.383  23.595  -21.593 1.00 96.18  ? 2  DA A C5    1 
ATOM 35  C C6    . DA A 1 2  ? 0.220   22.710  -22.503 1.00 109.23 ? 2  DA A C6    1 
ATOM 36  N N6    . DA A 1 2  ? 1.538   22.506  -22.571 1.00 108.04 ? 2  DA A N6    1 
ATOM 37  N N1    . DA A 1 2  ? -0.586  22.042  -23.361 1.00 116.52 ? 2  DA A N1    1 
ATOM 38  C C2    . DA A 1 2  ? -1.909  22.254  -23.294 1.00 127.02 ? 2  DA A C2    1 
ATOM 39  N N3    . DA A 1 2  ? -2.593  23.052  -22.473 1.00 117.95 ? 2  DA A N3    1 
ATOM 40  C C4    . DA A 1 2  ? -1.762  23.700  -21.638 1.00 103.20 ? 2  DA A C4    1 
ATOM 41  P P     . DG A 1 3  ? -7.162  24.045  -18.589 1.00 157.08 ? 3  DG A P     1 
ATOM 42  O OP1   . DG A 1 3  ? -8.607  24.278  -18.836 1.00 161.73 ? 3  DG A OP1   1 
ATOM 43  O OP2   . DG A 1 3  ? -6.679  23.739  -17.217 1.00 132.37 ? 3  DG A OP2   1 
ATOM 44  O "O5'" . DG A 1 3  ? -6.690  22.904  -19.585 1.00 135.03 ? 3  DG A "O5'" 1 
ATOM 45  C "C5'" . DG A 1 3  ? -7.588  21.860  -19.951 1.00 135.04 ? 3  DG A "C5'" 1 
ATOM 46  C "C4'" . DG A 1 3  ? -6.871  20.936  -20.906 1.00 134.56 ? 3  DG A "C4'" 1 
ATOM 47  O "O4'" . DG A 1 3  ? -5.468  21.281  -20.959 1.00 122.26 ? 3  DG A "O4'" 1 
ATOM 48  C "C3'" . DG A 1 3  ? -6.933  19.465  -20.499 1.00 138.18 ? 3  DG A "C3'" 1 
ATOM 49  O "O3'" . DG A 1 3  ? -7.829  18.770  -21.367 1.00 146.00 ? 3  DG A "O3'" 1 
ATOM 50  C "C2'" . DG A 1 3  ? -5.501  18.973  -20.613 1.00 138.85 ? 3  DG A "C2'" 1 
ATOM 51  C "C1'" . DG A 1 3  ? -4.756  20.109  -21.285 1.00 129.51 ? 3  DG A "C1'" 1 
ATOM 52  N N9    . DG A 1 3  ? -3.386  20.247  -20.797 1.00 123.16 ? 3  DG A N9    1 
ATOM 53  C C8    . DG A 1 3  ? -2.919  21.004  -19.743 1.00 104.71 ? 3  DG A C8    1 
ATOM 54  N N7    . DG A 1 3  ? -1.635  20.864  -19.541 1.00 90.11  ? 3  DG A N7    1 
ATOM 55  C C5    . DG A 1 3  ? -1.235  19.947  -20.507 1.00 107.09 ? 3  DG A C5    1 
ATOM 56  C C6    . DG A 1 3  ? 0.047   19.401  -20.784 1.00 103.76 ? 3  DG A C6    1 
ATOM 57  O O6    . DG A 1 3  ? 1.124   19.638  -20.221 1.00 105.30 ? 3  DG A O6    1 
ATOM 58  N N1    . DG A 1 3  ? 0.001   18.495  -21.842 1.00 104.31 ? 3  DG A N1    1 
ATOM 59  C C2    . DG A 1 3  ? -1.130  18.164  -22.554 1.00 103.45 ? 3  DG A C2    1 
ATOM 60  N N2    . DG A 1 3  ? -0.968  17.272  -23.554 1.00 83.10  ? 3  DG A N2    1 
ATOM 61  N N3    . DG A 1 3  ? -2.330  18.664  -22.304 1.00 106.32 ? 3  DG A N3    1 
ATOM 62  C C4    . DG A 1 3  ? -2.308  19.545  -21.278 1.00 111.67 ? 3  DG A C4    1 
ATOM 63  P P     . DC A 1 4  ? -8.566  17.457  -20.854 1.00 143.88 ? 4  DC A P     1 
ATOM 64  O OP1   . DC A 1 4  ? -9.735  17.215  -21.737 1.00 153.71 ? 4  DC A OP1   1 
ATOM 65  O OP2   . DC A 1 4  ? -8.774  17.595  -19.395 1.00 126.92 ? 4  DC A OP2   1 
ATOM 66  O "O5'" . DC A 1 4  ? -7.493  16.322  -21.160 1.00 132.98 ? 4  DC A "O5'" 1 
ATOM 67  C "C5'" . DC A 1 4  ? -7.021  16.122  -22.508 1.00 132.48 ? 4  DC A "C5'" 1 
ATOM 68  C "C4'" . DC A 1 4  ? -5.900  15.109  -22.534 1.00 135.72 ? 4  DC A "C4'" 1 
ATOM 69  O "O4'" . DC A 1 4  ? -4.672  15.749  -22.122 1.00 135.57 ? 4  DC A "O4'" 1 
ATOM 70  C "C3'" . DC A 1 4  ? -6.095  13.913  -21.596 1.00 141.48 ? 4  DC A "C3'" 1 
ATOM 71  O "O3'" . DC A 1 4  ? -5.932  12.647  -22.228 1.00 147.68 ? 4  DC A "O3'" 1 
ATOM 72  C "C2'" . DC A 1 4  ? -4.985  14.050  -20.573 1.00 137.61 ? 4  DC A "C2'" 1 
ATOM 73  C "C1'" . DC A 1 4  ? -3.941  14.831  -21.335 1.00 130.42 ? 4  DC A "C1'" 1 
ATOM 74  N N1    . DC A 1 4  ? -3.035  15.596  -20.468 1.00 116.49 ? 4  DC A N1    1 
ATOM 75  C C2    . DC A 1 4  ? -1.654  15.384  -20.562 1.00 105.03 ? 4  DC A C2    1 
ATOM 76  O O2    . DC A 1 4  ? -1.224  14.579  -21.408 1.00 95.66  ? 4  DC A O2    1 
ATOM 77  N N3    . DC A 1 4  ? -0.823  16.083  -19.748 1.00 100.97 ? 4  DC A N3    1 
ATOM 78  C C4    . DC A 1 4  ? -1.328  16.950  -18.864 1.00 110.52 ? 4  DC A C4    1 
ATOM 79  N N4    . DC A 1 4  ? -0.481  17.620  -18.078 1.00 115.11 ? 4  DC A N4    1 
ATOM 80  C C5    . DC A 1 4  ? -2.731  17.175  -18.745 1.00 108.51 ? 4  DC A C5    1 
ATOM 81  C C6    . DC A 1 4  ? -3.539  16.483  -19.557 1.00 111.56 ? 4  DC A C6    1 
ATOM 82  P P     . DA A 1 5  ? -6.611  11.381  -21.550 1.00 156.23 ? 5  DA A P     1 
ATOM 83  O OP1   . DA A 1 5  ? -7.952  11.200  -22.167 1.00 164.53 ? 5  DA A OP1   1 
ATOM 84  O OP2   . DA A 1 5  ? -6.474  11.538  -20.071 1.00 140.95 ? 5  DA A OP2   1 
ATOM 85  O "O5'" . DA A 1 5  ? -5.749  10.136  -22.047 1.00 145.75 ? 5  DA A "O5'" 1 
ATOM 86  C "C5'" . DA A 1 5  ? -4.698  10.248  -23.013 1.00 137.43 ? 5  DA A "C5'" 1 
ATOM 87  C "C4'" . DA A 1 5  ? -3.359  10.143  -22.321 1.00 134.03 ? 5  DA A "C4'" 1 
ATOM 88  O "O4'" . DA A 1 5  ? -3.128  11.231  -21.407 1.00 121.91 ? 5  DA A "O4'" 1 
ATOM 89  C "C3'" . DA A 1 5  ? -3.152  8.896   -21.466 1.00 135.88 ? 5  DA A "C3'" 1 
ATOM 90  O "O3'" . DA A 1 5  ? -2.576  7.845   -22.240 1.00 150.54 ? 5  DA A "O3'" 1 
ATOM 91  C "C2'" . DA A 1 5  ? -2.195  9.365   -20.378 1.00 126.51 ? 5  DA A "C2'" 1 
ATOM 92  C "C1'" . DA A 1 5  ? -1.977  10.831  -20.694 1.00 112.62 ? 5  DA A "C1'" 1 
ATOM 93  N N9    . DA A 1 5  ? -1.824  11.704  -19.535 1.00 114.23 ? 5  DA A N9    1 
ATOM 94  C C8    . DA A 1 5  ? -2.796  12.224  -18.713 1.00 117.94 ? 5  DA A C8    1 
ATOM 95  N N7    . DA A 1 5  ? -2.325  12.979  -17.749 1.00 125.99 ? 5  DA A N7    1 
ATOM 96  C C5    . DA A 1 5  ? -0.950  12.955  -17.947 1.00 126.85 ? 5  DA A C5    1 
ATOM 97  C C6    . DA A 1 5  ? 0.122   13.567  -17.259 1.00 115.69 ? 5  DA A C6    1 
ATOM 98  N N6    . DA A 1 5  ? -0.034  14.342  -16.181 1.00 99.71  ? 5  DA A N6    1 
ATOM 99  N N1    . DA A 1 5  ? 1.375   13.344  -17.723 1.00 109.55 ? 5  DA A N1    1 
ATOM 100 C C2    . DA A 1 5  ? 1.534   12.555  -18.798 1.00 111.14 ? 5  DA A C2    1 
ATOM 101 N N3    . DA A 1 5  ? 0.608   11.919  -19.522 1.00 112.70 ? 5  DA A N3    1 
ATOM 102 C C4    . DA A 1 5  ? -0.627  12.170  -19.043 1.00 123.63 ? 5  DA A C4    1 
ATOM 103 P P     . DG A 1 6  ? -2.715  6.341   -21.748 1.00 160.17 ? 6  DG A P     1 
ATOM 104 O OP1   . DG A 1 6  ? -2.044  5.470   -22.754 1.00 149.24 ? 6  DG A OP1   1 
ATOM 105 O OP2   . DG A 1 6  ? -4.149  6.107   -21.416 1.00 153.06 ? 6  DG A OP2   1 
ATOM 106 O "O5'" . DG A 1 6  ? -1.880  6.348   -20.391 1.00 149.22 ? 6  DG A "O5'" 1 
ATOM 107 C "C5'" . DG A 1 6  ? -0.762  5.465   -20.186 1.00 158.64 ? 6  DG A "C5'" 1 
ATOM 108 C "C4'" . DG A 1 6  ? 0.499   6.255   -19.931 1.00 153.39 ? 6  DG A "C4'" 1 
ATOM 109 O "O4'" . DG A 1 6  ? 0.158   7.550   -19.412 1.00 140.12 ? 6  DG A "O4'" 1 
ATOM 110 C "C3'" . DG A 1 6  ? 1.424   5.638   -18.885 1.00 166.94 ? 6  DG A "C3'" 1 
ATOM 111 O "O3'" . DG A 1 6  ? 2.480   4.895   -19.493 1.00 186.82 ? 6  DG A "O3'" 1 
ATOM 112 C "C2'" . DG A 1 6  ? 1.987   6.825   -18.122 1.00 154.55 ? 6  DG A "C2'" 1 
ATOM 113 C "C1'" . DG A 1 6  ? 1.260   8.033   -18.672 1.00 144.89 ? 6  DG A "C1'" 1 
ATOM 114 N N9    . DG A 1 6  ? 0.755   8.920   -17.634 1.00 138.22 ? 6  DG A N9    1 
ATOM 115 C C8    . DG A 1 6  ? -0.551  9.117   -17.251 1.00 150.18 ? 6  DG A C8    1 
ATOM 116 N N7    . DG A 1 6  ? -0.676  9.990   -16.287 1.00 152.96 ? 6  DG A N7    1 
ATOM 117 C C5    . DG A 1 6  ? 0.626   10.391  -16.018 1.00 142.20 ? 6  DG A C5    1 
ATOM 118 C C6    . DG A 1 6  ? 1.123   11.329  -15.072 1.00 128.86 ? 6  DG A C6    1 
ATOM 119 O O6    . DG A 1 6  ? 0.490   12.012  -14.258 1.00 128.02 ? 6  DG A O6    1 
ATOM 120 N N1    . DG A 1 6  ? 2.510   11.433  -15.133 1.00 121.39 ? 6  DG A N1    1 
ATOM 121 C C2    . DG A 1 6  ? 3.317   10.728  -15.995 1.00 137.33 ? 6  DG A C2    1 
ATOM 122 N N2    . DG A 1 6  ? 4.635   10.968  -15.901 1.00 146.46 ? 6  DG A N2    1 
ATOM 123 N N3    . DG A 1 6  ? 2.867   9.847   -16.878 1.00 129.66 ? 6  DG A N3    1 
ATOM 124 C C4    . DG A 1 6  ? 1.520   9.736   -16.837 1.00 140.29 ? 6  DG A C4    1 
ATOM 125 P P     . DA A 1 7  ? 3.210   3.751   -18.658 1.00 202.98 ? 7  DA A P     1 
ATOM 126 O OP1   . DA A 1 7  ? 4.276   3.172   -19.514 1.00 211.03 ? 7  DA A OP1   1 
ATOM 127 O OP2   . DA A 1 7  ? 2.164   2.863   -18.088 1.00 205.49 ? 7  DA A OP2   1 
ATOM 128 O "O5'" . DA A 1 7  ? 3.871   4.556   -17.454 1.00 168.36 ? 7  DA A "O5'" 1 
ATOM 129 C "C5'" . DA A 1 7  ? 5.156   5.177   -17.597 1.00 151.87 ? 7  DA A "C5'" 1 
ATOM 130 C "C4'" . DA A 1 7  ? 5.590   5.714   -16.257 1.00 146.51 ? 7  DA A "C4'" 1 
ATOM 131 O "O4'" . DA A 1 7  ? 4.656   6.729   -15.815 1.00 143.18 ? 7  DA A "O4'" 1 
ATOM 132 C "C3'" . DA A 1 7  ? 5.621   4.661   -15.144 1.00 154.46 ? 7  DA A "C3'" 1 
ATOM 133 O "O3'" . DA A 1 7  ? 6.882   4.702   -14.464 1.00 172.85 ? 7  DA A "O3'" 1 
ATOM 134 C "C2'" . DA A 1 7  ? 4.460   5.061   -14.248 1.00 154.28 ? 7  DA A "C2'" 1 
ATOM 135 C "C1'" . DA A 1 7  ? 4.488   6.557   -14.423 1.00 145.12 ? 7  DA A "C1'" 1 
ATOM 136 N N9    . DA A 1 7  ? 3.278   7.268   -14.003 1.00 149.17 ? 7  DA A N9    1 
ATOM 137 C C8    . DA A 1 7  ? 1.975   6.955   -14.304 1.00 151.37 ? 7  DA A C8    1 
ATOM 138 N N7    . DA A 1 7  ? 1.097   7.767   -13.765 1.00 146.88 ? 7  DA A N7    1 
ATOM 139 C C5    . DA A 1 7  ? 1.874   8.674   -13.058 1.00 147.10 ? 7  DA A C5    1 
ATOM 140 C C6    . DA A 1 7  ? 1.539   9.784   -12.255 1.00 154.76 ? 7  DA A C6    1 
ATOM 141 N N6    . DA A 1 7  ? 0.284   10.189  -12.042 1.00 156.28 ? 7  DA A N6    1 
ATOM 142 N N1    . DA A 1 7  ? 2.549   10.472  -11.679 1.00 147.97 ? 7  DA A N1    1 
ATOM 143 C C2    . DA A 1 7  ? 3.808   10.064  -11.896 1.00 151.89 ? 7  DA A C2    1 
ATOM 144 N N3    . DA A 1 7  ? 4.248   9.035   -12.625 1.00 137.02 ? 7  DA A N3    1 
ATOM 145 C C4    . DA A 1 7  ? 3.218   8.371   -13.183 1.00 143.08 ? 7  DA A C4    1 
ATOM 146 P P     . DC A 1 8  ? 7.147   3.771   -13.180 1.00 181.96 ? 8  DC A P     1 
ATOM 147 O OP1   . DC A 1 8  ? 8.602   3.481   -13.113 1.00 193.67 ? 8  DC A OP1   1 
ATOM 148 O OP2   . DC A 1 8  ? 6.160   2.660   -13.190 1.00 180.30 ? 8  DC A OP2   1 
ATOM 149 O "O5'" . DC A 1 8  ? 6.849   4.749   -11.966 1.00 151.31 ? 8  DC A "O5'" 1 
ATOM 150 C "C5'" . DC A 1 8  ? 7.560   5.990   -11.892 1.00 161.92 ? 8  DC A "C5'" 1 
ATOM 151 C "C4'" . DC A 1 8  ? 7.340   6.617   -10.540 1.00 161.35 ? 8  DC A "C4'" 1 
ATOM 152 O "O4'" . DC A 1 8  ? 6.069   7.307   -10.503 1.00 172.13 ? 8  DC A "O4'" 1 
ATOM 153 C "C3'" . DC A 1 8  ? 7.302   5.618   -9.389  1.00 163.90 ? 8  DC A "C3'" 1 
ATOM 154 O "O3'" . DC A 1 8  ? 8.041   6.226   -8.339  1.00 180.93 ? 8  DC A "O3'" 1 
ATOM 155 C "C2'" . DC A 1 8  ? 5.820   5.496   -9.077  1.00 162.53 ? 8  DC A "C2'" 1 
ATOM 156 C "C1'" . DC A 1 8  ? 5.364   6.916   -9.336  1.00 159.67 ? 8  DC A "C1'" 1 
ATOM 157 N N1    . DC A 1 8  ? 3.922   7.089   -9.598  1.00 149.79 ? 8  DC A N1    1 
ATOM 158 C C2    . DC A 1 8  ? 3.211   8.096   -8.923  1.00 144.27 ? 8  DC A C2    1 
ATOM 159 O O2    . DC A 1 8  ? 3.805   8.803   -8.093  1.00 131.90 ? 8  DC A O2    1 
ATOM 160 N N3    . DC A 1 8  ? 1.890   8.255   -9.180  1.00 135.56 ? 8  DC A N3    1 
ATOM 161 C C4    . DC A 1 8  ? 1.281   7.461   -10.065 1.00 132.49 ? 8  DC A C4    1 
ATOM 162 N N4    . DC A 1 8  ? -0.019  7.655   -10.295 1.00 128.19 ? 8  DC A N4    1 
ATOM 163 C C5    . DC A 1 8  ? 1.984   6.443   -10.775 1.00 127.70 ? 8  DC A C5    1 
ATOM 164 C C6    . DC A 1 8  ? 3.290   6.296   -10.518 1.00 136.79 ? 8  DC A C6    1 
ATOM 165 P P     . DC A 1 9  ? 8.076   5.559   -6.919  1.00 185.66 ? 9  DC A P     1 
ATOM 166 O OP1   . DC A 1 9  ? 9.349   5.945   -6.261  1.00 207.38 ? 9  DC A OP1   1 
ATOM 167 O OP2   . DC A 1 9  ? 7.710   4.123   -7.065  1.00 180.03 ? 9  DC A OP2   1 
ATOM 168 O "O5'" . DC A 1 9  ? 6.908   6.308   -6.155  1.00 151.57 ? 9  DC A "O5'" 1 
ATOM 169 C "C5'" . DC A 1 9  ? 6.888   6.231   -4.736  1.00 152.10 ? 9  DC A "C5'" 1 
ATOM 170 C "C4'" . DC A 1 9  ? 6.803   7.621   -4.165  1.00 144.86 ? 9  DC A "C4'" 1 
ATOM 171 O "O4'" . DC A 1 9  ? 5.771   8.350   -4.869  1.00 145.89 ? 9  DC A "O4'" 1 
ATOM 172 C "C3'" . DC A 1 9  ? 6.375   7.604   -2.708  1.00 153.51 ? 9  DC A "C3'" 1 
ATOM 173 O "O3'" . DC A 1 9  ? 6.905   8.724   -2.021  1.00 166.79 ? 9  DC A "O3'" 1 
ATOM 174 C "C2'" . DC A 1 9  ? 4.864   7.645   -2.806  1.00 155.25 ? 9  DC A "C2'" 1 
ATOM 175 C "C1'" . DC A 1 9  ? 4.625   8.509   -4.033  1.00 152.62 ? 9  DC A "C1'" 1 
ATOM 176 N N1    . DC A 1 9  ? 3.435   8.059   -4.779  1.00 144.19 ? 9  DC A N1    1 
ATOM 177 C C2    . DC A 1 9  ? 2.195   8.659   -4.513  1.00 133.92 ? 9  DC A C2    1 
ATOM 178 O O2    . DC A 1 9  ? 2.147   9.618   -3.723  1.00 121.73 ? 9  DC A O2    1 
ATOM 179 N N3    . DC A 1 9  ? 1.089   8.202   -5.148  1.00 124.00 ? 9  DC A N3    1 
ATOM 180 C C4    . DC A 1 9  ? 1.185   7.172   -5.996  1.00 120.34 ? 9  DC A C4    1 
ATOM 181 N N4    . DC A 1 9  ? 0.076   6.754   -6.610  1.00 128.12 ? 9  DC A N4    1 
ATOM 182 C C5    . DC A 1 9  ? 2.428   6.525   -6.259  1.00 121.55 ? 9  DC A C5    1 
ATOM 183 C C6    . DC A 1 9  ? 3.514   6.988   -5.628  1.00 128.10 ? 9  DC A C6    1 
ATOM 184 P P     . DA A 1 10 ? 6.747   8.786   -0.458  1.00 199.62 ? 10 DA A P     1 
ATOM 185 O OP1   . DA A 1 10 ? 7.488   9.976   0.037   1.00 222.22 ? 10 DA A OP1   1 
ATOM 186 O OP2   . DA A 1 10 ? 7.044   7.437   0.082   1.00 195.93 ? 10 DA A OP2   1 
ATOM 187 O "O5'" . DA A 1 10 ? 5.183   8.976   -0.275  1.00 173.56 ? 10 DA A "O5'" 1 
ATOM 188 C "C5'" . DA A 1 10 ? 4.570   10.268  -0.201  1.00 167.63 ? 10 DA A "C5'" 1 
ATOM 189 C "C4'" . DA A 1 10 ? 3.320   10.147  0.633   1.00 163.29 ? 10 DA A "C4'" 1 
ATOM 190 O "O4'" . DA A 1 10 ? 2.259   9.580   -0.171  1.00 175.75 ? 10 DA A "O4'" 1 
ATOM 191 C "C3'" . DA A 1 10 ? 3.473   9.203   1.822   1.00 162.65 ? 10 DA A "C3'" 1 
ATOM 192 O "O3'" . DA A 1 10 ? 2.698   9.704   2.901   1.00 156.98 ? 10 DA A "O3'" 1 
ATOM 193 C "C2'" . DA A 1 10 ? 2.873   7.904   1.319   1.00 164.25 ? 10 DA A "C2'" 1 
ATOM 194 C "C1'" . DA A 1 10 ? 1.724   8.449   0.499   1.00 166.64 ? 10 DA A "C1'" 1 
ATOM 195 N N9    . DA A 1 10 ? 1.169   7.546   -0.509  1.00 163.28 ? 10 DA A N9    1 
ATOM 196 C C8    . DA A 1 10 ? 1.824   6.611   -1.272  1.00 161.02 ? 10 DA A C8    1 
ATOM 197 N N7    . DA A 1 10 ? 1.039   5.957   -2.094  1.00 150.13 ? 10 DA A N7    1 
ATOM 198 C C5    . DA A 1 10 ? -0.216  6.503   -1.863  1.00 144.38 ? 10 DA A C5    1 
ATOM 199 C C6    . DA A 1 10 ? -1.477  6.241   -2.422  1.00 137.17 ? 10 DA A C6    1 
ATOM 200 N N6    . DA A 1 10 ? -1.688  5.326   -3.370  1.00 133.70 ? 10 DA A N6    1 
ATOM 201 N N1    . DA A 1 10 ? -2.529  6.959   -1.965  1.00 130.74 ? 10 DA A N1    1 
ATOM 202 C C2    . DA A 1 10 ? -2.314  7.878   -1.014  1.00 130.73 ? 10 DA A C2    1 
ATOM 203 N N3    . DA A 1 10 ? -1.174  8.217   -0.412  1.00 132.77 ? 10 DA A N3    1 
ATOM 204 C C4    . DA A 1 10 ? -0.151  7.484   -0.888  1.00 150.33 ? 10 DA A C4    1 
ATOM 205 P P     . DG A 1 11 ? 3.057   9.269   4.366   1.00 162.23 ? 11 DG A P     1 
ATOM 206 O OP1   . DG A 1 11 ? 3.830   10.375  4.984   1.00 168.38 ? 11 DG A OP1   1 
ATOM 207 O OP2   . DG A 1 11 ? 3.605   7.888   4.317   1.00 135.37 ? 11 DG A OP2   1 
ATOM 208 O "O5'" . DG A 1 11 ? 1.642   9.213   5.082   1.00 154.74 ? 11 DG A "O5'" 1 
ATOM 209 C "C5'" . DG A 1 11 ? 0.857   10.401  5.255   1.00 151.42 ? 11 DG A "C5'" 1 
ATOM 210 C "C4'" . DG A 1 11 ? -0.542  9.987   5.643   1.00 145.17 ? 11 DG A "C4'" 1 
ATOM 211 O "O4'" . DG A 1 11 ? -1.131  9.271   4.535   1.00 142.43 ? 11 DG A "O4'" 1 
ATOM 212 C "C3'" . DG A 1 11 ? -0.568  9.028   6.827   1.00 135.72 ? 11 DG A "C3'" 1 
ATOM 213 O "O3'" . DG A 1 11 ? -1.683  9.226   7.680   1.00 144.20 ? 11 DG A "O3'" 1 
ATOM 214 C "C2'" . DG A 1 11 ? -0.683  7.663   6.190   1.00 121.47 ? 11 DG A "C2'" 1 
ATOM 215 C "C1'" . DG A 1 11 ? -1.432  7.942   4.905   1.00 118.46 ? 11 DG A "C1'" 1 
ATOM 216 N N9    . DG A 1 11 ? -1.025  7.067   3.816   1.00 115.26 ? 11 DG A N9    1 
ATOM 217 C C8    . DG A 1 11 ? 0.252   6.659   3.511   1.00 119.18 ? 11 DG A C8    1 
ATOM 218 N N7    . DG A 1 11 ? 0.296   5.823   2.508   1.00 113.59 ? 11 DG A N7    1 
ATOM 219 C C5    . DG A 1 11 ? -1.032  5.660   2.139   1.00 107.11 ? 11 DG A C5    1 
ATOM 220 C C6    . DG A 1 11 ? -1.608  4.875   1.106   1.00 93.46  ? 11 DG A C6    1 
ATOM 221 O O6    . DG A 1 11 ? -1.043  4.144   0.291   1.00 107.80 ? 11 DG A O6    1 
ATOM 222 N N1    . DG A 1 11 ? -2.992  5.001   1.078   1.00 90.39  ? 11 DG A N1    1 
ATOM 223 C C2    . DG A 1 11 ? -3.729  5.793   1.920   1.00 104.18 ? 11 DG A C2    1 
ATOM 224 N N2    . DG A 1 11 ? -5.055  5.786   1.724   1.00 101.93 ? 11 DG A N2    1 
ATOM 225 N N3    . DG A 1 11 ? -3.205  6.529   2.891   1.00 115.00 ? 11 DG A N3    1 
ATOM 226 C C4    . DG A 1 11 ? -1.860  6.421   2.935   1.00 117.10 ? 11 DG A C4    1 
ATOM 227 P P     . DA A 1 12 ? -1.730  8.449   9.060   1.00 173.38 ? 12 DA A P     1 
ATOM 228 O OP1   . DA A 1 12 ? -1.978  9.432   10.146  1.00 172.97 ? 12 DA A OP1   1 
ATOM 229 O OP2   . DA A 1 12 ? -0.562  7.530   9.130   1.00 182.39 ? 12 DA A OP2   1 
ATOM 230 O "O5'" . DA A 1 12 ? -3.001  7.523   8.882   1.00 153.60 ? 12 DA A "O5'" 1 
ATOM 231 C "C5'" . DA A 1 12 ? -4.268  8.117   8.613   1.00 142.14 ? 12 DA A "C5'" 1 
ATOM 232 C "C4'" . DA A 1 12 ? -5.108  7.095   7.894   1.00 130.08 ? 12 DA A "C4'" 1 
ATOM 233 O "O4'" . DA A 1 12 ? -4.341  6.595   6.788   1.00 115.60 ? 12 DA A "O4'" 1 
ATOM 234 C "C3'" . DA A 1 12 ? -5.457  5.873   8.748   1.00 133.60 ? 12 DA A "C3'" 1 
ATOM 235 O "O3'" . DA A 1 12 ? -6.872  5.801   8.907   1.00 140.41 ? 12 DA A "O3'" 1 
ATOM 236 C "C2'" . DA A 1 12 ? -4.930  4.688   7.955   1.00 122.94 ? 12 DA A "C2'" 1 
ATOM 237 C "C1'" . DA A 1 12 ? -4.759  5.272   6.573   1.00 114.61 ? 12 DA A "C1'" 1 
ATOM 238 N N9    . DA A 1 12 ? -3.752  4.619   5.753   1.00 104.49 ? 12 DA A N9    1 
ATOM 239 C C8    . DA A 1 12 ? -2.386  4.718   5.830   1.00 107.92 ? 12 DA A C8    1 
ATOM 240 N N7    . DA A 1 12 ? -1.753  4.003   4.933   1.00 101.34 ? 12 DA A N7    1 
ATOM 241 C C5    . DA A 1 12 ? -2.770  3.394   4.215   1.00 102.88 ? 12 DA A C5    1 
ATOM 242 C C6    . DA A 1 12 ? -2.759  2.515   3.119   1.00 113.78 ? 12 DA A C6    1 
ATOM 243 N N6    . DA A 1 12 ? -1.643  2.066   2.540   1.00 118.59 ? 12 DA A N6    1 
ATOM 244 N N1    . DA A 1 12 ? -3.951  2.100   2.636   1.00 122.52 ? 12 DA A N1    1 
ATOM 245 C C2    . DA A 1 12 ? -5.071  2.544   3.223   1.00 125.53 ? 12 DA A C2    1 
ATOM 246 N N3    . DA A 1 12 ? -5.208  3.371   4.259   1.00 110.16 ? 12 DA A N3    1 
ATOM 247 C C4    . DA A 1 12 ? -4.007  3.772   4.705   1.00 101.63 ? 12 DA A C4    1 
ATOM 248 P P     . DC A 1 13 ? -7.496  4.928   10.071  1.00 151.30 ? 13 DC A P     1 
ATOM 249 O OP1   . DC A 1 13 ? -8.817  5.511   10.411  1.00 154.91 ? 13 DC A OP1   1 
ATOM 250 O OP2   . DC A 1 13 ? -6.464  4.734   11.127  1.00 157.62 ? 13 DC A OP2   1 
ATOM 251 O "O5'" . DC A 1 13 ? -7.745  3.529   9.362   1.00 125.10 ? 13 DC A "O5'" 1 
ATOM 252 C "C5'" . DC A 1 13 ? -8.737  3.434   8.343   1.00 123.81 ? 13 DC A "C5'" 1 
ATOM 253 C "C4'" . DC A 1 13 ? -8.639  2.095   7.656   1.00 123.78 ? 13 DC A "C4'" 1 
ATOM 254 O "O4'" . DC A 1 13 ? -7.459  2.025   6.834   1.00 110.95 ? 13 DC A "O4'" 1 
ATOM 255 C "C3'" . DC A 1 13 ? -8.543  0.888   8.585   1.00 129.43 ? 13 DC A "C3'" 1 
ATOM 256 O "O3'" . DC A 1 13 ? -9.865  0.390   8.788   1.00 141.50 ? 13 DC A "O3'" 1 
ATOM 257 C "C2'" . DC A 1 13 ? -7.618  -0.071  7.841   1.00 127.94 ? 13 DC A "C2'" 1 
ATOM 258 C "C1'" . DC A 1 13 ? -7.271  0.656   6.551   1.00 109.79 ? 13 DC A "C1'" 1 
ATOM 259 N N1    . DC A 1 13 ? -5.887  0.473   6.080   1.00 105.62 ? 13 DC A N1    1 
ATOM 260 C C2    . DC A 1 13 ? -5.639  -0.433  5.040   1.00 121.87 ? 13 DC A C2    1 
ATOM 261 O O2    . DC A 1 13 ? -6.589  -1.057  4.546   1.00 126.83 ? 13 DC A O2    1 
ATOM 262 N N3    . DC A 1 13 ? -4.371  -0.600  4.594   1.00 119.42 ? 13 DC A N3    1 
ATOM 263 C C4    . DC A 1 13 ? -3.375  0.095   5.147   1.00 121.76 ? 13 DC A C4    1 
ATOM 264 N N4    . DC A 1 13 ? -2.142  -0.099  4.677   1.00 127.12 ? 13 DC A N4    1 
ATOM 265 C C5    . DC A 1 13 ? -3.600  1.025   6.205   1.00 98.58  ? 13 DC A C5    1 
ATOM 266 C C6    . DC A 1 13 ? -4.860  1.187   6.630   1.00 95.99  ? 13 DC A C6    1 
ATOM 267 P P     . DG A 1 14 ? -10.109 -0.880  9.707   1.00 147.69 ? 14 DG A P     1 
ATOM 268 O OP1   . DG A 1 14 ? -11.545 -0.902  10.080  1.00 156.07 ? 14 DG A OP1   1 
ATOM 269 O OP2   . DG A 1 14 ? -9.048  -0.916  10.746  1.00 161.24 ? 14 DG A OP2   1 
ATOM 270 O "O5'" . DG A 1 14 ? -9.898  -2.088  8.704   1.00 115.75 ? 14 DG A "O5'" 1 
ATOM 271 C "C5'" . DG A 1 14 ? -10.664 -2.137  7.500   1.00 124.23 ? 14 DG A "C5'" 1 
ATOM 272 C "C4'" . DG A 1 14 ? -10.188 -3.313  6.689   1.00 136.69 ? 14 DG A "C4'" 1 
ATOM 273 O "O4'" . DG A 1 14 ? -8.814  -3.079  6.294   1.00 143.23 ? 14 DG A "O4'" 1 
ATOM 274 C "C3'" . DG A 1 14 ? -10.171 -4.613  7.492   1.00 144.39 ? 14 DG A "C3'" 1 
ATOM 275 O "O3'" . DG A 1 14 ? -10.579 -5.739  6.718   1.00 142.02 ? 14 DG A "O3'" 1 
ATOM 276 C "C2'" . DG A 1 14 ? -8.707  -4.788  7.843   1.00 144.86 ? 14 DG A "C2'" 1 
ATOM 277 C "C1'" . DG A 1 14 ? -8.066  -4.243  6.589   1.00 136.45 ? 14 DG A "C1'" 1 
ATOM 278 N N9    . DG A 1 14 ? -6.661  -3.868  6.724   1.00 126.90 ? 14 DG A N9    1 
ATOM 279 C C8    . DG A 1 14 ? -6.098  -3.058  7.681   1.00 127.06 ? 14 DG A C8    1 
ATOM 280 N N7    . DG A 1 14 ? -4.807  -2.925  7.543   1.00 118.28 ? 14 DG A N7    1 
ATOM 281 C C5    . DG A 1 14 ? -4.499  -3.696  6.431   1.00 106.97 ? 14 DG A C5    1 
ATOM 282 C C6    . DG A 1 14 ? -3.257  -3.938  5.801   1.00 110.15 ? 14 DG A C6    1 
ATOM 283 O O6    . DG A 1 14 ? -2.143  -3.515  6.116   1.00 121.02 ? 14 DG A O6    1 
ATOM 284 N N1    . DG A 1 14 ? -3.392  -4.792  4.709   1.00 105.42 ? 14 DG A N1    1 
ATOM 285 C C2    . DG A 1 14 ? -4.577  -5.324  4.267   1.00 103.26 ? 14 DG A C2    1 
ATOM 286 N N2    . DG A 1 14 ? -4.509  -6.116  3.187   1.00 104.12 ? 14 DG A N2    1 
ATOM 287 N N3    . DG A 1 14 ? -5.747  -5.101  4.845   1.00 100.63 ? 14 DG A N3    1 
ATOM 288 C C4    . DG A 1 14 ? -5.634  -4.280  5.910   1.00 105.38 ? 14 DG A C4    1 
ATOM 289 P P     . DG A 1 15 ? -10.978 -7.084  7.466   1.00 142.58 ? 15 DG A P     1 
ATOM 290 O OP1   . DG A 1 15 ? -12.339 -7.455  7.015   1.00 170.26 ? 15 DG A OP1   1 
ATOM 291 O OP2   . DG A 1 15 ? -10.716 -6.905  8.914   1.00 153.35 ? 15 DG A OP2   1 
ATOM 292 O "O5'" . DG A 1 15 ? -9.940  -8.148  6.895   1.00 114.14 ? 15 DG A "O5'" 1 
ATOM 293 C "C5'" . DG A 1 15 ? -10.112 -8.597  5.548   1.00 126.04 ? 15 DG A "C5'" 1 
ATOM 294 C "C4'" . DG A 1 15 ? -8.778  -8.912  4.921   1.00 128.60 ? 15 DG A "C4'" 1 
ATOM 295 O "O4'" . DG A 1 15 ? -7.789  -7.925  5.298   1.00 143.94 ? 15 DG A "O4'" 1 
ATOM 296 C "C3'" . DG A 1 15 ? -8.222  -10.261 5.361   1.00 134.02 ? 15 DG A "C3'" 1 
ATOM 297 O "O3'" . DG A 1 15 ? -7.908  -11.055 4.230   1.00 133.92 ? 15 DG A "O3'" 1 
ATOM 298 C "C2'" . DG A 1 15 ? -6.964  -9.911  6.130   1.00 146.10 ? 15 DG A "C2'" 1 
ATOM 299 C "C1'" . DG A 1 15 ? -6.564  -8.596  5.512   1.00 137.13 ? 15 DG A "C1'" 1 
ATOM 300 N N9    . DG A 1 15 ? -5.719  -7.763  6.368   1.00 130.97 ? 15 DG A N9    1 
ATOM 301 C C8    . DG A 1 15 ? -6.114  -6.966  7.416   1.00 130.14 ? 15 DG A C8    1 
ATOM 302 N N7    . DG A 1 15 ? -5.119  -6.354  7.999   1.00 117.83 ? 15 DG A N7    1 
ATOM 303 C C5    . DG A 1 15 ? -3.997  -6.800  7.315   1.00 108.45 ? 15 DG A C5    1 
ATOM 304 C C6    . DG A 1 15 ? -2.631  -6.488  7.498   1.00 101.98 ? 15 DG A C6    1 
ATOM 305 O O6    . DG A 1 15 ? -2.124  -5.720  8.320   1.00 102.44 ? 15 DG A O6    1 
ATOM 306 N N1    . DG A 1 15 ? -1.827  -7.159  6.584   1.00 93.75  ? 15 DG A N1    1 
ATOM 307 C C2    . DG A 1 15 ? -2.282  -8.015  5.610   1.00 108.43 ? 15 DG A C2    1 
ATOM 308 N N2    . DG A 1 15 ? -1.352  -8.568  4.818   1.00 128.29 ? 15 DG A N2    1 
ATOM 309 N N3    . DG A 1 15 ? -3.555  -8.308  5.425   1.00 104.50 ? 15 DG A N3    1 
ATOM 310 C C4    . DG A 1 15 ? -4.351  -7.673  6.308   1.00 109.06 ? 15 DG A C4    1 
ATOM 311 P P     . DT A 1 16 ? -7.737  -12.615 4.421   1.00 159.15 ? 16 DT A P     1 
ATOM 312 O OP1   . DT A 1 16 ? -8.946  -13.273 3.876   1.00 164.05 ? 16 DT A OP1   1 
ATOM 313 O OP2   . DT A 1 16 ? -7.347  -12.866 5.837   1.00 134.43 ? 16 DT A OP2   1 
ATOM 314 O "O5'" . DT A 1 16 ? -6.534  -12.958 3.437   1.00 163.27 ? 16 DT A "O5'" 1 
ATOM 315 C "C5'" . DT A 1 16 ? -5.330  -12.166 3.412   1.00 168.64 ? 16 DT A "C5'" 1 
ATOM 316 C "C4'" . DT A 1 16 ? -4.107  -13.044 3.557   1.00 172.69 ? 16 DT A "C4'" 1 
ATOM 317 O "O4'" . DT A 1 16 ? -3.103  -12.335 4.318   1.00 174.22 ? 16 DT A "O4'" 1 
ATOM 318 C "C3'" . DT A 1 16 ? -4.300  -14.354 4.316   1.00 161.94 ? 16 DT A "C3'" 1 
ATOM 319 O "O3'" . DT A 1 16 ? -3.241  -15.246 3.973   1.00 151.43 ? 16 DT A "O3'" 1 
ATOM 320 C "C2'" . DT A 1 16 ? -4.081  -13.922 5.749   1.00 155.50 ? 16 DT A "C2'" 1 
ATOM 321 C "C1'" . DT A 1 16 ? -2.880  -13.013 5.554   1.00 147.31 ? 16 DT A "C1'" 1 
ATOM 322 N N1    . DT A 1 16 ? -2.620  -11.988 6.576   1.00 124.42 ? 16 DT A N1    1 
ATOM 323 C C2    . DT A 1 16 ? -1.308  -11.612 6.747   1.00 123.79 ? 16 DT A C2    1 
ATOM 324 O O2    . DT A 1 16 ? -0.381  -12.131 6.143   1.00 111.19 ? 16 DT A O2    1 
ATOM 325 N N3    . DT A 1 16 ? -1.116  -10.614 7.670   1.00 133.35 ? 16 DT A N3    1 
ATOM 326 C C4    . DT A 1 16 ? -2.085  -9.957  8.404   1.00 126.46 ? 16 DT A C4    1 
ATOM 327 O O4    . DT A 1 16 ? -1.761  -9.072  9.190   1.00 126.76 ? 16 DT A O4    1 
ATOM 328 C C5    . DT A 1 16 ? -3.440  -10.390 8.162   1.00 117.72 ? 16 DT A C5    1 
ATOM 329 C C7    . DT A 1 16 ? -4.554  -9.749  8.929   1.00 111.24 ? 16 DT A C7    1 
ATOM 330 C C6    . DT A 1 16 ? -3.641  -11.361 7.261   1.00 111.62 ? 16 DT A C6    1 
ATOM 331 P P     . DA A 1 17 ? -3.460  -16.805 4.122   1.00 157.77 ? 17 DA A P     1 
ATOM 332 O OP1   . DA A 1 17 ? -4.276  -17.254 2.971   1.00 156.32 ? 17 DA A OP1   1 
ATOM 333 O OP2   . DA A 1 17 ? -3.899  -17.083 5.516   1.00 133.40 ? 17 DA A OP2   1 
ATOM 334 O "O5'" . DA A 1 17 ? -2.009  -17.415 3.918   1.00 133.71 ? 17 DA A "O5'" 1 
ATOM 335 C "C5'" . DA A 1 17 ? -1.070  -16.841 3.002   1.00 124.24 ? 17 DA A "C5'" 1 
ATOM 336 C "C4'" . DA A 1 17 ? 0.271   -16.783 3.688   1.00 119.13 ? 17 DA A "C4'" 1 
ATOM 337 O "O4'" . DA A 1 17 ? 0.238   -15.831 4.773   1.00 115.88 ? 17 DA A "O4'" 1 
ATOM 338 C "C3'" . DA A 1 17 ? 0.682   -18.097 4.337   1.00 109.46 ? 17 DA A "C3'" 1 
ATOM 339 O "O3'" . DA A 1 17 ? 2.098   -18.160 4.222   1.00 126.69 ? 17 DA A "O3'" 1 
ATOM 340 C "C2'" . DA A 1 17 ? 0.231   -17.926 5.774   1.00 95.56  ? 17 DA A "C2'" 1 
ATOM 341 C "C1'" . DA A 1 17 ? 0.576   -16.485 5.987   1.00 96.34  ? 17 DA A "C1'" 1 
ATOM 342 N N9    . DA A 1 17 ? -0.172  -15.825 7.037   1.00 100.37 ? 17 DA A N9    1 
ATOM 343 C C8    . DA A 1 17 ? -1.520  -15.866 7.279   1.00 104.56 ? 17 DA A C8    1 
ATOM 344 N N7    . DA A 1 17 ? -1.903  -15.090 8.262   1.00 106.64 ? 17 DA A N7    1 
ATOM 345 C C5    . DA A 1 17 ? -0.735  -14.454 8.657   1.00 111.90 ? 17 DA A C5    1 
ATOM 346 C C6    . DA A 1 17 ? -0.467  -13.501 9.658   1.00 118.66 ? 17 DA A C6    1 
ATOM 347 N N6    . DA A 1 17 ? -1.398  -12.993 10.465  1.00 127.28 ? 17 DA A N6    1 
ATOM 348 N N1    . DA A 1 17 ? 0.814   -13.095 9.811   1.00 114.34 ? 17 DA A N1    1 
ATOM 349 C C2    . DA A 1 17 ? 1.752   -13.617 9.007   1.00 119.38 ? 17 DA A C2    1 
ATOM 350 N N3    . DA A 1 17 ? 1.623   -14.522 8.035   1.00 100.10 ? 17 DA A N3    1 
ATOM 351 C C4    . DA A 1 17 ? 0.338   -14.890 7.900   1.00 104.15 ? 17 DA A C4    1 
ATOM 352 P P     . DC A 1 18 ? 2.887   -19.371 4.851   1.00 142.10 ? 18 DC A P     1 
ATOM 353 O OP1   . DC A 1 18 ? 4.086   -19.624 4.011   1.00 128.10 ? 18 DC A OP1   1 
ATOM 354 O OP2   . DC A 1 18 ? 1.931   -20.480 5.110   1.00 140.31 ? 18 DC A OP2   1 
ATOM 355 O "O5'" . DC A 1 18 ? 3.293   -18.781 6.263   1.00 124.02 ? 18 DC A "O5'" 1 
ATOM 356 C "C5'" . DC A 1 18 ? 4.513   -19.185 6.847   1.00 115.05 ? 18 DC A "C5'" 1 
ATOM 357 C "C4'" . DC A 1 18 ? 5.091   -18.008 7.581   1.00 112.30 ? 18 DC A "C4'" 1 
ATOM 358 O "O4'" . DC A 1 18 ? 4.015   -17.121 7.968   1.00 112.97 ? 18 DC A "O4'" 1 
ATOM 359 C "C3'" . DC A 1 18 ? 5.781   -18.426 8.870   1.00 112.57 ? 18 DC A "C3'" 1 
ATOM 360 O "O3'" . DC A 1 18 ? 6.944   -17.645 9.057   1.00 114.36 ? 18 DC A "O3'" 1 
ATOM 361 C "C2'" . DC A 1 18 ? 4.740   -18.134 9.924   1.00 110.53 ? 18 DC A "C2'" 1 
ATOM 362 C "C1'" . DC A 1 18 ? 4.072   -16.912 9.369   1.00 104.83 ? 18 DC A "C1'" 1 
ATOM 363 N N1    . DC A 1 18 ? 2.700   -16.723 9.864   1.00 108.98 ? 18 DC A N1    1 
ATOM 364 C C2    . DC A 1 18 ? 2.504   -15.953 11.021  1.00 108.77 ? 18 DC A C2    1 
ATOM 365 O O2    . DC A 1 18 ? 3.488   -15.446 11.578  1.00 110.93 ? 18 DC A O2    1 
ATOM 366 N N3    . DC A 1 18 ? 1.248   -15.763 11.486  1.00 98.77  ? 18 DC A N3    1 
ATOM 367 C C4    . DC A 1 18 ? 0.216   -16.350 10.875  1.00 114.74 ? 18 DC A C4    1 
ATOM 368 N N4    . DC A 1 18 ? -1.003  -16.140 11.373  1.00 117.98 ? 18 DC A N4    1 
ATOM 369 C C5    . DC A 1 18 ? 0.388   -17.163 9.711   1.00 115.03 ? 18 DC A C5    1 
ATOM 370 C C6    . DC A 1 18 ? 1.636   -17.324 9.246   1.00 110.87 ? 18 DC A C6    1 
ATOM 371 P P     . DT A 1 19 ? 8.133   -18.204 9.935   1.00 142.90 ? 19 DT A P     1 
ATOM 372 O OP1   . DT A 1 19 ? 9.254   -18.522 9.028   1.00 157.46 ? 19 DT A OP1   1 
ATOM 373 O OP2   . DT A 1 19 ? 7.624   -19.252 10.871  1.00 116.31 ? 19 DT A OP2   1 
ATOM 374 O "O5'" . DT A 1 19 ? 8.479   -16.914 10.780  1.00 120.25 ? 19 DT A "O5'" 1 
ATOM 375 C "C5'" . DT A 1 19 ? 7.412   -16.195 11.387  1.00 110.13 ? 19 DT A "C5'" 1 
ATOM 376 C "C4'" . DT A 1 19 ? 7.891   -15.722 12.731  1.00 122.73 ? 19 DT A "C4'" 1 
ATOM 377 O "O4'" . DT A 1 19 ? 6.762   -15.493 13.591  1.00 123.33 ? 19 DT A "O4'" 1 
ATOM 378 C "C3'" . DT A 1 19 ? 8.748   -16.734 13.475  1.00 118.72 ? 19 DT A "C3'" 1 
ATOM 379 O "O3'" . DT A 1 19 ? 9.523   -15.932 14.366  1.00 134.69 ? 19 DT A "O3'" 1 
ATOM 380 C "C2'" . DT A 1 19 ? 7.698   -17.599 14.142  1.00 118.53 ? 19 DT A "C2'" 1 
ATOM 381 C "C1'" . DT A 1 19 ? 6.656   -16.551 14.540  1.00 120.09 ? 19 DT A "C1'" 1 
ATOM 382 N N1    . DT A 1 19 ? 5.239   -16.952 14.573  1.00 110.30 ? 19 DT A N1    1 
ATOM 383 C C2    . DT A 1 19 ? 4.420   -16.336 15.496  1.00 109.26 ? 19 DT A C2    1 
ATOM 384 O O2    . DT A 1 19 ? 4.828   -15.552 16.337  1.00 104.63 ? 19 DT A O2    1 
ATOM 385 N N3    . DT A 1 19 ? 3.097   -16.694 15.414  1.00 106.52 ? 19 DT A N3    1 
ATOM 386 C C4    . DT A 1 19 ? 2.523   -17.563 14.507  1.00 100.31 ? 19 DT A C4    1 
ATOM 387 O O4    . DT A 1 19 ? 1.315   -17.786 14.553  1.00 97.44  ? 19 DT A O4    1 
ATOM 388 C C5    . DT A 1 19 ? 3.434   -18.144 13.549  1.00 87.85  ? 19 DT A C5    1 
ATOM 389 C C7    . DT A 1 19 ? 2.898   -19.106 12.538  1.00 89.26  ? 19 DT A C7    1 
ATOM 390 C C6    . DT A 1 19 ? 4.725   -17.796 13.613  1.00 89.83  ? 19 DT A C6    1 
ATOM 391 P P     . DC A 1 20 ? 10.616  -16.587 15.283  1.00 135.83 ? 20 DC A P     1 
ATOM 392 O OP1   . DC A 1 20 ? 11.703  -15.598 15.483  1.00 142.84 ? 20 DC A OP1   1 
ATOM 393 O OP2   . DC A 1 20 ? 10.920  -17.930 14.730  1.00 136.10 ? 20 DC A OP2   1 
ATOM 394 O "O5'" . DC A 1 20 ? 9.865   -16.665 16.679  1.00 128.62 ? 20 DC A "O5'" 1 
ATOM 395 C "C5'" . DC A 1 20 ? 9.361   -15.461 17.273  1.00 124.97 ? 20 DC A "C5'" 1 
ATOM 396 C "C4'" . DC A 1 20 ? 8.698   -15.774 18.593  1.00 132.53 ? 20 DC A "C4'" 1 
ATOM 397 O "O4'" . DC A 1 20 ? 7.356   -16.268 18.371  1.00 136.62 ? 20 DC A "O4'" 1 
ATOM 398 C "C3'" . DC A 1 20 ? 9.399   -16.849 19.416  1.00 122.11 ? 20 DC A "C3'" 1 
ATOM 399 O "O3'" . DC A 1 20 ? 9.161   -16.552 20.779  1.00 127.53 ? 20 DC A "O3'" 1 
ATOM 400 C "C2'" . DC A 1 20 ? 8.628   -18.101 19.071  1.00 119.97 ? 20 DC A "C2'" 1 
ATOM 401 C "C1'" . DC A 1 20 ? 7.218   -17.537 18.983  1.00 118.45 ? 20 DC A "C1'" 1 
ATOM 402 N N1    . DC A 1 20 ? 6.235   -18.310 18.205  1.00 112.18 ? 20 DC A N1    1 
ATOM 403 C C2    . DC A 1 20 ? 4.878   -18.148 18.500  1.00 104.88 ? 20 DC A C2    1 
ATOM 404 O O2    . DC A 1 20 ? 4.550   -17.352 19.394  1.00 105.31 ? 20 DC A O2    1 
ATOM 405 N N3    . DC A 1 20 ? 3.962   -18.864 17.808  1.00 104.35 ? 20 DC A N3    1 
ATOM 406 C C4    . DC A 1 20 ? 4.359   -19.709 16.850  1.00 114.35 ? 20 DC A C4    1 
ATOM 407 N N4    . DC A 1 20 ? 3.426   -20.391 16.186  1.00 115.16 ? 20 DC A N4    1 
ATOM 408 C C5    . DC A 1 20 ? 5.735   -19.890 16.529  1.00 108.40 ? 20 DC A C5    1 
ATOM 409 C C6    . DC A 1 20 ? 6.629   -19.178 17.223  1.00 111.22 ? 20 DC A C6    1 
ATOM 410 P P     . DA A 1 21 ? 10.372  -16.436 21.777  1.00 152.73 ? 21 DA A P     1 
ATOM 411 O OP1   . DA A 1 21 ? 11.303  -15.418 21.233  1.00 144.69 ? 21 DA A OP1   1 
ATOM 412 O OP2   . DA A 1 21 ? 10.867  -17.816 22.057  1.00 133.67 ? 21 DA A OP2   1 
ATOM 413 O "O5'" . DA A 1 21 ? 9.675   -15.794 23.059  1.00 150.74 ? 21 DA A "O5'" 1 
ATOM 414 C "C5'" . DA A 1 21 ? 8.726   -14.705 22.918  1.00 139.17 ? 21 DA A "C5'" 1 
ATOM 415 C "C4'" . DA A 1 21 ? 7.463   -14.965 23.710  1.00 126.57 ? 21 DA A "C4'" 1 
ATOM 416 O "O4'" . DA A 1 21 ? 6.601   -15.940 23.070  1.00 118.61 ? 21 DA A "O4'" 1 
ATOM 417 C "C3'" . DA A 1 21 ? 7.681   -15.495 25.121  1.00 114.65 ? 21 DA A "C3'" 1 
ATOM 418 O "O3'" . DA A 1 21 ? 6.625   -14.985 25.928  1.00 103.53 ? 21 DA A "O3'" 1 
ATOM 419 C "C2'" . DA A 1 21 ? 7.544   -16.995 24.942  1.00 114.79 ? 21 DA A "C2'" 1 
ATOM 420 C "C1'" . DA A 1 21 ? 6.435   -17.077 23.911  1.00 96.11  ? 21 DA A "C1'" 1 
ATOM 421 N N9    . DA A 1 21 ? 6.470   -18.253 23.057  1.00 89.93  ? 21 DA A N9    1 
ATOM 422 C C8    . DA A 1 21 ? 7.561   -18.918 22.549  1.00 99.93  ? 21 DA A C8    1 
ATOM 423 N N7    . DA A 1 21 ? 7.249   -19.910 21.748  1.00 95.61  ? 21 DA A N7    1 
ATOM 424 C C5    . DA A 1 21 ? 5.864   -19.871 21.696  1.00 94.58  ? 21 DA A C5    1 
ATOM 425 C C6    . DA A 1 21 ? 4.925   -20.655 21.010  1.00 90.99  ? 21 DA A C6    1 
ATOM 426 N N6    . DA A 1 21 ? 5.257   -21.668 20.211  1.00 99.63  ? 21 DA A N6    1 
ATOM 427 N N1    . DA A 1 21 ? 3.616   -20.369 21.190  1.00 89.44  ? 21 DA A N1    1 
ATOM 428 C C2    . DA A 1 21 ? 3.287   -19.347 21.992  1.00 99.66  ? 21 DA A C2    1 
ATOM 429 N N3    . DA A 1 21 ? 4.081   -18.533 22.688  1.00 100.97 ? 21 DA A N3    1 
ATOM 430 C C4    . DA A 1 21 ? 5.372   -18.851 22.491  1.00 98.50  ? 21 DA A C4    1 
ATOM 431 P P     . DC B 2 1  ? 7.699   -3.907  3.769   1.00 143.49 ? 0  DC B P     1 
ATOM 432 O OP1   . DC B 2 1  ? 8.803   -2.997  4.151   1.00 151.97 ? 0  DC B OP1   1 
ATOM 433 O OP2   . DC B 2 1  ? 7.962   -4.986  2.787   1.00 167.45 ? 0  DC B OP2   1 
ATOM 434 O "O5'" . DC B 2 1  ? 7.293   -4.687  5.090   1.00 118.03 ? 0  DC B "O5'" 1 
ATOM 435 C "C5'" . DC B 2 1  ? 5.973   -5.226  5.229   1.00 114.36 ? 0  DC B "C5'" 1 
ATOM 436 C "C4'" . DC B 2 1  ? 5.905   -6.653  4.723   1.00 104.73 ? 0  DC B "C4'" 1 
ATOM 437 O "O4'" . DC B 2 1  ? 5.377   -7.503  5.762   1.00 104.08 ? 0  DC B "O4'" 1 
ATOM 438 C "C3'" . DC B 2 1  ? 4.995   -6.867  3.510   1.00 97.57  ? 0  DC B "C3'" 1 
ATOM 439 O "O3'" . DC B 2 1  ? 5.737   -7.276  2.373   1.00 101.60 ? 0  DC B "O3'" 1 
ATOM 440 C "C2'" . DC B 2 1  ? 4.077   -8.001  3.911   1.00 84.98  ? 0  DC B "C2'" 1 
ATOM 441 C "C1'" . DC B 2 1  ? 4.068   -7.899  5.417   1.00 91.90  ? 0  DC B "C1'" 1 
ATOM 442 N N1    . DC B 2 1  ? 3.119   -6.967  6.072   1.00 89.57  ? 0  DC B N1    1 
ATOM 443 C C2    . DC B 2 1  ? 1.777   -6.987  5.683   1.00 95.77  ? 0  DC B C2    1 
ATOM 444 O O2    . DC B 2 1  ? 1.427   -7.753  4.776   1.00 108.98 ? 0  DC B O2    1 
ATOM 445 N N3    . DC B 2 1  ? 0.893   -6.176  6.307   1.00 98.74  ? 0  DC B N3    1 
ATOM 446 C C4    . DC B 2 1  ? 1.305   -5.382  7.299   1.00 102.60 ? 0  DC B C4    1 
ATOM 447 N N4    . DC B 2 1  ? 0.399   -4.600  7.889   1.00 105.08 ? 0  DC B N4    1 
ATOM 448 C C5    . DC B 2 1  ? 2.663   -5.356  7.730   1.00 91.52  ? 0  DC B C5    1 
ATOM 449 C C6    . DC B 2 1  ? 3.525   -6.162  7.100   1.00 80.97  ? 0  DC B C6    1 
ATOM 450 P P     . DC B 2 2  ? 5.553   -6.489  1.010   1.00 108.24 ? 1  DC B P     1 
ATOM 451 O OP1   . DC B 2 2  ? 6.559   -7.013  0.055   1.00 115.70 ? 1  DC B OP1   1 
ATOM 452 O OP2   . DC B 2 2  ? 5.479   -5.039  1.316   1.00 109.37 ? 1  DC B OP2   1 
ATOM 453 O "O5'" . DC B 2 2  ? 4.091   -6.892  0.535   1.00 106.61 ? 1  DC B "O5'" 1 
ATOM 454 C "C5'" . DC B 2 2  ? 3.873   -8.115  -0.182  1.00 109.08 ? 1  DC B "C5'" 1 
ATOM 455 C "C4'" . DC B 2 2  ? 2.392   -8.384  -0.279  1.00 109.59 ? 1  DC B "C4'" 1 
ATOM 456 O "O4'" . DC B 2 2  ? 1.805   -8.294  1.031   1.00 113.11 ? 1  DC B "O4'" 1 
ATOM 457 C "C3'" . DC B 2 2  ? 1.620   -7.367  -1.097  1.00 115.28 ? 1  DC B "C3'" 1 
ATOM 458 O "O3'" . DC B 2 2  ? 1.573   -7.724  -2.469  1.00 115.72 ? 1  DC B "O3'" 1 
ATOM 459 C "C2'" . DC B 2 2  ? 0.226   -7.470  -0.522  1.00 109.66 ? 1  DC B "C2'" 1 
ATOM 460 C "C1'" . DC B 2 2  ? 0.478   -7.790  0.930   1.00 99.64  ? 1  DC B "C1'" 1 
ATOM 461 N N1    . DC B 2 2  ? 0.367   -6.636  1.819   1.00 95.81  ? 1  DC B N1    1 
ATOM 462 C C2    . DC B 2 2  ? -0.897  -6.284  2.306   1.00 105.86 ? 1  DC B C2    1 
ATOM 463 O O2    . DC B 2 2  ? -1.885  -6.940  1.938   1.00 110.97 ? 1  DC B O2    1 
ATOM 464 N N3    . DC B 2 2  ? -1.010  -5.243  3.164   1.00 96.83  ? 1  DC B N3    1 
ATOM 465 C C4    . DC B 2 2  ? 0.079   -4.560  3.526   1.00 105.17 ? 1  DC B C4    1 
ATOM 466 N N4    . DC B 2 2  ? -0.078  -3.529  4.354   1.00 111.75 ? 1  DC B N4    1 
ATOM 467 C C5    . DC B 2 2  ? 1.377   -4.897  3.044   1.00 110.94 ? 1  DC B C5    1 
ATOM 468 C C6    . DC B 2 2  ? 1.474   -5.927  2.195   1.00 98.35  ? 1  DC B C6    1 
ATOM 469 P P     . DG B 2 3  ? 1.121   -6.634  -3.489  1.00 129.47 ? 2  DG B P     1 
ATOM 470 O OP1   . DG B 2 3  ? 1.377   -7.152  -4.854  1.00 129.50 ? 2  DG B OP1   1 
ATOM 471 O OP2   . DG B 2 3  ? 1.668   -5.329  -3.031  1.00 125.45 ? 2  DG B OP2   1 
ATOM 472 O "O5'" . DG B 2 3  ? -0.437  -6.504  -3.223  1.00 118.56 ? 2  DG B "O5'" 1 
ATOM 473 C "C5'" . DG B 2 3  ? -1.337  -7.573  -3.513  1.00 113.83 ? 2  DG B "C5'" 1 
ATOM 474 C "C4'" . DG B 2 3  ? -2.684  -7.158  -2.981  1.00 120.15 ? 2  DG B "C4'" 1 
ATOM 475 O "O4'" . DG B 2 3  ? -2.478  -6.554  -1.681  1.00 104.18 ? 2  DG B "O4'" 1 
ATOM 476 C "C3'" . DG B 2 3  ? -3.357  -6.078  -3.826  1.00 133.63 ? 2  DG B "C3'" 1 
ATOM 477 O "O3'" . DG B 2 3  ? -4.774  -6.267  -3.877  1.00 161.43 ? 2  DG B "O3'" 1 
ATOM 478 C "C2'" . DG B 2 3  ? -3.043  -4.804  -3.072  1.00 120.21 ? 2  DG B "C2'" 1 
ATOM 479 C "C1'" . DG B 2 3  ? -3.109  -5.302  -1.656  1.00 99.38  ? 2  DG B "C1'" 1 
ATOM 480 N N9    . DG B 2 3  ? -2.397  -4.449  -0.719  1.00 109.48 ? 2  DG B N9    1 
ATOM 481 C C8    . DG B 2 3  ? -1.052  -4.162  -0.688  1.00 111.81 ? 2  DG B C8    1 
ATOM 482 N N7    . DG B 2 3  ? -0.732  -3.316  0.255   1.00 106.08 ? 2  DG B N7    1 
ATOM 483 C C5    . DG B 2 3  ? -1.940  -3.010  0.867   1.00 100.75 ? 2  DG B C5    1 
ATOM 484 C C6    . DG B 2 3  ? -2.231  -2.133  1.947   1.00 111.81 ? 2  DG B C6    1 
ATOM 485 O O6    . DG B 2 3  ? -1.450  -1.433  2.606   1.00 99.49  ? 2  DG B O6    1 
ATOM 486 N N1    . DG B 2 3  ? -3.589  -2.131  2.253   1.00 113.44 ? 2  DG B N1    1 
ATOM 487 C C2    . DG B 2 3  ? -4.548  -2.864  1.592   1.00 112.31 ? 2  DG B C2    1 
ATOM 488 N N2    . DG B 2 3  ? -5.807  -2.729  2.031   1.00 118.49 ? 2  DG B N2    1 
ATOM 489 N N3    . DG B 2 3  ? -4.292  -3.675  0.580   1.00 98.20  ? 2  DG B N3    1 
ATOM 490 C C4    . DG B 2 3  ? -2.978  -3.698  0.273   1.00 104.03 ? 2  DG B C4    1 
ATOM 491 P P     . DT B 2 4  ? -5.555  -5.980  -5.240  1.00 159.88 ? 3  DT B P     1 
ATOM 492 O OP1   . DT B 2 4  ? -6.138  -7.261  -5.719  1.00 177.09 ? 3  DT B OP1   1 
ATOM 493 O OP2   . DT B 2 4  ? -4.661  -5.183  -6.118  1.00 139.31 ? 3  DT B OP2   1 
ATOM 494 O "O5'" . DT B 2 4  ? -6.741  -5.031  -4.784  1.00 124.46 ? 3  DT B "O5'" 1 
ATOM 495 C "C5'" . DT B 2 4  ? -6.443  -3.714  -4.363  1.00 103.84 ? 3  DT B "C5'" 1 
ATOM 496 C "C4'" . DT B 2 4  ? -7.364  -3.362  -3.228  1.00 112.70 ? 3  DT B "C4'" 1 
ATOM 497 O "O4'" . DT B 2 4  ? -6.568  -3.004  -2.077  1.00 110.53 ? 3  DT B "O4'" 1 
ATOM 498 C "C3'" . DT B 2 4  ? -8.238  -2.149  -3.531  1.00 126.17 ? 3  DT B "C3'" 1 
ATOM 499 O "O3'" . DT B 2 4  ? -9.501  -2.189  -2.877  1.00 138.60 ? 3  DT B "O3'" 1 
ATOM 500 C "C2'" . DT B 2 4  ? -7.486  -1.018  -2.883  1.00 118.91 ? 3  DT B "C2'" 1 
ATOM 501 C "C1'" . DT B 2 4  ? -6.945  -1.702  -1.656  1.00 111.17 ? 3  DT B "C1'" 1 
ATOM 502 N N1    . DT B 2 4  ? -5.760  -1.026  -1.120  1.00 116.12 ? 3  DT B N1    1 
ATOM 503 C C2    . DT B 2 4  ? -5.951  -0.050  -0.165  1.00 124.31 ? 3  DT B C2    1 
ATOM 504 O O2    . DT B 2 4  ? -7.051  0.251   0.272   1.00 122.79 ? 3  DT B O2    1 
ATOM 505 N N3    . DT B 2 4  ? -4.800  0.560   0.268   1.00 120.71 ? 3  DT B N3    1 
ATOM 506 C C4    . DT B 2 4  ? -3.509  0.303   -0.155  1.00 120.17 ? 3  DT B C4    1 
ATOM 507 O O4    . DT B 2 4  ? -2.572  0.928   0.332   1.00 118.19 ? 3  DT B O4    1 
ATOM 508 C C5    . DT B 2 4  ? -3.387  -0.717  -1.177  1.00 116.79 ? 3  DT B C5    1 
ATOM 509 C C7    . DT B 2 4  ? -2.030  -1.053  -1.712  1.00 114.36 ? 3  DT B C7    1 
ATOM 510 C C6    . DT B 2 4  ? -4.504  -1.313  -1.611  1.00 111.99 ? 3  DT B C6    1 
ATOM 511 P P     . DC B 2 5  ? -10.826 -2.002  -3.720  1.00 147.94 ? 4  DC B P     1 
ATOM 512 O OP1   . DC B 2 5  ? -11.749 -3.099  -3.355  1.00 181.95 ? 4  DC B OP1   1 
ATOM 513 O OP2   . DC B 2 5  ? -10.457 -1.797  -5.143  1.00 125.45 ? 4  DC B OP2   1 
ATOM 514 O "O5'" . DC B 2 5  ? -11.442 -0.664  -3.129  1.00 120.81 ? 4  DC B "O5'" 1 
ATOM 515 C "C5'" . DC B 2 5  ? -10.916 0.594   -3.525  1.00 105.67 ? 4  DC B "C5'" 1 
ATOM 516 C "C4'" . DC B 2 5  ? -10.731 1.440   -2.291  1.00 107.55 ? 4  DC B "C4'" 1 
ATOM 517 O "O4'" . DC B 2 5  ? -9.338  1.447   -1.920  1.00 108.72 ? 4  DC B "O4'" 1 
ATOM 518 C "C3'" . DC B 2 5  ? -11.150 2.902   -2.450  1.00 102.59 ? 4  DC B "C3'" 1 
ATOM 519 O "O3'" . DC B 2 5  ? -12.164 3.168   -1.487  1.00 109.75 ? 4  DC B "O3'" 1 
ATOM 520 C "C2'" . DC B 2 5  ? -9.880  3.699   -2.194  1.00 101.50 ? 4  DC B "C2'" 1 
ATOM 521 C "C1'" . DC B 2 5  ? -8.994  2.733   -1.441  1.00 102.85 ? 4  DC B "C1'" 1 
ATOM 522 N N1    . DC B 2 5  ? -7.532  2.909   -1.601  1.00 98.50  ? 4  DC B N1    1 
ATOM 523 C C2    . DC B 2 5  ? -6.877  3.864   -0.809  1.00 101.95 ? 4  DC B C2    1 
ATOM 524 O O2    . DC B 2 5  ? -7.548  4.561   -0.028  1.00 86.16  ? 4  DC B O2    1 
ATOM 525 N N3    . DC B 2 5  ? -5.534  4.006   -0.920  1.00 100.91 ? 4  DC B N3    1 
ATOM 526 C C4    . DC B 2 5  ? -4.851  3.237   -1.774  1.00 97.11  ? 4  DC B C4    1 
ATOM 527 N N4    . DC B 2 5  ? -3.532  3.416   -1.862  1.00 104.83 ? 4  DC B N4    1 
ATOM 528 C C5    . DC B 2 5  ? -5.493  2.259   -2.588  1.00 89.81  ? 4  DC B C5    1 
ATOM 529 C C6    . DC B 2 5  ? -6.819  2.131   -2.472  1.00 89.35  ? 4  DC B C6    1 
ATOM 530 P P     . DT B 2 6  ? -13.300 4.235   -1.788  1.00 111.02 ? 5  DT B P     1 
ATOM 531 O OP1   . DT B 2 6  ? -14.472 3.933   -0.935  1.00 142.60 ? 5  DT B OP1   1 
ATOM 532 O OP2   . DT B 2 6  ? -13.473 4.340   -3.244  1.00 100.87 ? 5  DT B OP2   1 
ATOM 533 O "O5'" . DT B 2 6  ? -12.664 5.571   -1.230  1.00 91.86  ? 5  DT B "O5'" 1 
ATOM 534 C "C5'" . DT B 2 6  ? -12.075 6.452   -2.167  1.00 95.46  ? 5  DT B "C5'" 1 
ATOM 535 C "C4'" . DT B 2 6  ? -11.076 7.332   -1.465  1.00 92.43  ? 5  DT B "C4'" 1 
ATOM 536 O "O4'" . DT B 2 6  ? -9.779  6.764   -1.705  1.00 102.71 ? 5  DT B "O4'" 1 
ATOM 537 C "C3'" . DT B 2 6  ? -11.030 8.761   -2.007  1.00 84.83  ? 5  DT B "C3'" 1 
ATOM 538 O "O3'" . DT B 2 6  ? -11.340 9.698   -0.989  1.00 65.10  ? 5  DT B "O3'" 1 
ATOM 539 C "C2'" . DT B 2 6  ? -9.610  8.935   -2.508  1.00 89.59  ? 5  DT B "C2'" 1 
ATOM 540 C "C1'" . DT B 2 6  ? -8.855  7.812   -1.854  1.00 96.69  ? 5  DT B "C1'" 1 
ATOM 541 N N1    . DT B 2 6  ? -7.677  7.281   -2.575  1.00 98.43  ? 5  DT B N1    1 
ATOM 542 C C2    . DT B 2 6  ? -6.455  7.767   -2.175  1.00 109.75 ? 5  DT B C2    1 
ATOM 543 O O2    . DT B 2 6  ? -6.331  8.647   -1.337  1.00 111.51 ? 5  DT B O2    1 
ATOM 544 N N3    . DT B 2 6  ? -5.378  7.211   -2.819  1.00 108.12 ? 5  DT B N3    1 
ATOM 545 C C4    . DT B 2 6  ? -5.402  6.215   -3.774  1.00 111.29 ? 5  DT B C4    1 
ATOM 546 O O4    . DT B 2 6  ? -4.351  5.822   -4.275  1.00 133.97 ? 5  DT B O4    1 
ATOM 547 C C5    . DT B 2 6  ? -6.716  5.729   -4.125  1.00 97.57  ? 5  DT B C5    1 
ATOM 548 C C7    . DT B 2 6  ? -6.833  4.642   -5.146  1.00 93.10  ? 5  DT B C7    1 
ATOM 549 C C6    . DT B 2 6  ? -7.775  6.271   -3.509  1.00 84.53  ? 5  DT B C6    1 
ATOM 550 O "O5'" . DT C 3 1  ? 5.932   -32.359 19.148  1.00 147.40 ? 1  DT C "O5'" 1 
ATOM 551 C "C5'" . DT C 3 1  ? 4.767   -33.143 18.817  1.00 137.14 ? 1  DT C "C5'" 1 
ATOM 552 C "C4'" . DT C 3 1  ? 3.514   -32.332 19.051  1.00 125.66 ? 1  DT C "C4'" 1 
ATOM 553 O "O4'" . DT C 3 1  ? 3.631   -31.641 20.315  1.00 110.49 ? 1  DT C "O4'" 1 
ATOM 554 C "C3'" . DT C 3 1  ? 3.271   -31.257 17.990  1.00 123.64 ? 1  DT C "C3'" 1 
ATOM 555 O "O3'" . DT C 3 1  ? 2.205   -31.502 17.051  1.00 134.41 ? 1  DT C "O3'" 1 
ATOM 556 C "C2'" . DT C 3 1  ? 3.164   -29.957 18.769  1.00 119.38 ? 1  DT C "C2'" 1 
ATOM 557 C "C1'" . DT C 3 1  ? 3.066   -30.354 20.231  1.00 108.24 ? 1  DT C "C1'" 1 
ATOM 558 N N1    . DT C 3 1  ? 3.837   -29.474 21.142  1.00 112.05 ? 1  DT C N1    1 
ATOM 559 C C2    . DT C 3 1  ? 3.163   -28.700 22.061  1.00 115.04 ? 1  DT C C2    1 
ATOM 560 O O2    . DT C 3 1  ? 1.946   -28.685 22.155  1.00 116.45 ? 1  DT C O2    1 
ATOM 561 N N3    . DT C 3 1  ? 3.971   -27.915 22.853  1.00 110.42 ? 1  DT C N3    1 
ATOM 562 C C4    . DT C 3 1  ? 5.353   -27.848 22.829  1.00 104.16 ? 1  DT C C4    1 
ATOM 563 O O4    . DT C 3 1  ? 5.945   -27.097 23.600  1.00 86.30  ? 1  DT C O4    1 
ATOM 564 C C5    . DT C 3 1  ? 5.994   -28.698 21.852  1.00 112.92 ? 1  DT C C5    1 
ATOM 565 C C7    . DT C 3 1  ? 7.486   -28.687 21.747  1.00 121.49 ? 1  DT C C7    1 
ATOM 566 C C6    . DT C 3 1  ? 5.216   -29.463 21.073  1.00 116.22 ? 1  DT C C6    1 
ATOM 567 P P     . DC C 3 2  ? 0.665   -31.762 17.489  1.00 142.08 ? 2  DC C P     1 
ATOM 568 O OP1   . DC C 3 2  ? 0.592   -33.064 18.192  1.00 149.18 ? 2  DC C OP1   1 
ATOM 569 O OP2   . DC C 3 2  ? -0.173  -31.565 16.271  1.00 128.16 ? 2  DC C OP2   1 
ATOM 570 O "O5'" . DC C 3 2  ? 0.324   -30.593 18.517  1.00 109.69 ? 2  DC C "O5'" 1 
ATOM 571 C "C5'" . DC C 3 2  ? -0.470  -29.504 18.043  1.00 118.30 ? 2  DC C "C5'" 1 
ATOM 572 C "C4'" . DC C 3 2  ? -1.317  -28.929 19.147  1.00 123.70 ? 2  DC C "C4'" 1 
ATOM 573 O "O4'" . DC C 3 2  ? -0.474  -28.395 20.191  1.00 126.86 ? 2  DC C "O4'" 1 
ATOM 574 C "C3'" . DC C 3 2  ? -2.150  -27.754 18.665  1.00 125.68 ? 2  DC C "C3'" 1 
ATOM 575 O "O3'" . DC C 3 2  ? -3.329  -27.637 19.453  1.00 142.75 ? 2  DC C "O3'" 1 
ATOM 576 C "C2'" . DC C 3 2  ? -1.219  -26.579 18.883  1.00 124.67 ? 2  DC C "C2'" 1 
ATOM 577 C "C1'" . DC C 3 2  ? -0.506  -26.964 20.164  1.00 122.43 ? 2  DC C "C1'" 1 
ATOM 578 N N1    . DC C 3 2  ? 0.886   -26.486 20.255  1.00 121.81 ? 2  DC C N1    1 
ATOM 579 C C2    . DC C 3 2  ? 1.215   -25.441 21.137  1.00 120.74 ? 2  DC C C2    1 
ATOM 580 O O2    . DC C 3 2  ? 0.313   -24.903 21.799  1.00 116.01 ? 2  DC C O2    1 
ATOM 581 N N3    . DC C 3 2  ? 2.508   -25.043 21.237  1.00 106.39 ? 2  DC C N3    1 
ATOM 582 C C4    . DC C 3 2  ? 3.452   -25.653 20.511  1.00 105.62 ? 2  DC C C4    1 
ATOM 583 N N4    . DC C 3 2  ? 4.714   -25.232 20.639  1.00 95.24  ? 2  DC C N4    1 
ATOM 584 C C5    . DC C 3 2  ? 3.142   -26.714 19.608  1.00 104.20 ? 2  DC C C5    1 
ATOM 585 C C6    . DC C 3 2  ? 1.861   -27.097 19.518  1.00 108.17 ? 2  DC C C6    1 
ATOM 586 P P     . DT C 3 3  ? -4.541  -26.779 18.911  1.00 153.26 ? 3  DT C P     1 
ATOM 587 O OP1   . DT C 3 3  ? -5.742  -27.139 19.697  1.00 171.94 ? 3  DT C OP1   1 
ATOM 588 O OP2   . DT C 3 3  ? -4.580  -26.922 17.431  1.00 171.58 ? 3  DT C OP2   1 
ATOM 589 O "O5'" . DT C 3 3  ? -4.129  -25.310 19.353  1.00 147.71 ? 3  DT C "O5'" 1 
ATOM 590 C "C5'" . DT C 3 3  ? -3.871  -25.036 20.741  1.00 146.75 ? 3  DT C "C5'" 1 
ATOM 591 C "C4'" . DT C 3 3  ? -3.921  -23.551 21.020  1.00 150.91 ? 3  DT C "C4'" 1 
ATOM 592 O "O4'" . DT C 3 3  ? -2.569  -23.061 21.166  1.00 151.99 ? 3  DT C "O4'" 1 
ATOM 593 C "C3'" . DT C 3 3  ? -4.545  -22.682 19.931  1.00 145.77 ? 3  DT C "C3'" 1 
ATOM 594 O "O3'" . DT C 3 3  ? -5.053  -21.485 20.527  1.00 150.09 ? 3  DT C "O3'" 1 
ATOM 595 C "C2'" . DT C 3 3  ? -3.345  -22.334 19.077  1.00 144.04 ? 3  DT C "C2'" 1 
ATOM 596 C "C1'" . DT C 3 3  ? -2.315  -22.081 20.170  1.00 141.60 ? 3  DT C "C1'" 1 
ATOM 597 N N1    . DT C 3 3  ? -0.887  -22.167 19.810  1.00 129.27 ? 3  DT C N1    1 
ATOM 598 C C2    . DT C 3 3  ? 0.000   -21.359 20.492  1.00 136.26 ? 3  DT C C2    1 
ATOM 599 O O2    . DT C 3 3  ? -0.345  -20.562 21.351  1.00 139.54 ? 3  DT C O2    1 
ATOM 600 N N3    . DT C 3 3  ? 1.311   -21.507 20.117  1.00 133.67 ? 3  DT C N3    1 
ATOM 601 C C4    . DT C 3 3  ? 1.815   -22.367 19.162  1.00 125.44 ? 3  DT C C4    1 
ATOM 602 O O4    . DT C 3 3  ? 3.020   -22.382 18.932  1.00 132.43 ? 3  DT C O4    1 
ATOM 603 C C5    . DT C 3 3  ? 0.833   -23.194 18.495  1.00 118.99 ? 3  DT C C5    1 
ATOM 604 C C7    . DT C 3 3  ? 1.284   -24.151 17.436  1.00 117.63 ? 3  DT C C7    1 
ATOM 605 C C6    . DT C 3 3  ? -0.450  -23.061 18.855  1.00 111.93 ? 3  DT C C6    1 
ATOM 606 P P     . DG C 3 4  ? -6.444  -20.883 20.052  1.00 163.45 ? 4  DG C P     1 
ATOM 607 O OP1   . DG C 3 4  ? -7.508  -21.497 20.882  1.00 173.44 ? 4  DG C OP1   1 
ATOM 608 O OP2   . DG C 3 4  ? -6.513  -20.987 18.571  1.00 153.01 ? 4  DG C OP2   1 
ATOM 609 O "O5'" . DG C 3 4  ? -6.331  -19.352 20.464  1.00 136.08 ? 4  DG C "O5'" 1 
ATOM 610 C "C5'" . DG C 3 4  ? -5.957  -18.973 21.798  1.00 133.89 ? 4  DG C "C5'" 1 
ATOM 611 C "C4'" . DG C 3 4  ? -5.022  -17.789 21.745  1.00 137.59 ? 4  DG C "C4'" 1 
ATOM 612 O "O4'" . DG C 3 4  ? -3.793  -18.153 21.076  1.00 138.90 ? 4  DG C "O4'" 1 
ATOM 613 C "C3'" . DG C 3 4  ? -5.556  -16.597 20.963  1.00 133.07 ? 4  DG C "C3'" 1 
ATOM 614 O "O3'" . DG C 3 4  ? -4.969  -15.433 21.520  1.00 135.42 ? 4  DG C "O3'" 1 
ATOM 615 C "C2'" . DG C 3 4  ? -4.975  -16.802 19.579  1.00 132.94 ? 4  DG C "C2'" 1 
ATOM 616 C "C1'" . DG C 3 4  ? -3.597  -17.303 19.952  1.00 129.29 ? 4  DG C "C1'" 1 
ATOM 617 N N9    . DG C 3 4  ? -2.872  -18.071 18.952  1.00 119.47 ? 4  DG C N9    1 
ATOM 618 C C8    . DG C 3 4  ? -3.373  -18.921 17.993  1.00 120.92 ? 4  DG C C8    1 
ATOM 619 N N7    . DG C 3 4  ? -2.441  -19.510 17.293  1.00 106.99 ? 4  DG C N7    1 
ATOM 620 C C5    . DG C 3 4  ? -1.256  -19.043 17.844  1.00 107.73 ? 4  DG C C5    1 
ATOM 621 C C6    . DG C 3 4  ? 0.086   -19.338 17.512  1.00 99.83  ? 4  DG C C6    1 
ATOM 622 O O6    . DG C 3 4  ? 0.509   -20.097 16.634  1.00 97.80  ? 4  DG C O6    1 
ATOM 623 N N1    . DG C 3 4  ? 0.980   -18.640 18.320  1.00 103.38 ? 4  DG C N1    1 
ATOM 624 C C2    . DG C 3 4  ? 0.623   -17.768 19.324  1.00 119.37 ? 4  DG C C2    1 
ATOM 625 N N2    . DG C 3 4  ? 1.625   -17.188 19.996  1.00 135.60 ? 4  DG C N2    1 
ATOM 626 N N3    . DG C 3 4  ? -0.627  -17.491 19.649  1.00 108.95 ? 4  DG C N3    1 
ATOM 627 C C4    . DG C 3 4  ? -1.508  -18.159 18.873  1.00 113.99 ? 4  DG C C4    1 
ATOM 628 P P     . DA C 3 5  ? -5.771  -14.091 21.473  1.00 178.33 ? 5  DA C P     1 
ATOM 629 O OP1   . DA C 3 5  ? -6.555  -13.994 22.731  1.00 178.80 ? 5  DA C OP1   1 
ATOM 630 O OP2   . DA C 3 5  ? -6.449  -14.023 20.152  1.00 166.27 ? 5  DA C OP2   1 
ATOM 631 O "O5'" . DA C 3 5  ? -4.639  -12.976 21.501  1.00 169.24 ? 5  DA C "O5'" 1 
ATOM 632 C "C5'" . DA C 3 5  ? -3.783  -12.801 22.641  1.00 156.90 ? 5  DA C "C5'" 1 
ATOM 633 C "C4'" . DA C 3 5  ? -2.456  -12.241 22.188  1.00 153.15 ? 5  DA C "C4'" 1 
ATOM 634 O "O4'" . DA C 3 5  ? -1.815  -13.148 21.256  1.00 158.38 ? 5  DA C "O4'" 1 
ATOM 635 C "C3'" . DA C 3 5  ? -2.543  -10.914 21.441  1.00 132.76 ? 5  DA C "C3'" 1 
ATOM 636 O "O3'" . DA C 3 5  ? -1.292  -10.258 21.645  1.00 126.81 ? 5  DA C "O3'" 1 
ATOM 637 C "C2'" . DA C 3 5  ? -2.643  -11.358 19.996  1.00 131.75 ? 5  DA C "C2'" 1 
ATOM 638 C "C1'" . DA C 3 5  ? -1.624  -12.482 20.012  1.00 128.65 ? 5  DA C "C1'" 1 
ATOM 639 N N9    . DA C 3 5  ? -1.752  -13.479 18.959  1.00 110.73 ? 5  DA C N9    1 
ATOM 640 C C8    . DA C 3 5  ? -2.888  -14.081 18.480  1.00 110.84 ? 5  DA C C8    1 
ATOM 641 N N7    . DA C 3 5  ? -2.660  -14.971 17.544  1.00 108.71 ? 5  DA C N7    1 
ATOM 642 C C5    . DA C 3 5  ? -1.280  -14.972 17.417  1.00 103.85 ? 5  DA C C5    1 
ATOM 643 C C6    . DA C 3 5  ? -0.411  -15.705 16.597  1.00 102.58 ? 5  DA C C6    1 
ATOM 644 N N6    . DA C 3 5  ? -0.822  -16.617 15.714  1.00 100.96 ? 5  DA C N6    1 
ATOM 645 N N1    . DA C 3 5  ? 0.914   -15.465 16.713  1.00 109.04 ? 5  DA C N1    1 
ATOM 646 C C2    . DA C 3 5  ? 1.325   -14.549 17.605  1.00 107.95 ? 5  DA C C2    1 
ATOM 647 N N3    . DA C 3 5  ? 0.603   -13.797 18.431  1.00 101.57 ? 5  DA C N3    1 
ATOM 648 C C4    . DA C 3 5  ? -0.706  -14.064 18.288  1.00 106.06 ? 5  DA C C4    1 
ATOM 649 P P     . DG C 3 6  ? -1.247  -8.702  21.877  1.00 147.39 ? 6  DG C P     1 
ATOM 650 O OP1   . DG C 3 6  ? -0.634  -8.443  23.205  1.00 161.18 ? 6  DG C OP1   1 
ATOM 651 O OP2   . DG C 3 6  ? -2.579  -8.152  21.534  1.00 156.54 ? 6  DG C OP2   1 
ATOM 652 O "O5'" . DG C 3 6  ? -0.238  -8.186  20.764  1.00 133.74 ? 6  DG C "O5'" 1 
ATOM 653 C "C5'" . DG C 3 6  ? -0.079  -8.906  19.551  1.00 113.37 ? 6  DG C "C5'" 1 
ATOM 654 C "C4'" . DG C 3 6  ? 1.362   -9.324  19.455  1.00 112.24 ? 6  DG C "C4'" 1 
ATOM 655 O "O4'" . DG C 3 6  ? 1.441   -10.626 18.842  1.00 114.35 ? 6  DG C "O4'" 1 
ATOM 656 C "C3'" . DG C 3 6  ? 2.162   -8.394  18.561  1.00 113.10 ? 6  DG C "C3'" 1 
ATOM 657 O "O3'" . DG C 3 6  ? 3.505   -8.273  19.022  1.00 120.25 ? 6  DG C "O3'" 1 
ATOM 658 C "C2'" . DG C 3 6  ? 2.000   -9.024  17.194  1.00 105.64 ? 6  DG C "C2'" 1 
ATOM 659 C "C1'" . DG C 3 6  ? 1.885   -10.507 17.498  1.00 104.32 ? 6  DG C "C1'" 1 
ATOM 660 N N9    . DG C 3 6  ? 0.928   -11.206 16.651  1.00 100.22 ? 6  DG C N9    1 
ATOM 661 C C8    . DG C 3 6  ? -0.444  -11.126 16.702  1.00 96.99  ? 6  DG C C8    1 
ATOM 662 N N7    . DG C 3 6  ? -1.033  -11.876 15.810  1.00 94.93  ? 6  DG C N7    1 
ATOM 663 C C5    . DG C 3 6  ? 0.012   -12.477 15.123  1.00 91.65  ? 6  DG C C5    1 
ATOM 664 C C6    . DG C 3 6  ? -0.008  -13.389 14.038  1.00 101.07 ? 6  DG C C6    1 
ATOM 665 O O6    . DG C 3 6  ? -0.984  -13.869 13.456  1.00 108.53 ? 6  DG C O6    1 
ATOM 666 N N1    . DG C 3 6  ? 1.277   -13.746 13.643  1.00 110.87 ? 6  DG C N1    1 
ATOM 667 C C2    . DG C 3 6  ? 2.437   -13.280 14.215  1.00 122.57 ? 6  DG C C2    1 
ATOM 668 N N2    . DG C 3 6  ? 3.585   -13.744 13.692  1.00 128.65 ? 6  DG C N2    1 
ATOM 669 N N3    . DG C 3 6  ? 2.468   -12.425 15.227  1.00 105.51 ? 6  DG C N3    1 
ATOM 670 C C4    . DG C 3 6  ? 1.229   -12.069 15.627  1.00 95.85  ? 6  DG C C4    1 
ATOM 671 P P     . DT C 3 7  ? 4.396   -7.060  18.503  1.00 134.09 ? 7  DT C P     1 
ATOM 672 O OP1   . DT C 3 7  ? 5.580   -6.961  19.390  1.00 142.38 ? 7  DT C OP1   1 
ATOM 673 O OP2   . DT C 3 7  ? 3.513   -5.875  18.307  1.00 119.82 ? 7  DT C OP2   1 
ATOM 674 O "O5'" . DT C 3 7  ? 4.879   -7.579  17.081  1.00 121.51 ? 7  DT C "O5'" 1 
ATOM 675 C "C5'" . DT C 3 7  ? 5.515   -8.850  17.010  1.00 123.34 ? 7  DT C "C5'" 1 
ATOM 676 C "C4'" . DT C 3 7  ? 5.783   -9.213  15.572  1.00 127.69 ? 7  DT C "C4'" 1 
ATOM 677 O "O4'" . DT C 3 7  ? 4.604   -9.758  14.943  1.00 135.41 ? 7  DT C "O4'" 1 
ATOM 678 C "C3'" . DT C 3 7  ? 6.256   -8.066  14.677  1.00 112.32 ? 7  DT C "C3'" 1 
ATOM 679 O "O3'" . DT C 3 7  ? 7.524   -8.551  14.236  1.00 113.84 ? 7  DT C "O3'" 1 
ATOM 680 C "C2'" . DT C 3 7  ? 5.181   -7.978  13.598  1.00 122.60 ? 7  DT C "C2'" 1 
ATOM 681 C "C1'" . DT C 3 7  ? 4.657   -9.400  13.577  1.00 126.19 ? 7  DT C "C1'" 1 
ATOM 682 N N1    . DT C 3 7  ? 3.321   -9.686  12.979  1.00 116.77 ? 7  DT C N1    1 
ATOM 683 C C2    . DT C 3 7  ? 3.262   -10.475 11.847  1.00 121.17 ? 7  DT C C2    1 
ATOM 684 O O2    . DT C 3 7  ? 4.254   -10.889 11.266  1.00 129.10 ? 7  DT C O2    1 
ATOM 685 N N3    . DT C 3 7  ? 1.989   -10.750 11.406  1.00 115.34 ? 7  DT C N3    1 
ATOM 686 C C4    . DT C 3 7  ? 0.799   -10.345 11.985  1.00 100.36 ? 7  DT C C4    1 
ATOM 687 O O4    . DT C 3 7  ? -0.271  -10.668 11.475  1.00 90.43  ? 7  DT C O4    1 
ATOM 688 C C5    . DT C 3 7  ? 0.934   -9.543  13.177  1.00 91.97  ? 7  DT C C5    1 
ATOM 689 C C7    . DT C 3 7  ? -0.302  -9.055  13.866  1.00 84.27  ? 7  DT C C7    1 
ATOM 690 C C6    . DT C 3 7  ? 2.171   -9.269  13.618  1.00 106.88 ? 7  DT C C6    1 
ATOM 691 P P     . DA C 3 8  ? 8.431   -7.699  13.284  1.00 115.14 ? 8  DA C P     1 
ATOM 692 O OP1   . DA C 3 8  ? 9.849   -8.098  13.535  1.00 106.62 ? 8  DA C OP1   1 
ATOM 693 O OP2   . DA C 3 8  ? 7.987   -6.284  13.409  1.00 100.89 ? 8  DA C OP2   1 
ATOM 694 O "O5'" . DA C 3 8  ? 8.058   -8.231  11.834  1.00 86.90  ? 8  DA C "O5'" 1 
ATOM 695 C "C5'" . DA C 3 8  ? 9.050   -8.239  10.800  1.00 85.77  ? 8  DA C "C5'" 1 
ATOM 696 C "C4'" . DA C 3 8  ? 8.451   -8.819  9.544   1.00 81.65  ? 8  DA C "C4'" 1 
ATOM 697 O "O4'" . DA C 3 8  ? 7.032   -8.966  9.772   1.00 95.98  ? 8  DA C "O4'" 1 
ATOM 698 C "C3'" . DA C 3 8  ? 8.577   -7.927  8.318   1.00 79.11  ? 8  DA C "C3'" 1 
ATOM 699 O "O3'" . DA C 3 8  ? 8.788   -8.699  7.144   1.00 86.09  ? 8  DA C "O3'" 1 
ATOM 700 C "C2'" . DA C 3 8  ? 7.221   -7.270  8.235   1.00 88.49  ? 8  DA C "C2'" 1 
ATOM 701 C "C1'" . DA C 3 8  ? 6.331   -8.384  8.701   1.00 85.42  ? 8  DA C "C1'" 1 
ATOM 702 N N9    . DA C 3 8  ? 5.043   -7.926  9.203   1.00 84.41  ? 8  DA C N9    1 
ATOM 703 C C8    . DA C 3 8  ? 4.788   -6.965  10.145  1.00 77.56  ? 8  DA C C8    1 
ATOM 704 N N7    . DA C 3 8  ? 3.512   -6.761  10.357  1.00 92.40  ? 8  DA C N7    1 
ATOM 705 C C5    . DA C 3 8  ? 2.884   -7.653  9.503   1.00 94.56  ? 8  DA C C5    1 
ATOM 706 C C6    . DA C 3 8  ? 1.529   -7.924  9.245   1.00 106.12 ? 8  DA C C6    1 
ATOM 707 N N6    . DA C 3 8  ? 0.520   -7.306  9.863   1.00 119.32 ? 8  DA C N6    1 
ATOM 708 N N1    . DA C 3 8  ? 1.242   -8.864  8.319   1.00 112.62 ? 8  DA C N1    1 
ATOM 709 C C2    . DA C 3 8  ? 2.257   -9.496  7.712   1.00 116.13 ? 8  DA C C2    1 
ATOM 710 N N3    . DA C 3 8  ? 3.568   -9.330  7.871   1.00 98.81  ? 8  DA C N3    1 
ATOM 711 C C4    . DA C 3 8  ? 3.816   -8.376  8.784   1.00 91.11  ? 8  DA C C4    1 
ATOM 712 P P     . DG D 4 1  ? -9.016  11.889  -6.881  1.00 126.95 ? 10 DG D P     1 
ATOM 713 O OP1   . DG D 4 1  ? -9.705  12.680  -7.923  1.00 123.89 ? 10 DG D OP1   1 
ATOM 714 O OP2   . DG D 4 1  ? -9.109  10.416  -6.911  1.00 98.58  ? 10 DG D OP2   1 
ATOM 715 O "O5'" . DG D 4 1  ? -9.526  12.451  -5.480  1.00 107.68 ? 10 DG D "O5'" 1 
ATOM 716 C "C5'" . DG D 4 1  ? -9.482  11.640  -4.298  1.00 109.57 ? 10 DG D "C5'" 1 
ATOM 717 C "C4'" . DG D 4 1  ? -8.254  11.935  -3.466  1.00 113.41 ? 10 DG D "C4'" 1 
ATOM 718 O "O4'" . DG D 4 1  ? -7.615  10.703  -3.076  1.00 107.61 ? 10 DG D "O4'" 1 
ATOM 719 C "C3'" . DG D 4 1  ? -7.147  12.735  -4.136  1.00 113.96 ? 10 DG D "C3'" 1 
ATOM 720 O "O3'" . DG D 4 1  ? -7.361  14.120  -3.937  1.00 110.46 ? 10 DG D "O3'" 1 
ATOM 721 C "C2'" . DG D 4 1  ? -5.926  12.327  -3.347  1.00 107.82 ? 10 DG D "C2'" 1 
ATOM 722 C "C1'" . DG D 4 1  ? -6.206  10.871  -3.079  1.00 99.39  ? 10 DG D "C1'" 1 
ATOM 723 N N9    . DG D 4 1  ? -5.650  9.981   -4.086  1.00 92.04  ? 10 DG D N9    1 
ATOM 724 C C8    . DG D 4 1  ? -6.321  9.187   -4.983  1.00 92.36  ? 10 DG D C8    1 
ATOM 725 N N7    . DG D 4 1  ? -5.523  8.471   -5.728  1.00 91.46  ? 10 DG D N7    1 
ATOM 726 C C5    . DG D 4 1  ? -4.251  8.823   -5.302  1.00 90.72  ? 10 DG D C5    1 
ATOM 727 C C6    . DG D 4 1  ? -2.985  8.378   -5.740  1.00 94.62  ? 10 DG D C6    1 
ATOM 728 O O6    . DG D 4 1  ? -2.722  7.575   -6.640  1.00 102.77 ? 10 DG D O6    1 
ATOM 729 N N1    . DG D 4 1  ? -1.954  8.965   -5.011  1.00 96.95  ? 10 DG D N1    1 
ATOM 730 C C2    . DG D 4 1  ? -2.124  9.871   -3.998  1.00 99.79  ? 10 DG D C2    1 
ATOM 731 N N2    . DG D 4 1  ? -1.004  10.338  -3.428  1.00 109.79 ? 10 DG D N2    1 
ATOM 732 N N3    . DG D 4 1  ? -3.302  10.313  -3.595  1.00 97.34  ? 10 DG D N3    1 
ATOM 733 C C4    . DG D 4 1  ? -4.314  9.743   -4.280  1.00 92.29  ? 10 DG D C4    1 
ATOM 734 P P     . DG D 4 2  ? -6.834  15.129  -5.002  1.00 116.23 ? 11 DG D P     1 
ATOM 735 O OP1   . DG D 4 2  ? -7.218  16.491  -4.541  1.00 110.48 ? 11 DG D OP1   1 
ATOM 736 O OP2   . DG D 4 2  ? -7.206  14.620  -6.355  1.00 96.77  ? 11 DG D OP2   1 
ATOM 737 O "O5'" . DG D 4 2  ? -5.261  14.975  -4.885  1.00 113.66 ? 11 DG D "O5'" 1 
ATOM 738 C "C5'" . DG D 4 2  ? -4.558  15.660  -3.844  1.00 117.06 ? 11 DG D "C5'" 1 
ATOM 739 C "C4'" . DG D 4 2  ? -3.163  15.099  -3.793  1.00 118.00 ? 11 DG D "C4'" 1 
ATOM 740 O "O4'" . DG D 4 2  ? -3.259  13.719  -4.165  1.00 107.62 ? 11 DG D "O4'" 1 
ATOM 741 C "C3'" . DG D 4 2  ? -2.207  15.670  -4.828  1.00 136.32 ? 11 DG D "C3'" 1 
ATOM 742 O "O3'" . DG D 4 2  ? -1.613  16.880  -4.361  1.00 155.75 ? 11 DG D "O3'" 1 
ATOM 743 C "C2'" . DG D 4 2  ? -1.198  14.551  -4.993  1.00 123.05 ? 11 DG D "C2'" 1 
ATOM 744 C "C1'" . DG D 4 2  ? -1.996  13.303  -4.643  1.00 111.93 ? 11 DG D "C1'" 1 
ATOM 745 N N9    . DG D 4 2  ? -2.214  12.403  -5.763  1.00 106.91 ? 11 DG D N9    1 
ATOM 746 C C8    . DG D 4 2  ? -3.397  12.074  -6.380  1.00 108.56 ? 11 DG D C8    1 
ATOM 747 N N7    . DG D 4 2  ? -3.244  11.217  -7.354  1.00 97.89  ? 11 DG D N7    1 
ATOM 748 C C5    . DG D 4 2  ? -1.878  10.973  -7.381  1.00 97.21  ? 11 DG D C5    1 
ATOM 749 C C6    . DG D 4 2  ? -1.116  10.123  -8.217  1.00 104.60 ? 11 DG D C6    1 
ATOM 750 O O6    . DG D 4 2  ? -1.504  9.410   -9.148  1.00 108.18 ? 11 DG D O6    1 
ATOM 751 N N1    . DG D 4 2  ? 0.238   10.166  -7.895  1.00 112.35 ? 11 DG D N1    1 
ATOM 752 C C2    . DG D 4 2  ? 0.788   10.932  -6.895  1.00 120.74 ? 11 DG D C2    1 
ATOM 753 N N2    . DG D 4 2  ? 2.117   10.838  -6.737  1.00 121.50 ? 11 DG D N2    1 
ATOM 754 N N3    . DG D 4 2  ? 0.085   11.729  -6.106  1.00 109.25 ? 11 DG D N3    1 
ATOM 755 C C4    . DG D 4 2  ? -1.231  11.701  -6.406  1.00 104.77 ? 11 DG D C4    1 
ATOM 756 P P     . DT D 4 3  ? -1.538  18.143  -5.321  1.00 155.41 ? 12 DT D P     1 
ATOM 757 O OP1   . DT D 4 3  ? -1.550  19.363  -4.471  1.00 156.63 ? 12 DT D OP1   1 
ATOM 758 O OP2   . DT D 4 3  ? -2.526  17.967  -6.417  1.00 152.42 ? 12 DT D OP2   1 
ATOM 759 O "O5'" . DT D 4 3  ? -0.090  18.020  -5.958  1.00 142.18 ? 12 DT D "O5'" 1 
ATOM 760 C "C5'" . DT D 4 3  ? 1.067   18.230  -5.144  1.00 129.49 ? 12 DT D "C5'" 1 
ATOM 761 C "C4'" . DT D 4 3  ? 2.137   17.271  -5.601  1.00 131.09 ? 12 DT D "C4'" 1 
ATOM 762 O "O4'" . DT D 4 3  ? 1.504   16.157  -6.254  1.00 104.28 ? 12 DT D "O4'" 1 
ATOM 763 C "C3'" . DT D 4 3  ? 3.108   17.842  -6.638  1.00 152.57 ? 12 DT D "C3'" 1 
ATOM 764 O "O3'" . DT D 4 3  ? 4.317   18.284  -5.996  1.00 180.49 ? 12 DT D "O3'" 1 
ATOM 765 C "C2'" . DT D 4 3  ? 3.300   16.700  -7.632  1.00 132.20 ? 12 DT D "C2'" 1 
ATOM 766 C "C1'" . DT D 4 3  ? 2.499   15.556  -7.039  1.00 118.97 ? 12 DT D "C1'" 1 
ATOM 767 N N1    . DT D 4 3  ? 1.844   14.693  -8.020  1.00 122.41 ? 12 DT D N1    1 
ATOM 768 C C2    . DT D 4 3  ? 2.639   13.844  -8.758  1.00 131.60 ? 12 DT D C2    1 
ATOM 769 O O2    . DT D 4 3  ? 3.854   13.805  -8.648  1.00 145.19 ? 12 DT D O2    1 
ATOM 770 N N3    . DT D 4 3  ? 1.960   13.049  -9.647  1.00 125.01 ? 12 DT D N3    1 
ATOM 771 C C4    . DT D 4 3  ? 0.596   13.023  -9.865  1.00 126.54 ? 12 DT D C4    1 
ATOM 772 O O4    . DT D 4 3  ? 0.129   12.262  -10.709 1.00 124.29 ? 12 DT D O4    1 
ATOM 773 C C5    . DT D 4 3  ? -0.179  13.934  -9.047  1.00 119.37 ? 12 DT D C5    1 
ATOM 774 C C7    . DT D 4 3  ? -1.666  13.971  -9.207  1.00 117.71 ? 12 DT D C7    1 
ATOM 775 C C6    . DT D 4 3  ? 0.476   14.714  -8.180  1.00 119.90 ? 12 DT D C6    1 
ATOM 776 P P     . DC D 4 4  ? 5.383   19.201  -6.786  1.00 167.61 ? 13 DC D P     1 
ATOM 777 O OP1   . DC D 4 4  ? 6.323   19.793  -5.793  1.00 157.08 ? 13 DC D OP1   1 
ATOM 778 O OP2   . DC D 4 4  ? 4.631   20.098  -7.693  1.00 160.44 ? 13 DC D OP2   1 
ATOM 779 O "O5'" . DC D 4 4  ? 6.178   18.132  -7.654  1.00 133.61 ? 13 DC D "O5'" 1 
ATOM 780 C "C5'" . DC D 4 4  ? 6.064   18.139  -9.065  1.00 109.74 ? 13 DC D "C5'" 1 
ATOM 781 C "C4'" . DC D 4 4  ? 7.039   17.145  -9.638  1.00 128.36 ? 13 DC D "C4'" 1 
ATOM 782 O "O4'" . DC D 4 4  ? 6.341   15.904  -9.881  1.00 130.77 ? 13 DC D "O4'" 1 
ATOM 783 C "C3'" . DC D 4 4  ? 7.639   17.581  -10.972 1.00 153.16 ? 13 DC D "C3'" 1 
ATOM 784 O "O3'" . DC D 4 4  ? 9.041   17.336  -11.069 1.00 187.92 ? 13 DC D "O3'" 1 
ATOM 785 C "C2'" . DC D 4 4  ? 6.866   16.781  -11.998 1.00 146.41 ? 13 DC D "C2'" 1 
ATOM 786 C "C1'" . DC D 4 4  ? 6.439   15.539  -11.248 1.00 134.56 ? 13 DC D "C1'" 1 
ATOM 787 N N1    . DC D 4 4  ? 5.114   15.099  -11.704 1.00 133.65 ? 13 DC D N1    1 
ATOM 788 C C2    . DC D 4 4  ? 5.025   14.159  -12.746 1.00 139.80 ? 13 DC D C2    1 
ATOM 789 O O2    . DC D 4 4  ? 6.067   13.666  -13.202 1.00 154.15 ? 13 DC D O2    1 
ATOM 790 N N3    . DC D 4 4  ? 3.804   13.796  -13.206 1.00 122.13 ? 13 DC D N3    1 
ATOM 791 C C4    . DC D 4 4  ? 2.704   14.353  -12.689 1.00 130.03 ? 13 DC D C4    1 
ATOM 792 N N4    . DC D 4 4  ? 1.521   13.970  -13.170 1.00 124.50 ? 13 DC D N4    1 
ATOM 793 C C5    . DC D 4 4  ? 2.770   15.338  -11.657 1.00 119.99 ? 13 DC D C5    1 
ATOM 794 C C6    . DC D 4 4  ? 3.982   15.686  -11.207 1.00 116.99 ? 13 DC D C6    1 
ATOM 795 P P     . DT D 4 5  ? 9.878   18.032  -12.238 1.00 216.83 ? 14 DT D P     1 
ATOM 796 O OP1   . DT D 4 5  ? 11.319  17.951  -11.884 1.00 245.92 ? 14 DT D OP1   1 
ATOM 797 O OP2   . DT D 4 5  ? 9.266   19.357  -12.526 1.00 219.16 ? 14 DT D OP2   1 
ATOM 798 O "O5'" . DT D 4 5  ? 9.610   17.079  -13.483 1.00 178.39 ? 14 DT D "O5'" 1 
ATOM 799 C "C5'" . DT D 4 5  ? 10.025  15.706  -13.454 1.00 177.03 ? 14 DT D "C5'" 1 
ATOM 800 C "C4'" . DT D 4 5  ? 9.948   15.109  -14.838 1.00 183.07 ? 14 DT D "C4'" 1 
ATOM 801 O "O4'" . DT D 4 5  ? 8.587   14.697  -15.108 1.00 185.36 ? 14 DT D "O4'" 1 
ATOM 802 C "C3'" . DT D 4 5  ? 10.331  16.058  -15.976 1.00 189.23 ? 14 DT D "C3'" 1 
ATOM 803 O "O3'" . DT D 4 5  ? 11.053  15.330  -16.976 1.00 200.91 ? 14 DT D "O3'" 1 
ATOM 804 C "C2'" . DT D 4 5  ? 8.987   16.526  -16.500 1.00 188.15 ? 14 DT D "C2'" 1 
ATOM 805 C "C1'" . DT D 4 5  ? 8.161   15.259  -16.340 1.00 180.26 ? 14 DT D "C1'" 1 
ATOM 806 N N1    . DT D 4 5  ? 6.685   15.423  -16.282 1.00 161.90 ? 14 DT D N1    1 
ATOM 807 C C2    . DT D 4 5  ? 5.892   14.598  -17.058 1.00 152.33 ? 14 DT D C2    1 
ATOM 808 O O2    . DT D 4 5  ? 6.343   13.742  -17.809 1.00 126.75 ? 14 DT D O2    1 
ATOM 809 N N3    . DT D 4 5  ? 4.540   14.818  -16.930 1.00 143.08 ? 14 DT D N3    1 
ATOM 810 C C4    . DT D 4 5  ? 3.918   15.746  -16.111 1.00 128.58 ? 14 DT D C4    1 
ATOM 811 O O4    . DT D 4 5  ? 2.693   15.830  -16.104 1.00 120.68 ? 14 DT D O4    1 
ATOM 812 C C5    . DT D 4 5  ? 4.810   16.576  -15.328 1.00 117.06 ? 14 DT D C5    1 
ATOM 813 C C7    . DT D 4 5  ? 4.227   17.620  -14.428 1.00 97.12  ? 14 DT D C7    1 
ATOM 814 C C6    . DT D 4 5  ? 6.128   16.368  -15.443 1.00 134.14 ? 14 DT D C6    1 
ATOM 815 P P     . DG D 4 6  ? 11.692  16.090  -18.225 1.00 205.69 ? 15 DG D P     1 
ATOM 816 O OP1   . DG D 4 6  ? 12.932  15.374  -18.620 1.00 222.24 ? 15 DG D OP1   1 
ATOM 817 O OP2   . DG D 4 6  ? 11.723  17.547  -17.923 1.00 206.66 ? 15 DG D OP2   1 
ATOM 818 O "O5'" . DG D 4 6  ? 10.622  15.846  -19.372 1.00 177.15 ? 15 DG D "O5'" 1 
ATOM 819 C "C5'" . DG D 4 6  ? 10.564  14.611  -20.091 1.00 156.96 ? 15 DG D "C5'" 1 
ATOM 820 C "C4'" . DG D 4 6  ? 9.403   14.691  -21.051 1.00 161.64 ? 15 DG D "C4'" 1 
ATOM 821 O "O4'" . DG D 4 6  ? 8.203   14.888  -20.276 1.00 161.70 ? 15 DG D "O4'" 1 
ATOM 822 C "C3'" . DG D 4 6  ? 9.482   15.882  -22.015 1.00 163.24 ? 15 DG D "C3'" 1 
ATOM 823 O "O3'" . DG D 4 6  ? 9.912   15.530  -23.339 1.00 174.04 ? 15 DG D "O3'" 1 
ATOM 824 C "C2'" . DG D 4 6  ? 8.088   16.494  -21.999 1.00 155.79 ? 15 DG D "C2'" 1 
ATOM 825 C "C1'" . DG D 4 6  ? 7.279   15.653  -21.026 1.00 151.71 ? 15 DG D "C1'" 1 
ATOM 826 N N9    . DG D 4 6  ? 6.509   16.472  -20.095 1.00 146.38 ? 15 DG D N9    1 
ATOM 827 C C8    . DG D 4 6  ? 6.990   17.422  -19.224 1.00 139.40 ? 15 DG D C8    1 
ATOM 828 N N7    . DG D 4 6  ? 6.046   18.014  -18.541 1.00 135.11 ? 15 DG D N7    1 
ATOM 829 C C5    . DG D 4 6  ? 4.873   17.433  -19.003 1.00 133.88 ? 15 DG D C5    1 
ATOM 830 C C6    . DG D 4 6  ? 3.522   17.671  -18.637 1.00 121.76 ? 15 DG D C6    1 
ATOM 831 O O6    . DG D 4 6  ? 3.079   18.464  -17.793 1.00 103.70 ? 15 DG D O6    1 
ATOM 832 N N1    . DG D 4 6  ? 2.649   16.855  -19.353 1.00 124.28 ? 15 DG D N1    1 
ATOM 833 C C2    . DG D 4 6  ? 3.025   15.933  -20.304 1.00 131.41 ? 15 DG D C2    1 
ATOM 834 N N2    . DG D 4 6  ? 2.038   15.244  -20.891 1.00 130.79 ? 15 DG D N2    1 
ATOM 835 N N3    . DG D 4 6  ? 4.279   15.700  -20.649 1.00 130.15 ? 15 DG D N3    1 
ATOM 836 C C4    . DG D 4 6  ? 5.143   16.478  -19.963 1.00 141.98 ? 15 DG D C4    1 
ATOM 837 P P     . DC D 4 7  ? 9.006   14.602  -24.302 1.00 197.54 ? 16 DC D P     1 
ATOM 838 O OP1   . DC D 4 7  ? 8.117   13.753  -23.464 1.00 197.24 ? 16 DC D OP1   1 
ATOM 839 O OP2   . DC D 4 7  ? 9.900   13.969  -25.305 1.00 210.52 ? 16 DC D OP2   1 
ATOM 840 O "O5'" . DC D 4 7  ? 8.073   15.646  -25.063 1.00 176.94 ? 16 DC D "O5'" 1 
ATOM 841 C "C5'" . DC D 4 7  ? 7.423   15.301  -26.306 1.00 170.12 ? 16 DC D "C5'" 1 
ATOM 842 C "C4'" . DC D 4 7  ? 6.493   14.118  -26.143 1.00 164.20 ? 16 DC D "C4'" 1 
ATOM 843 O "O4'" . DC D 4 7  ? 5.703   14.263  -24.941 1.00 160.24 ? 16 DC D "O4'" 1 
ATOM 844 C "C3'" . DC D 4 7  ? 5.472   13.957  -27.265 1.00 158.37 ? 16 DC D "C3'" 1 
ATOM 845 O "O3'" . DC D 4 7  ? 5.122   12.576  -27.438 1.00 146.40 ? 16 DC D "O3'" 1 
ATOM 846 C "C2'" . DC D 4 7  ? 4.310   14.809  -26.780 1.00 143.22 ? 16 DC D "C2'" 1 
ATOM 847 C "C1'" . DC D 4 7  ? 4.368   14.648  -25.266 1.00 141.75 ? 16 DC D "C1'" 1 
ATOM 848 N N1    . DC D 4 7  ? 4.049   15.856  -24.488 1.00 138.55 ? 16 DC D N1    1 
ATOM 849 C C2    . DC D 4 7  ? 2.771   16.421  -24.588 1.00 130.98 ? 16 DC D C2    1 
ATOM 850 O O2    . DC D 4 7  ? 1.946   15.905  -25.359 1.00 121.83 ? 16 DC D O2    1 
ATOM 851 N N3    . DC D 4 7  ? 2.477   17.524  -23.855 1.00 115.05 ? 16 DC D N3    1 
ATOM 852 C C4    . DC D 4 7  ? 3.405   18.060  -23.056 1.00 125.24 ? 16 DC D C4    1 
ATOM 853 N N4    . DC D 4 7  ? 3.083   19.154  -22.359 1.00 132.48 ? 16 DC D N4    1 
ATOM 854 C C5    . DC D 4 7  ? 4.711   17.503  -22.937 1.00 129.51 ? 16 DC D C5    1 
ATOM 855 C C6    . DC D 4 7  ? 4.981   16.404  -23.650 1.00 139.70 ? 16 DC D C6    1 
# 
loop_
_pdbx_poly_seq_scheme.asym_id 
_pdbx_poly_seq_scheme.entity_id 
_pdbx_poly_seq_scheme.seq_id 
_pdbx_poly_seq_scheme.mon_id 
_pdbx_poly_seq_scheme.ndb_seq_num 
_pdbx_poly_seq_scheme.pdb_seq_num 
_pdbx_poly_seq_scheme.auth_seq_num 
_pdbx_poly_seq_scheme.pdb_mon_id 
_pdbx_poly_seq_scheme.auth_mon_id 
_pdbx_poly_seq_scheme.pdb_strand_id 
_pdbx_poly_seq_scheme.pdb_ins_code 
_pdbx_poly_seq_scheme.hetero 
A 1 1  DG 1  1  1  DG DG A . n 
A 1 2  DA 2  2  2  DA DA A . n 
A 1 3  DG 3  3  3  DG DG A . n 
A 1 4  DC 4  4  4  DC DC A . n 
A 1 5  DA 5  5  5  DA DA A . n 
A 1 6  DG 6  6  6  DG DG A . n 
A 1 7  DA 7  7  7  DA DA A . n 
A 1 8  DC 8  8  8  DC DC A . n 
A 1 9  DC 9  9  9  DC DC A . n 
A 1 10 DA 10 10 10 DA DA A . n 
A 1 11 DG 11 11 11 DG DG A . n 
A 1 12 DA 12 12 12 DA DA A . n 
A 1 13 DC 13 13 13 DC DC A . n 
A 1 14 DG 14 14 14 DG DG A . n 
A 1 15 DG 15 15 15 DG DG A . n 
A 1 16 DT 16 16 16 DT DT A . n 
A 1 17 DA 17 17 17 DA DA A . n 
A 1 18 DC 18 18 18 DC DC A . n 
A 1 19 DT 19 19 19 DT DT A . n 
A 1 20 DC 20 20 20 DC DC A . n 
A 1 21 DA 21 21 21 DA DA A . n 
B 2 1  DC 1  0  0  DC DC B . n 
B 2 2  DC 2  1  1  DC DC B . n 
B 2 3  DG 3  2  2  DG DG B . n 
B 2 4  DT 4  3  3  DT DT B . n 
B 2 5  DC 5  4  4  DC DC B . n 
B 2 6  DT 6  5  5  DT DT B . n 
C 3 1  DT 1  1  1  DT DT C . n 
C 3 2  DC 2  2  2  DC DC C . n 
C 3 3  DT 3  3  3  DT DT C . n 
C 3 4  DG 4  4  4  DG DG C . n 
C 3 5  DA 5  5  5  DA DA C . n 
C 3 6  DG 6  6  6  DG DG C . n 
C 3 7  DT 7  7  7  DT DT C . n 
C 3 8  DA 8  8  8  DA DA C . n 
D 4 1  DG 1  10 10 DG DG D . n 
D 4 2  DG 2  11 11 DG DG D . n 
D 4 3  DT 3  12 12 DT DT D . n 
D 4 4  DC 4  13 13 DC DC D . n 
D 4 5  DT 5  14 14 DT DT D . n 
D 4 6  DG 6  15 15 DG DG D . n 
D 4 7  DC 7  16 16 DC DC D . n 
# 
_pdbx_struct_assembly.id                   1 
_pdbx_struct_assembly.details              author_and_software_defined_assembly 
_pdbx_struct_assembly.method_details       PISA 
_pdbx_struct_assembly.oligomeric_details   tetrameric 
_pdbx_struct_assembly.oligomeric_count     4 
# 
_pdbx_struct_assembly_gen.assembly_id       1 
_pdbx_struct_assembly_gen.oper_expression   1 
_pdbx_struct_assembly_gen.asym_id_list      A,B,C,D 
# 
loop_
_pdbx_struct_assembly_prop.biol_id 
_pdbx_struct_assembly_prop.type 
_pdbx_struct_assembly_prop.value 
_pdbx_struct_assembly_prop.details 
1 'ABSA (A^2)' 2200 ? 
1 MORE         -1   ? 
1 'SSA (A^2)'  7860 ? 
# 
_pdbx_struct_oper_list.id                   1 
_pdbx_struct_oper_list.type                 'identity operation' 
_pdbx_struct_oper_list.name                 1_555 
_pdbx_struct_oper_list.symmetry_operation   x,y,z 
_pdbx_struct_oper_list.matrix[1][1]         1.0000000000 
_pdbx_struct_oper_list.matrix[1][2]         0.0000000000 
_pdbx_struct_oper_list.matrix[1][3]         0.0000000000 
_pdbx_struct_oper_list.vector[1]            0.0000000000 
_pdbx_struct_oper_list.matrix[2][1]         0.0000000000 
_pdbx_struct_oper_list.matrix[2][2]         1.0000000000 
_pdbx_struct_oper_list.matrix[2][3]         0.0000000000 
_pdbx_struct_oper_list.vector[2]            0.0000000000 
_pdbx_struct_oper_list.matrix[3][1]         0.0000000000 
_pdbx_struct_oper_list.matrix[3][2]         0.0000000000 
_pdbx_struct_oper_list.matrix[3][3]         1.0000000000 
_pdbx_struct_oper_list.vector[3]            0.0000000000 
# 
loop_
_pdbx_audit_revision_history.ordinal 
_pdbx_audit_revision_history.data_content_type 
_pdbx_audit_revision_history.major_revision 
_pdbx_audit_revision_history.minor_revision 
_pdbx_audit_revision_history.revision_date 
1 'Structure model' 1 0 2021-07-14 
2 'Structure model' 1 1 2022-07-06 
3 'Structure model' 1 2 2023-10-18 
# 
_pdbx_audit_revision_details.ordinal             1 
_pdbx_audit_revision_details.revision_ordinal    1 
_pdbx_audit_revision_details.data_content_type   'Structure model' 
_pdbx_audit_revision_details.provider            repository 
_pdbx_audit_revision_details.type                'Initial release' 
_pdbx_audit_revision_details.description         ? 
_pdbx_audit_revision_details.details             ? 
# 
loop_
_pdbx_audit_revision_group.ordinal 
_pdbx_audit_revision_group.revision_ordinal 
_pdbx_audit_revision_group.data_content_type 
_pdbx_audit_revision_group.group 
1 2 'Structure model' 'Database references'    
2 3 'Structure model' 'Data collection'        
3 3 'Structure model' 'Refinement description' 
# 
loop_
_pdbx_audit_revision_category.ordinal 
_pdbx_audit_revision_category.revision_ordinal 
_pdbx_audit_revision_category.data_content_type 
_pdbx_audit_revision_category.category 
1 2 'Structure model' citation                      
2 2 'Structure model' citation_author               
3 2 'Structure model' database_2                    
4 3 'Structure model' chem_comp_atom                
5 3 'Structure model' chem_comp_bond                
6 3 'Structure model' pdbx_initial_refinement_model 
# 
loop_
_pdbx_audit_revision_item.ordinal 
_pdbx_audit_revision_item.revision_ordinal 
_pdbx_audit_revision_item.data_content_type 
_pdbx_audit_revision_item.item 
1  2 'Structure model' '_citation.country'                   
2  2 'Structure model' '_citation.journal_abbrev'            
3  2 'Structure model' '_citation.journal_id_CSD'            
4  2 'Structure model' '_citation.journal_id_ISSN'           
5  2 'Structure model' '_citation.journal_volume'            
6  2 'Structure model' '_citation.page_first'                
7  2 'Structure model' '_citation.page_last'                 
8  2 'Structure model' '_citation.pdbx_database_id_DOI'      
9  2 'Structure model' '_citation.pdbx_database_id_PubMed'   
10 2 'Structure model' '_citation.title'                     
11 2 'Structure model' '_citation.year'                      
12 2 'Structure model' '_database_2.pdbx_DOI'                
13 2 'Structure model' '_database_2.pdbx_database_accession' 
# 
loop_
_software.citation_id 
_software.classification 
_software.compiler_name 
_software.compiler_version 
_software.contact_author 
_software.contact_author_email 
_software.date 
_software.description 
_software.dependencies 
_software.hardware 
_software.language 
_software.location 
_software.mods 
_software.name 
_software.os 
_software.os_version 
_software.type 
_software.version 
_software.pdbx_ordinal 
? 'data reduction'  ? ? ? ? ? ? ? ? ? ? ? HKL-2000    ? ? ? .        1 
? 'data scaling'    ? ? ? ? ? ? ? ? ? ? ? HKL-2000    ? ? ? .        2 
? refinement        ? ? ? ? ? ? ? ? ? ? ? REFMAC      ? ? ? 5.8.0131 3 
? 'data extraction' ? ? ? ? ? ? ? ? ? ? ? PDB_EXTRACT ? ? ? 3.25     4 
? phasing           ? ? ? ? ? ? ? ? ? ? ? PHASER      ? ? ? .        5 
# 
loop_
_pdbx_validate_symm_contact.id 
_pdbx_validate_symm_contact.PDB_model_num 
_pdbx_validate_symm_contact.auth_atom_id_1 
_pdbx_validate_symm_contact.auth_asym_id_1 
_pdbx_validate_symm_contact.auth_comp_id_1 
_pdbx_validate_symm_contact.auth_seq_id_1 
_pdbx_validate_symm_contact.PDB_ins_code_1 
_pdbx_validate_symm_contact.label_alt_id_1 
_pdbx_validate_symm_contact.site_symmetry_1 
_pdbx_validate_symm_contact.auth_atom_id_2 
_pdbx_validate_symm_contact.auth_asym_id_2 
_pdbx_validate_symm_contact.auth_comp_id_2 
_pdbx_validate_symm_contact.auth_seq_id_2 
_pdbx_validate_symm_contact.PDB_ins_code_2 
_pdbx_validate_symm_contact.label_alt_id_2 
_pdbx_validate_symm_contact.site_symmetry_2 
_pdbx_validate_symm_contact.dist 
1 1 OP1   B DC 0 ? ? 1_555 "O3'" B DT 5 ? ? 3_675 1.65 
2 1 "O5'" B DC 0 ? ? 1_555 "O3'" B DT 5 ? ? 3_675 2.12 
# 
_pdbx_validate_rmsd_angle.id                         1 
_pdbx_validate_rmsd_angle.PDB_model_num              1 
_pdbx_validate_rmsd_angle.auth_atom_id_1             "C1'" 
_pdbx_validate_rmsd_angle.auth_asym_id_1             A 
_pdbx_validate_rmsd_angle.auth_comp_id_1             DA 
_pdbx_validate_rmsd_angle.auth_seq_id_1              5 
_pdbx_validate_rmsd_angle.PDB_ins_code_1             ? 
_pdbx_validate_rmsd_angle.label_alt_id_1             ? 
_pdbx_validate_rmsd_angle.auth_atom_id_2             "O4'" 
_pdbx_validate_rmsd_angle.auth_asym_id_2             A 
_pdbx_validate_rmsd_angle.auth_comp_id_2             DA 
_pdbx_validate_rmsd_angle.auth_seq_id_2              5 
_pdbx_validate_rmsd_angle.PDB_ins_code_2             ? 
_pdbx_validate_rmsd_angle.label_alt_id_2             ? 
_pdbx_validate_rmsd_angle.auth_atom_id_3             "C4'" 
_pdbx_validate_rmsd_angle.auth_asym_id_3             A 
_pdbx_validate_rmsd_angle.auth_comp_id_3             DA 
_pdbx_validate_rmsd_angle.auth_seq_id_3              5 
_pdbx_validate_rmsd_angle.PDB_ins_code_3             ? 
_pdbx_validate_rmsd_angle.label_alt_id_3             ? 
_pdbx_validate_rmsd_angle.angle_value                103.74 
_pdbx_validate_rmsd_angle.angle_target_value         110.10 
_pdbx_validate_rmsd_angle.angle_deviation            -6.36 
_pdbx_validate_rmsd_angle.angle_standard_deviation   1.00 
_pdbx_validate_rmsd_angle.linker_flag                N 
# 
loop_
_chem_comp_atom.comp_id 
_chem_comp_atom.atom_id 
_chem_comp_atom.type_symbol 
_chem_comp_atom.pdbx_aromatic_flag 
_chem_comp_atom.pdbx_stereo_config 
_chem_comp_atom.pdbx_ordinal 
DA OP3    O N N 1   
DA P      P N N 2   
DA OP1    O N N 3   
DA OP2    O N N 4   
DA "O5'"  O N N 5   
DA "C5'"  C N N 6   
DA "C4'"  C N R 7   
DA "O4'"  O N N 8   
DA "C3'"  C N S 9   
DA "O3'"  O N N 10  
DA "C2'"  C N N 11  
DA "C1'"  C N R 12  
DA N9     N Y N 13  
DA C8     C Y N 14  
DA N7     N Y N 15  
DA C5     C Y N 16  
DA C6     C Y N 17  
DA N6     N N N 18  
DA N1     N Y N 19  
DA C2     C Y N 20  
DA N3     N Y N 21  
DA C4     C Y N 22  
DA HOP3   H N N 23  
DA HOP2   H N N 24  
DA "H5'"  H N N 25  
DA "H5''" H N N 26  
DA "H4'"  H N N 27  
DA "H3'"  H N N 28  
DA "HO3'" H N N 29  
DA "H2'"  H N N 30  
DA "H2''" H N N 31  
DA "H1'"  H N N 32  
DA H8     H N N 33  
DA H61    H N N 34  
DA H62    H N N 35  
DA H2     H N N 36  
DC OP3    O N N 37  
DC P      P N N 38  
DC OP1    O N N 39  
DC OP2    O N N 40  
DC "O5'"  O N N 41  
DC "C5'"  C N N 42  
DC "C4'"  C N R 43  
DC "O4'"  O N N 44  
DC "C3'"  C N S 45  
DC "O3'"  O N N 46  
DC "C2'"  C N N 47  
DC "C1'"  C N R 48  
DC N1     N N N 49  
DC C2     C N N 50  
DC O2     O N N 51  
DC N3     N N N 52  
DC C4     C N N 53  
DC N4     N N N 54  
DC C5     C N N 55  
DC C6     C N N 56  
DC HOP3   H N N 57  
DC HOP2   H N N 58  
DC "H5'"  H N N 59  
DC "H5''" H N N 60  
DC "H4'"  H N N 61  
DC "H3'"  H N N 62  
DC "HO3'" H N N 63  
DC "H2'"  H N N 64  
DC "H2''" H N N 65  
DC "H1'"  H N N 66  
DC H41    H N N 67  
DC H42    H N N 68  
DC H5     H N N 69  
DC H6     H N N 70  
DG OP3    O N N 71  
DG P      P N N 72  
DG OP1    O N N 73  
DG OP2    O N N 74  
DG "O5'"  O N N 75  
DG "C5'"  C N N 76  
DG "C4'"  C N R 77  
DG "O4'"  O N N 78  
DG "C3'"  C N S 79  
DG "O3'"  O N N 80  
DG "C2'"  C N N 81  
DG "C1'"  C N R 82  
DG N9     N Y N 83  
DG C8     C Y N 84  
DG N7     N Y N 85  
DG C5     C Y N 86  
DG C6     C N N 87  
DG O6     O N N 88  
DG N1     N N N 89  
DG C2     C N N 90  
DG N2     N N N 91  
DG N3     N N N 92  
DG C4     C Y N 93  
DG HOP3   H N N 94  
DG HOP2   H N N 95  
DG "H5'"  H N N 96  
DG "H5''" H N N 97  
DG "H4'"  H N N 98  
DG "H3'"  H N N 99  
DG "HO3'" H N N 100 
DG "H2'"  H N N 101 
DG "H2''" H N N 102 
DG "H1'"  H N N 103 
DG H8     H N N 104 
DG H1     H N N 105 
DG H21    H N N 106 
DG H22    H N N 107 
DT OP3    O N N 108 
DT P      P N N 109 
DT OP1    O N N 110 
DT OP2    O N N 111 
DT "O5'"  O N N 112 
DT "C5'"  C N N 113 
DT "C4'"  C N R 114 
DT "O4'"  O N N 115 
DT "C3'"  C N S 116 
DT "O3'"  O N N 117 
DT "C2'"  C N N 118 
DT "C1'"  C N R 119 
DT N1     N N N 120 
DT C2     C N N 121 
DT O2     O N N 122 
DT N3     N N N 123 
DT C4     C N N 124 
DT O4     O N N 125 
DT C5     C N N 126 
DT C7     C N N 127 
DT C6     C N N 128 
DT HOP3   H N N 129 
DT HOP2   H N N 130 
DT "H5'"  H N N 131 
DT "H5''" H N N 132 
DT "H4'"  H N N 133 
DT "H3'"  H N N 134 
DT "HO3'" H N N 135 
DT "H2'"  H N N 136 
DT "H2''" H N N 137 
DT "H1'"  H N N 138 
DT H3     H N N 139 
DT H71    H N N 140 
DT H72    H N N 141 
DT H73    H N N 142 
DT H6     H N N 143 
# 
loop_
_chem_comp_bond.comp_id 
_chem_comp_bond.atom_id_1 
_chem_comp_bond.atom_id_2 
_chem_comp_bond.value_order 
_chem_comp_bond.pdbx_aromatic_flag 
_chem_comp_bond.pdbx_stereo_config 
_chem_comp_bond.pdbx_ordinal 
DA OP3   P      sing N N 1   
DA OP3   HOP3   sing N N 2   
DA P     OP1    doub N N 3   
DA P     OP2    sing N N 4   
DA P     "O5'"  sing N N 5   
DA OP2   HOP2   sing N N 6   
DA "O5'" "C5'"  sing N N 7   
DA "C5'" "C4'"  sing N N 8   
DA "C5'" "H5'"  sing N N 9   
DA "C5'" "H5''" sing N N 10  
DA "C4'" "O4'"  sing N N 11  
DA "C4'" "C3'"  sing N N 12  
DA "C4'" "H4'"  sing N N 13  
DA "O4'" "C1'"  sing N N 14  
DA "C3'" "O3'"  sing N N 15  
DA "C3'" "C2'"  sing N N 16  
DA "C3'" "H3'"  sing N N 17  
DA "O3'" "HO3'" sing N N 18  
DA "C2'" "C1'"  sing N N 19  
DA "C2'" "H2'"  sing N N 20  
DA "C2'" "H2''" sing N N 21  
DA "C1'" N9     sing N N 22  
DA "C1'" "H1'"  sing N N 23  
DA N9    C8     sing Y N 24  
DA N9    C4     sing Y N 25  
DA C8    N7     doub Y N 26  
DA C8    H8     sing N N 27  
DA N7    C5     sing Y N 28  
DA C5    C6     sing Y N 29  
DA C5    C4     doub Y N 30  
DA C6    N6     sing N N 31  
DA C6    N1     doub Y N 32  
DA N6    H61    sing N N 33  
DA N6    H62    sing N N 34  
DA N1    C2     sing Y N 35  
DA C2    N3     doub Y N 36  
DA C2    H2     sing N N 37  
DA N3    C4     sing Y N 38  
DC OP3   P      sing N N 39  
DC OP3   HOP3   sing N N 40  
DC P     OP1    doub N N 41  
DC P     OP2    sing N N 42  
DC P     "O5'"  sing N N 43  
DC OP2   HOP2   sing N N 44  
DC "O5'" "C5'"  sing N N 45  
DC "C5'" "C4'"  sing N N 46  
DC "C5'" "H5'"  sing N N 47  
DC "C5'" "H5''" sing N N 48  
DC "C4'" "O4'"  sing N N 49  
DC "C4'" "C3'"  sing N N 50  
DC "C4'" "H4'"  sing N N 51  
DC "O4'" "C1'"  sing N N 52  
DC "C3'" "O3'"  sing N N 53  
DC "C3'" "C2'"  sing N N 54  
DC "C3'" "H3'"  sing N N 55  
DC "O3'" "HO3'" sing N N 56  
DC "C2'" "C1'"  sing N N 57  
DC "C2'" "H2'"  sing N N 58  
DC "C2'" "H2''" sing N N 59  
DC "C1'" N1     sing N N 60  
DC "C1'" "H1'"  sing N N 61  
DC N1    C2     sing N N 62  
DC N1    C6     sing N N 63  
DC C2    O2     doub N N 64  
DC C2    N3     sing N N 65  
DC N3    C4     doub N N 66  
DC C4    N4     sing N N 67  
DC C4    C5     sing N N 68  
DC N4    H41    sing N N 69  
DC N4    H42    sing N N 70  
DC C5    C6     doub N N 71  
DC C5    H5     sing N N 72  
DC C6    H6     sing N N 73  
DG OP3   P      sing N N 74  
DG OP3   HOP3   sing N N 75  
DG P     OP1    doub N N 76  
DG P     OP2    sing N N 77  
DG P     "O5'"  sing N N 78  
DG OP2   HOP2   sing N N 79  
DG "O5'" "C5'"  sing N N 80  
DG "C5'" "C4'"  sing N N 81  
DG "C5'" "H5'"  sing N N 82  
DG "C5'" "H5''" sing N N 83  
DG "C4'" "O4'"  sing N N 84  
DG "C4'" "C3'"  sing N N 85  
DG "C4'" "H4'"  sing N N 86  
DG "O4'" "C1'"  sing N N 87  
DG "C3'" "O3'"  sing N N 88  
DG "C3'" "C2'"  sing N N 89  
DG "C3'" "H3'"  sing N N 90  
DG "O3'" "HO3'" sing N N 91  
DG "C2'" "C1'"  sing N N 92  
DG "C2'" "H2'"  sing N N 93  
DG "C2'" "H2''" sing N N 94  
DG "C1'" N9     sing N N 95  
DG "C1'" "H1'"  sing N N 96  
DG N9    C8     sing Y N 97  
DG N9    C4     sing Y N 98  
DG C8    N7     doub Y N 99  
DG C8    H8     sing N N 100 
DG N7    C5     sing Y N 101 
DG C5    C6     sing N N 102 
DG C5    C4     doub Y N 103 
DG C6    O6     doub N N 104 
DG C6    N1     sing N N 105 
DG N1    C2     sing N N 106 
DG N1    H1     sing N N 107 
DG C2    N2     sing N N 108 
DG C2    N3     doub N N 109 
DG N2    H21    sing N N 110 
DG N2    H22    sing N N 111 
DG N3    C4     sing N N 112 
DT OP3   P      sing N N 113 
DT OP3   HOP3   sing N N 114 
DT P     OP1    doub N N 115 
DT P     OP2    sing N N 116 
DT P     "O5'"  sing N N 117 
DT OP2   HOP2   sing N N 118 
DT "O5'" "C5'"  sing N N 119 
DT "C5'" "C4'"  sing N N 120 
DT "C5'" "H5'"  sing N N 121 
DT "C5'" "H5''" sing N N 122 
DT "C4'" "O4'"  sing N N 123 
DT "C4'" "C3'"  sing N N 124 
DT "C4'" "H4'"  sing N N 125 
DT "O4'" "C1'"  sing N N 126 
DT "C3'" "O3'"  sing N N 127 
DT "C3'" "C2'"  sing N N 128 
DT "C3'" "H3'"  sing N N 129 
DT "O3'" "HO3'" sing N N 130 
DT "C2'" "C1'"  sing N N 131 
DT "C2'" "H2'"  sing N N 132 
DT "C2'" "H2''" sing N N 133 
DT "C1'" N1     sing N N 134 
DT "C1'" "H1'"  sing N N 135 
DT N1    C2     sing N N 136 
DT N1    C6     sing N N 137 
DT C2    O2     doub N N 138 
DT C2    N3     sing N N 139 
DT N3    C4     sing N N 140 
DT N3    H3     sing N N 141 
DT C4    O4     doub N N 142 
DT C4    C5     sing N N 143 
DT C5    C7     sing N N 144 
DT C5    C6     doub N N 145 
DT C7    H71    sing N N 146 
DT C7    H72    sing N N 147 
DT C7    H73    sing N N 148 
DT C6    H6     sing N N 149 
# 
loop_
_ndb_struct_conf_na.entry_id 
_ndb_struct_conf_na.feature 
7JPC 'double helix'        
7JPC 'a-form double helix' 
7JPC 'b-form double helix' 
# 
loop_
_ndb_struct_na_base_pair.model_number 
_ndb_struct_na_base_pair.i_label_asym_id 
_ndb_struct_na_base_pair.i_label_comp_id 
_ndb_struct_na_base_pair.i_label_seq_id 
_ndb_struct_na_base_pair.i_symmetry 
_ndb_struct_na_base_pair.j_label_asym_id 
_ndb_struct_na_base_pair.j_label_comp_id 
_ndb_struct_na_base_pair.j_label_seq_id 
_ndb_struct_na_base_pair.j_symmetry 
_ndb_struct_na_base_pair.shear 
_ndb_struct_na_base_pair.stretch 
_ndb_struct_na_base_pair.stagger 
_ndb_struct_na_base_pair.buckle 
_ndb_struct_na_base_pair.propeller 
_ndb_struct_na_base_pair.opening 
_ndb_struct_na_base_pair.pair_number 
_ndb_struct_na_base_pair.pair_name 
_ndb_struct_na_base_pair.i_auth_asym_id 
_ndb_struct_na_base_pair.i_auth_seq_id 
_ndb_struct_na_base_pair.i_PDB_ins_code 
_ndb_struct_na_base_pair.j_auth_asym_id 
_ndb_struct_na_base_pair.j_auth_seq_id 
_ndb_struct_na_base_pair.j_PDB_ins_code 
_ndb_struct_na_base_pair.hbond_type_28 
_ndb_struct_na_base_pair.hbond_type_12 
1 A DG 3  1_555 D DC 7 1_555 1.250  -0.138 1.604  12.667 -5.727  -17.068 1  A_DG3:DC16_D A 3  ? D 16 ? 19 1 
1 A DC 4  1_555 D DG 6 1_555 -1.223 0.484  0.403  -7.297 -2.682  2.085   2  A_DC4:DG15_D A 4  ? D 15 ? 19 1 
1 A DA 5  1_555 D DT 5 1_555 1.382  0.427  0.520  -2.016 -12.605 -19.065 3  A_DA5:DT14_D A 5  ? D 14 ? 20 1 
1 A DG 6  1_555 D DC 4 1_555 0.656  0.151  0.454  2.526  -7.422  -23.587 4  A_DG6:DC13_D A 6  ? D 13 ? ?  1 
1 A DA 7  1_555 D DT 3 1_555 1.036  0.257  0.230  7.767  -4.556  -25.866 5  A_DA7:DT12_D A 7  ? D 12 ? 20 1 
1 A DC 8  1_555 D DG 2 1_555 -0.108 -0.224 0.060  9.101  -1.134  -6.988  6  A_DC8:DG11_D A 8  ? D 11 ? 19 1 
1 A DC 9  1_555 D DG 1 1_555 -0.586 0.099  0.042  9.327  -5.808  -6.480  7  A_DC9:DG10_D A 9  ? D 10 ? 19 1 
1 A DA 10 1_555 B DT 6 1_555 0.895  -0.088 0.853  12.723 -3.061  -7.778  8  A_DA10:DT5_B A 10 ? B 5  ? 20 1 
1 A DG 11 1_555 B DC 5 1_555 1.068  0.245  0.931  12.791 -5.886  -2.547  9  A_DG11:DC4_B A 11 ? B 4  ? 19 1 
1 A DA 12 1_555 B DT 4 1_555 1.101  -0.160 0.643  7.187  -4.115  -11.867 10 A_DA12:DT3_B A 12 ? B 3  ? 20 1 
1 A DC 13 1_555 B DG 3 1_555 -0.163 -0.178 0.324  -2.019 0.916   -8.619  11 A_DC13:DG2_B A 13 ? B 2  ? 19 1 
1 A DG 14 1_555 B DC 2 1_555 0.091  -0.219 0.632  9.290  -11.144 -7.693  12 A_DG14:DC1_B A 14 ? B 1  ? 19 1 
1 A DG 15 1_555 B DC 1 1_555 0.065  -0.329 1.326  15.958 -3.286  -5.548  13 A_DG15:DC0_B A 15 ? B 0  ? 19 1 
1 A DT 16 1_555 C DA 8 1_555 -0.933 -0.069 0.551  4.656  -1.176  -3.743  14 A_DT16:DA8_C A 16 ? C 8  ? 20 1 
1 A DA 17 1_555 C DT 7 1_555 1.011  -0.076 0.967  10.402 -6.845  -14.120 15 A_DA17:DT7_C A 17 ? C 7  ? 20 1 
1 A DC 18 1_555 C DG 6 1_555 0.516  -0.122 0.426  -6.257 -5.643  2.394   16 A_DC18:DG6_C A 18 ? C 6  ? 19 1 
1 A DT 19 1_555 C DA 5 1_555 -0.606 -0.175 0.420  -7.868 0.351   -5.890  17 A_DT19:DA5_C A 19 ? C 5  ? 20 1 
1 A DC 20 1_555 C DG 4 1_555 -0.060 0.015  -0.016 -3.478 -2.063  -2.013  18 A_DC20:DG4_C A 20 ? C 4  ? 19 1 
1 A DA 21 1_555 C DT 3 1_555 0.724  -0.219 0.238  3.118  -10.512 -6.950  19 A_DA21:DT3_C A 21 ? C 3  ? 20 1 
# 
loop_
_ndb_struct_na_base_pair_step.model_number 
_ndb_struct_na_base_pair_step.i_label_asym_id_1 
_ndb_struct_na_base_pair_step.i_label_comp_id_1 
_ndb_struct_na_base_pair_step.i_label_seq_id_1 
_ndb_struct_na_base_pair_step.i_symmetry_1 
_ndb_struct_na_base_pair_step.j_label_asym_id_1 
_ndb_struct_na_base_pair_step.j_label_comp_id_1 
_ndb_struct_na_base_pair_step.j_label_seq_id_1 
_ndb_struct_na_base_pair_step.j_symmetry_1 
_ndb_struct_na_base_pair_step.i_label_asym_id_2 
_ndb_struct_na_base_pair_step.i_label_comp_id_2 
_ndb_struct_na_base_pair_step.i_label_seq_id_2 
_ndb_struct_na_base_pair_step.i_symmetry_2 
_ndb_struct_na_base_pair_step.j_label_asym_id_2 
_ndb_struct_na_base_pair_step.j_label_comp_id_2 
_ndb_struct_na_base_pair_step.j_label_seq_id_2 
_ndb_struct_na_base_pair_step.j_symmetry_2 
_ndb_struct_na_base_pair_step.shift 
_ndb_struct_na_base_pair_step.slide 
_ndb_struct_na_base_pair_step.rise 
_ndb_struct_na_base_pair_step.tilt 
_ndb_struct_na_base_pair_step.roll 
_ndb_struct_na_base_pair_step.twist 
_ndb_struct_na_base_pair_step.x_displacement 
_ndb_struct_na_base_pair_step.y_displacement 
_ndb_struct_na_base_pair_step.helical_rise 
_ndb_struct_na_base_pair_step.inclination 
_ndb_struct_na_base_pair_step.tip 
_ndb_struct_na_base_pair_step.helical_twist 
_ndb_struct_na_base_pair_step.step_number 
_ndb_struct_na_base_pair_step.step_name 
_ndb_struct_na_base_pair_step.i_auth_asym_id_1 
_ndb_struct_na_base_pair_step.i_auth_seq_id_1 
_ndb_struct_na_base_pair_step.i_PDB_ins_code_1 
_ndb_struct_na_base_pair_step.j_auth_asym_id_1 
_ndb_struct_na_base_pair_step.j_auth_seq_id_1 
_ndb_struct_na_base_pair_step.j_PDB_ins_code_1 
_ndb_struct_na_base_pair_step.i_auth_asym_id_2 
_ndb_struct_na_base_pair_step.i_auth_seq_id_2 
_ndb_struct_na_base_pair_step.i_PDB_ins_code_2 
_ndb_struct_na_base_pair_step.j_auth_asym_id_2 
_ndb_struct_na_base_pair_step.j_auth_seq_id_2 
_ndb_struct_na_base_pair_step.j_PDB_ins_code_2 
1 A DG 3  1_555 D DC 7 1_555 A DC 4  1_555 D DG 6 1_555 1.460  -1.135 3.670 14.859 2.178  28.333 -2.541 0.638  3.848 4.106  
-28.007 31.994 1  AA_DG3DC4:DG15DC16_DD A 3  ? D 16 ? A 4  ? D 15 ? 
1 A DC 4  1_555 D DG 6 1_555 A DA 5  1_555 D DT 5 1_555 -0.975 0.012  3.266 0.202  -2.185 40.085 0.266  1.443  3.256 -3.184 -0.294 
40.142 2  AA_DC4DA5:DT14DG15_DD A 4  ? D 15 ? A 5  ? D 14 ? 
1 A DA 5  1_555 D DT 5 1_555 A DG 6  1_555 D DC 4 1_555 0.270  -1.116 3.147 0.559  0.631  28.736 -2.383 -0.424 3.127 1.271  -1.125 
28.748 3  AA_DA5DG6:DC13DT14_DD A 5  ? D 14 ? A 6  ? D 13 ? 
1 A DG 6  1_555 D DC 4 1_555 A DA 7  1_555 D DT 3 1_555 0.308  -1.557 3.131 5.760  5.604  38.093 -2.972 0.188  2.896 8.470  -8.708 
38.901 4  AA_DG6DA7:DT12DC13_DD A 6  ? D 13 ? A 7  ? D 12 ? 
1 A DA 7  1_555 D DT 3 1_555 A DC 8  1_555 D DG 2 1_555 1.152  -1.537 3.319 -1.527 7.421  27.985 -4.623 -2.622 2.763 15.001 3.087 
28.973 5  AA_DA7DC8:DG11DT12_DD A 7  ? D 12 ? A 8  ? D 11 ? 
1 A DC 8  1_555 D DG 2 1_555 A DC 9  1_555 D DG 1 1_555 -0.677 -1.715 3.126 -2.807 -3.680 31.653 -2.452 0.724  3.345 -6.702 5.111 
31.981 6  AA_DC8DC9:DG10DG11_DD A 8  ? D 11 ? A 9  ? D 10 ? 
1 A DC 9  1_555 D DG 1 1_555 A DA 10 1_555 B DT 6 1_555 -0.913 -1.369 3.211 -2.570 0.151  31.162 -2.569 1.211  3.267 0.281  4.773 
31.266 7  AA_DC9DA10:DT5DG10_BD A 9  ? D 10 ? A 10 ? B 5  ? 
1 A DA 10 1_555 B DT 6 1_555 A DG 11 1_555 B DC 5 1_555 -0.548 -0.032 3.511 -2.038 4.784  36.705 -0.742 0.568  3.503 7.550  3.217 
37.059 8  AA_DA10DG11:DC4DT5_BB A 10 ? B 5  ? A 11 ? B 4  ? 
1 A DG 11 1_555 B DC 5 1_555 A DA 12 1_555 B DT 4 1_555 -0.468 -0.858 3.316 -0.102 2.356  31.644 -2.004 0.837  3.247 4.314  0.187 
31.729 9  AA_DG11DA12:DT3DC4_BB A 11 ? B 4  ? A 12 ? B 3  ? 
1 A DA 12 1_555 B DT 4 1_555 A DC 13 1_555 B DG 3 1_555 0.096  -1.851 3.413 1.377  4.284  27.940 -4.782 0.123  3.101 8.800  -2.828 
28.293 10 AA_DA12DC13:DG2DT3_BB A 12 ? B 3  ? A 13 ? B 2  ? 
1 A DC 13 1_555 B DG 3 1_555 A DG 14 1_555 B DC 2 1_555 -0.208 -0.650 3.104 -1.959 1.409  30.543 -1.493 0.029  3.079 2.669  3.711 
30.636 11 AA_DC13DG14:DC1DG2_BB A 13 ? B 2  ? A 14 ? B 1  ? 
1 A DG 14 1_555 B DC 2 1_555 A DG 15 1_555 B DC 1 1_555 0.676  -1.039 2.799 -9.474 -6.231 39.330 -0.900 -1.861 2.699 -9.033 13.733 
40.870 12 AA_DG14DG15:DC0DC1_BB A 14 ? B 1  ? A 15 ? B 0  ? 
1 A DG 15 1_555 B DC 1 1_555 A DT 16 1_555 C DA 8 1_555 -1.123 -1.806 3.389 6.889  3.925  23.587 -5.310 4.567  2.629 9.273  
-16.274 24.866 13 AA_DG15DT16:DA8DC0_CB A 15 ? B 0  ? A 16 ? C 8  ? 
1 A DT 16 1_555 C DA 8 1_555 A DA 17 1_555 C DT 7 1_555 -0.657 0.871  3.386 -5.234 -6.636 47.973 1.581  0.385  3.295 -8.089 6.380 
48.668 14 AA_DT16DA17:DT7DA8_CC A 16 ? C 8  ? A 17 ? C 7  ? 
1 A DA 17 1_555 C DT 7 1_555 A DC 18 1_555 C DG 6 1_555 0.602  -1.246 3.602 -0.198 1.552  31.554 -2.602 -1.145 3.535 2.851  0.363 
31.592 15 AA_DA17DC18:DG6DT7_CC A 17 ? C 7  ? A 18 ? C 6  ? 
1 A DC 18 1_555 C DG 6 1_555 A DT 19 1_555 C DA 5 1_555 -1.032 -1.125 3.359 1.503  -5.322 32.389 -1.034 2.095  3.445 -9.454 -2.669 
32.845 16 AA_DC18DT19:DA5DG6_CC A 18 ? C 6  ? A 19 ? C 5  ? 
1 A DT 19 1_555 C DA 5 1_555 A DC 20 1_555 C DG 4 1_555 0.858  0.688  3.209 4.364  2.153  37.673 0.783  -0.760 3.317 3.316  -6.724 
37.975 17 AA_DT19DC20:DG4DA5_CC A 19 ? C 5  ? A 20 ? C 4  ? 
1 A DC 20 1_555 C DG 4 1_555 A DA 21 1_555 C DT 3 1_555 -0.469 1.951  3.318 -2.345 -5.759 43.755 3.123  0.408  3.070 -7.681 3.127 
44.173 18 AA_DC20DA21:DT3DG4_CC A 20 ? C 4  ? A 21 ? C 3  ? 
# 
loop_
_pdbx_audit_support.funding_organization 
_pdbx_audit_support.country 
_pdbx_audit_support.grant_number 
_pdbx_audit_support.ordinal 
'National Science Foundation (NSF, United States)'                                         'United States' 1360635     1 
'National Institutes of Health/National Institute of General Medical Sciences (NIH/NIGMS)' 'United States' R01GM104960 2 
'National Science Foundation (NSF, United States)'                                         'United States' NSF2004250  3 
# 
_pdbx_initial_refinement_model.id               1 
_pdbx_initial_refinement_model.entity_id_list   ? 
_pdbx_initial_refinement_model.type             'experimental model' 
_pdbx_initial_refinement_model.source_name      PDB 
_pdbx_initial_refinement_model.accession_code   5VY6 
_pdbx_initial_refinement_model.details          ? 
# 
_pdbx_struct_assembly_auth_evidence.id                     1 
_pdbx_struct_assembly_auth_evidence.assembly_id            1 
_pdbx_struct_assembly_auth_evidence.experimental_support   none 
_pdbx_struct_assembly_auth_evidence.details                ? 
# 
